data_4YZW
#
_entry.id   4YZW
#
_cell.length_a   75.583
_cell.length_b   106.583
_cell.length_c   92.110
_cell.angle_alpha   90.00
_cell.angle_beta   105.79
_cell.angle_gamma   90.00
#
_symmetry.space_group_name_H-M   'P 1 21 1'
#
loop_
_entity.id
_entity.type
_entity.pdbx_description
1 polymer AGAP004976-PA
2 non-polymer 'COPPER (II) ION'
3 water water
#
_entity_poly.entity_id   1
_entity_poly.type   'polypeptide(L)'
_entity_poly.pdbx_seq_one_letter_code
;DYKDDDDKHMATLTQKFHGLLQHPLEPLFLPKNDGTLFYDLPERFLTSRYSPIGQNLANRFGPNSPASSQVSNDTGVPPT
VVTIKDLDELPDLTFATWIKRRDSFSLFNPEHRKAAGKLTKLFLDQPNADRLVDVAAYARDRLNAPLFQYALSVALLHRP
DTKSVSVPSLLHLFPDQFIDPAAQVRMMEEGSIVLDENRMPIPIPMNYTATDAEPEQRMAFFREDIGVNLHHWHWHLVYP
ASGPPDVVRKDRRGELFYYMHQQLLARYQIDRYAQGLGRIEPLANLREPVREAYYPKLLRTSNNRTFCPRYPGMTISDVA
RSADRLEVRIADIESWLPRVLEAIDAGFAVSDDGVRVPLDETRGIDVLGNILERSAISINRNLYGDVHNMGHVLLAFIHD
PRGTYLESSGVMGGVATAMRDPIFYRWHKFIDNIFLRNKARLAPYTMAELSNSNVTLEALETQLDRAGGAVNSFVTFWQR
SQVDLRAGIDFSAAGSAFVSFTHLQCAPFVYRLRINSTARSNRQDTVRIFLLPRQNEQGRPLSFEDRRLLAIELDSFRVN
LRPGMNNIVRQSSNSSVTIPFERTFGNVEQANAGNAQSRFCGCGWPAHMLLPKGNANGVEFDLFAMVSRFEDDNANVNYD
ENAGCDDSYAFCGLRDRVYPSRRAMGFPFDRRASNGVRSVADFVAPYKNMRLATVTLRFMNTIIDRPTNLEQKLISEEDL
;
_entity_poly.pdbx_strand_id   A,B
#
# COMPACT_ATOMS: atom_id res chain seq x y z
N MET A 10 12.97 40.46 6.29
CA MET A 10 11.98 39.43 6.59
C MET A 10 11.56 38.70 5.31
N ALA A 11 11.78 39.33 4.17
CA ALA A 11 11.49 38.71 2.88
C ALA A 11 12.57 37.70 2.52
N THR A 12 13.83 38.09 2.71
CA THR A 12 14.94 37.19 2.46
C THR A 12 14.99 36.14 3.56
N LEU A 13 14.37 36.45 4.69
CA LEU A 13 14.30 35.51 5.79
C LEU A 13 13.37 34.36 5.45
N THR A 14 12.36 34.63 4.64
CA THR A 14 11.44 33.61 4.14
C THR A 14 12.18 32.70 3.15
N GLN A 15 13.15 33.25 2.44
CA GLN A 15 13.94 32.48 1.50
C GLN A 15 14.76 31.42 2.20
N LYS A 16 15.40 31.80 3.29
CA LYS A 16 16.28 30.89 4.02
C LYS A 16 15.50 29.72 4.61
N PHE A 17 14.25 29.97 5.00
CA PHE A 17 13.43 28.90 5.55
C PHE A 17 12.74 28.10 4.43
N HIS A 18 12.45 28.76 3.31
CA HIS A 18 11.73 28.11 2.21
C HIS A 18 12.45 26.85 1.73
N GLY A 19 13.77 26.93 1.61
CA GLY A 19 14.56 25.79 1.18
C GLY A 19 14.46 24.63 2.15
N LEU A 20 14.30 24.96 3.43
CA LEU A 20 14.09 23.94 4.45
C LEU A 20 12.67 23.40 4.36
N LEU A 21 11.74 24.28 4.01
CA LEU A 21 10.32 23.95 3.97
C LEU A 21 9.87 23.49 2.58
N GLN A 22 10.58 22.51 2.05
CA GLN A 22 10.22 21.90 0.77
C GLN A 22 11.05 20.63 0.58
N HIS A 23 10.64 19.79 -0.37
CA HIS A 23 11.34 18.54 -0.68
C HIS A 23 11.96 17.88 0.56
N PRO A 24 11.12 17.42 1.49
CA PRO A 24 11.54 17.00 2.82
C PRO A 24 12.66 15.95 2.84
N LEU A 25 12.59 14.95 1.98
CA LEU A 25 13.59 13.88 2.00
C LEU A 25 14.74 14.16 1.04
N GLU A 26 14.69 15.29 0.35
CA GLU A 26 15.83 15.72 -0.45
C GLU A 26 16.73 16.56 0.44
N PRO A 27 17.94 16.04 0.74
CA PRO A 27 18.85 16.69 1.67
C PRO A 27 19.19 18.12 1.25
N LEU A 28 19.71 18.90 2.20
CA LEU A 28 19.88 20.33 2.02
C LEU A 28 20.98 20.70 1.02
N PHE A 29 21.87 19.77 0.73
CA PHE A 29 22.96 20.05 -0.22
C PHE A 29 22.48 19.98 -1.67
N LEU A 30 21.24 19.54 -1.86
CA LEU A 30 20.63 19.54 -3.19
C LEU A 30 19.95 20.88 -3.45
N PRO A 31 20.07 21.39 -4.68
CA PRO A 31 19.51 22.70 -5.03
C PRO A 31 18.01 22.79 -4.81
N LYS A 32 17.58 23.83 -4.10
CA LYS A 32 16.15 24.04 -3.83
C LYS A 32 15.54 25.00 -4.84
N ASN A 33 14.21 25.09 -4.80
CA ASN A 33 13.45 25.95 -5.73
C ASN A 33 13.87 25.74 -7.18
N ASP A 34 13.84 24.49 -7.62
CA ASP A 34 14.23 24.14 -8.99
C ASP A 34 15.61 24.68 -9.38
N GLY A 35 16.60 24.46 -8.53
CA GLY A 35 17.97 24.88 -8.83
C GLY A 35 18.17 26.37 -8.82
N THR A 36 17.40 27.08 -8.00
CA THR A 36 17.52 28.53 -7.88
C THR A 36 18.06 28.90 -6.49
N LEU A 37 17.65 28.16 -5.48
CA LEU A 37 18.07 28.40 -4.10
C LEU A 37 19.11 27.38 -3.66
N PHE A 38 20.25 27.84 -3.19
CA PHE A 38 21.33 26.96 -2.76
C PHE A 38 21.70 27.22 -1.30
N TYR A 39 22.35 26.24 -0.68
CA TYR A 39 22.78 26.36 0.71
C TYR A 39 24.25 26.02 0.88
N ASP A 40 25.02 26.96 1.43
CA ASP A 40 26.43 26.71 1.72
C ASP A 40 26.55 26.13 3.12
N LEU A 41 26.84 24.84 3.19
CA LEU A 41 26.84 24.11 4.45
C LEU A 41 28.24 23.81 4.97
N PRO A 42 28.44 23.95 6.28
CA PRO A 42 29.63 23.42 6.96
C PRO A 42 29.73 21.92 6.72
N GLU A 43 30.93 21.34 6.65
CA GLU A 43 31.07 19.92 6.27
C GLU A 43 30.37 18.95 7.20
N ARG A 44 30.27 19.28 8.49
CA ARG A 44 29.66 18.35 9.44
C ARG A 44 28.15 18.46 9.50
N PHE A 45 27.57 19.28 8.63
CA PHE A 45 26.13 19.36 8.50
C PHE A 45 25.62 18.20 7.65
N LEU A 46 26.48 17.71 6.75
CA LEU A 46 26.17 16.51 5.98
C LEU A 46 26.13 15.31 6.91
N THR A 47 25.19 14.40 6.64
CA THR A 47 25.03 13.23 7.48
C THR A 47 26.06 12.15 7.15
N SER A 48 26.16 11.16 8.04
CA SER A 48 27.17 10.10 7.98
C SER A 48 27.42 9.53 6.59
N ARG A 49 26.33 9.33 5.85
CA ARG A 49 26.41 8.71 4.54
C ARG A 49 27.10 9.60 3.51
N TYR A 50 26.73 10.88 3.49
CA TYR A 50 27.13 11.77 2.41
C TYR A 50 28.39 12.57 2.71
N SER A 51 28.80 12.61 3.98
CA SER A 51 30.00 13.33 4.39
C SER A 51 31.27 12.91 3.63
N PRO A 52 31.51 11.60 3.45
CA PRO A 52 32.72 11.24 2.71
C PRO A 52 32.74 11.74 1.26
N ILE A 53 31.57 11.97 0.67
CA ILE A 53 31.48 12.43 -0.72
C ILE A 53 31.03 13.88 -0.83
N GLY A 54 31.28 14.65 0.23
CA GLY A 54 30.91 16.06 0.28
C GLY A 54 31.40 16.87 -0.89
N GLN A 55 32.66 16.67 -1.29
CA GLN A 55 33.23 17.44 -2.39
C GLN A 55 32.57 17.11 -3.73
N ASN A 56 32.36 15.83 -4.00
CA ASN A 56 31.68 15.41 -5.22
C ASN A 56 30.26 15.97 -5.27
N LEU A 57 29.62 16.05 -4.12
CA LEU A 57 28.26 16.55 -4.05
C LEU A 57 28.21 18.05 -4.33
N ALA A 58 29.24 18.78 -3.90
CA ALA A 58 29.34 20.20 -4.19
C ALA A 58 29.58 20.45 -5.68
N ASN A 59 30.44 19.63 -6.29
CA ASN A 59 30.73 19.76 -7.71
C ASN A 59 29.51 19.57 -8.60
N ARG A 60 28.68 18.59 -8.24
CA ARG A 60 27.51 18.26 -9.04
C ARG A 60 26.25 19.05 -8.68
N PHE A 61 26.12 19.48 -7.43
CA PHE A 61 24.88 20.12 -6.98
C PHE A 61 25.10 21.51 -6.36
N GLY A 62 26.22 22.13 -6.68
CA GLY A 62 26.51 23.45 -6.13
C GLY A 62 25.91 24.55 -6.97
N PRO A 63 26.03 25.80 -6.50
CA PRO A 63 25.51 26.96 -7.25
C PRO A 63 26.21 27.15 -8.60
N ASN A 64 27.43 26.65 -8.74
CA ASN A 64 28.16 26.81 -9.98
C ASN A 64 28.15 25.54 -10.83
N SER A 65 27.35 24.57 -10.42
CA SER A 65 27.21 23.30 -11.15
C SER A 65 26.56 23.58 -12.49
N PRO A 66 26.59 22.58 -13.39
CA PRO A 66 25.92 22.79 -14.68
C PRO A 66 24.40 22.97 -14.52
N ALA A 67 23.89 22.69 -13.33
CA ALA A 67 22.52 23.05 -12.96
C ALA A 67 22.46 24.51 -12.50
N THR A 75 16.17 30.89 -16.42
CA THR A 75 15.38 31.88 -15.71
C THR A 75 15.85 33.30 -16.03
N GLY A 76 17.16 33.50 -16.04
CA GLY A 76 17.72 34.81 -16.31
C GLY A 76 18.32 35.47 -15.08
N VAL A 77 18.13 34.85 -13.93
CA VAL A 77 18.66 35.40 -12.68
C VAL A 77 19.72 34.49 -12.05
N PRO A 78 20.86 35.09 -11.66
CA PRO A 78 21.89 34.49 -10.82
C PRO A 78 21.31 33.88 -9.56
N PRO A 79 21.79 32.68 -9.16
CA PRO A 79 21.10 31.95 -8.11
C PRO A 79 21.30 32.61 -6.76
N THR A 80 20.51 32.20 -5.77
CA THR A 80 20.64 32.70 -4.41
C THR A 80 21.33 31.66 -3.54
N VAL A 81 22.37 32.09 -2.83
CA VAL A 81 23.12 31.20 -1.97
C VAL A 81 22.91 31.59 -0.52
N VAL A 82 22.49 30.64 0.31
CA VAL A 82 22.31 30.89 1.72
C VAL A 82 23.48 30.31 2.49
N THR A 83 24.21 31.15 3.21
CA THR A 83 25.39 30.70 3.95
C THR A 83 24.96 30.29 5.34
N ILE A 84 25.26 29.04 5.69
CA ILE A 84 24.92 28.53 7.01
C ILE A 84 26.15 28.59 7.91
N LYS A 85 26.02 29.25 9.05
CA LYS A 85 27.09 29.32 10.03
C LYS A 85 27.12 28.03 10.85
N ASP A 86 28.32 27.55 11.15
CA ASP A 86 28.48 26.36 11.98
C ASP A 86 27.93 26.67 13.37
N LEU A 87 27.52 25.62 14.09
CA LEU A 87 26.94 25.80 15.41
C LEU A 87 28.03 25.85 16.47
N ASP A 88 27.77 26.60 17.54
CA ASP A 88 28.72 26.74 18.62
C ASP A 88 28.89 25.39 19.31
N GLU A 89 27.78 24.66 19.40
CA GLU A 89 27.82 23.27 19.81
C GLU A 89 26.65 22.53 19.20
N LEU A 90 26.87 21.28 18.83
CA LEU A 90 25.82 20.47 18.21
C LEU A 90 24.74 20.16 19.22
N PRO A 91 23.48 20.34 18.82
CA PRO A 91 22.34 20.09 19.71
C PRO A 91 22.04 18.61 19.84
N ASP A 92 21.56 18.21 21.01
CA ASP A 92 21.15 16.83 21.24
C ASP A 92 19.80 16.58 20.57
N LEU A 93 19.78 15.72 19.57
CA LEU A 93 18.52 15.41 18.89
C LEU A 93 18.08 13.99 19.18
N THR A 94 18.64 13.35 20.15
CA THR A 94 18.40 11.99 20.50
C THR A 94 16.96 11.74 20.94
N PHE A 95 16.30 12.79 21.38
CA PHE A 95 14.92 12.67 21.82
C PHE A 95 13.99 12.30 20.68
N ALA A 96 14.39 12.63 19.44
CA ALA A 96 13.53 12.39 18.29
C ALA A 96 14.11 11.38 17.30
N THR A 97 15.34 10.99 17.51
CA THR A 97 16.00 10.13 16.56
C THR A 97 15.54 8.70 16.59
N TRP A 98 14.86 8.31 17.64
CA TRP A 98 14.25 6.99 17.70
C TRP A 98 13.13 6.87 16.67
N ILE A 99 12.70 8.01 16.15
CA ILE A 99 11.79 8.05 15.02
C ILE A 99 12.64 8.24 13.77
N LYS A 100 12.84 7.16 13.02
CA LYS A 100 13.77 7.16 11.88
C LYS A 100 13.33 8.15 10.80
N ARG A 101 14.31 8.63 10.04
CA ARG A 101 14.11 9.67 9.03
C ARG A 101 12.94 9.38 8.09
N ARG A 102 12.73 8.12 7.78
CA ARG A 102 11.69 7.72 6.83
C ARG A 102 10.50 7.04 7.49
N ASP A 103 10.50 6.99 8.83
CA ASP A 103 9.42 6.34 9.55
C ASP A 103 8.08 7.06 9.41
N SER A 104 7.01 6.37 9.75
CA SER A 104 5.68 6.96 9.79
C SER A 104 5.54 7.84 11.02
N PHE A 105 4.75 8.91 10.90
CA PHE A 105 4.58 9.86 12.00
C PHE A 105 3.11 10.11 12.32
N SER A 106 2.75 10.03 13.60
CA SER A 106 1.36 10.23 13.99
C SER A 106 1.24 11.20 15.18
N LEU A 107 0.53 12.30 14.97
CA LEU A 107 0.34 13.28 16.03
C LEU A 107 -0.67 12.82 17.09
N PHE A 108 -1.24 11.63 16.91
CA PHE A 108 -2.12 11.08 17.95
C PHE A 108 -1.33 10.17 18.87
N ASN A 109 -0.05 9.99 18.56
CA ASN A 109 0.88 9.26 19.39
C ASN A 109 1.51 10.23 20.39
N PRO A 110 1.17 10.10 21.67
CA PRO A 110 1.67 11.00 22.72
C PRO A 110 3.18 11.14 22.69
N GLU A 111 3.87 10.04 22.40
CA GLU A 111 5.32 10.03 22.33
C GLU A 111 5.85 10.82 21.12
N HIS A 112 5.08 10.82 20.04
CA HIS A 112 5.45 11.60 18.85
C HIS A 112 5.17 13.08 19.09
N ARG A 113 4.07 13.39 19.75
CA ARG A 113 3.78 14.76 20.12
C ARG A 113 4.87 15.29 21.04
N LYS A 114 5.32 14.44 21.96
CA LYS A 114 6.38 14.78 22.90
C LYS A 114 7.67 15.12 22.15
N ALA A 115 7.99 14.32 21.14
CA ALA A 115 9.17 14.56 20.32
C ALA A 115 9.02 15.87 19.53
N ALA A 116 7.81 16.14 19.06
CA ALA A 116 7.54 17.37 18.32
C ALA A 116 7.71 18.59 19.20
N GLY A 117 7.19 18.50 20.42
CA GLY A 117 7.26 19.60 21.37
C GLY A 117 8.68 20.02 21.66
N LYS A 118 9.55 19.05 21.91
CA LYS A 118 10.94 19.32 22.28
C LYS A 118 11.72 19.95 21.12
N LEU A 119 11.44 19.51 19.90
CA LEU A 119 12.10 20.08 18.73
C LEU A 119 11.63 21.51 18.52
N THR A 120 10.34 21.74 18.73
CA THR A 120 9.78 23.09 18.64
C THR A 120 10.43 23.99 19.70
N LYS A 121 10.56 23.46 20.91
CA LYS A 121 11.18 24.19 22.01
C LYS A 121 12.62 24.59 21.66
N LEU A 122 13.36 23.66 21.06
CA LEU A 122 14.73 23.94 20.66
C LEU A 122 14.76 25.06 19.64
N PHE A 123 13.72 25.13 18.82
CA PHE A 123 13.61 26.14 17.78
C PHE A 123 13.21 27.49 18.36
N LEU A 124 12.30 27.46 19.34
CA LEU A 124 11.87 28.68 20.02
C LEU A 124 12.99 29.24 20.90
N ASP A 125 13.88 28.37 21.35
CA ASP A 125 14.92 28.75 22.29
C ASP A 125 16.11 29.43 21.63
N GLN A 126 16.08 29.54 20.31
CA GLN A 126 17.16 30.18 19.59
C GLN A 126 17.17 31.69 19.82
N PRO A 127 18.36 32.25 20.01
CA PRO A 127 18.55 33.68 20.31
C PRO A 127 17.93 34.60 19.27
N ASN A 128 18.08 34.26 18.00
CA ASN A 128 17.55 35.09 16.93
C ASN A 128 17.08 34.25 15.75
N ALA A 129 16.50 34.90 14.75
CA ALA A 129 15.94 34.21 13.59
C ALA A 129 17.00 33.55 12.72
N ASP A 130 18.09 34.25 12.49
CA ASP A 130 19.20 33.73 11.71
C ASP A 130 19.86 32.53 12.34
N ARG A 131 19.96 32.51 13.66
CA ARG A 131 20.53 31.38 14.37
C ARG A 131 19.58 30.18 14.35
N LEU A 132 18.30 30.46 14.16
CA LEU A 132 17.30 29.41 14.02
C LEU A 132 17.53 28.66 12.71
N VAL A 133 17.83 29.41 11.66
CA VAL A 133 18.11 28.84 10.34
C VAL A 133 19.25 27.84 10.43
N ASP A 134 20.31 28.22 11.15
CA ASP A 134 21.46 27.35 11.34
C ASP A 134 21.07 26.02 11.99
N VAL A 135 20.39 26.10 13.13
CA VAL A 135 20.00 24.91 13.87
C VAL A 135 18.99 24.07 13.08
N ALA A 136 18.08 24.73 12.37
CA ALA A 136 17.11 24.03 11.54
C ALA A 136 17.78 23.32 10.37
N ALA A 137 18.79 23.96 9.80
CA ALA A 137 19.54 23.38 8.70
C ALA A 137 20.30 22.14 9.15
N TYR A 138 20.78 22.16 10.39
CA TYR A 138 21.50 21.02 10.93
C TYR A 138 20.58 19.84 11.20
N ALA A 139 19.42 20.13 11.78
CA ALA A 139 18.50 19.08 12.21
C ALA A 139 17.76 18.45 11.04
N ARG A 140 17.56 19.22 9.98
CA ARG A 140 16.72 18.83 8.84
C ARG A 140 17.02 17.45 8.28
N ASP A 141 18.27 17.22 7.85
CA ASP A 141 18.64 15.98 7.18
C ASP A 141 18.89 14.84 8.16
N ARG A 142 18.77 15.11 9.45
CA ARG A 142 19.00 14.10 10.47
C ARG A 142 17.70 13.64 11.13
N LEU A 143 16.57 14.12 10.64
CA LEU A 143 15.32 14.01 11.39
C LEU A 143 14.15 13.53 10.55
N ASN A 144 13.21 12.87 11.21
CA ASN A 144 11.95 12.45 10.59
C ASN A 144 11.27 13.62 9.89
N ALA A 145 11.01 13.47 8.59
CA ALA A 145 10.54 14.59 7.77
C ALA A 145 9.21 15.21 8.23
N PRO A 146 8.15 14.39 8.46
CA PRO A 146 6.92 15.02 8.97
C PRO A 146 7.13 15.75 10.30
N LEU A 147 7.91 15.13 11.18
CA LEU A 147 8.24 15.68 12.48
C LEU A 147 8.96 17.04 12.37
N PHE A 148 9.98 17.09 11.53
CA PHE A 148 10.76 18.31 11.35
C PHE A 148 9.93 19.43 10.76
N GLN A 149 9.21 19.14 9.67
CA GLN A 149 8.41 20.16 8.99
C GLN A 149 7.35 20.77 9.90
N TYR A 150 6.77 19.95 10.76
CA TYR A 150 5.73 20.38 11.68
C TYR A 150 6.29 21.32 12.74
N ALA A 151 7.33 20.86 13.43
CA ALA A 151 7.96 21.64 14.49
C ALA A 151 8.41 22.99 13.97
N LEU A 152 9.18 22.98 12.87
CA LEU A 152 9.65 24.22 12.25
C LEU A 152 8.50 25.15 11.88
N SER A 153 7.41 24.56 11.38
CA SER A 153 6.23 25.34 11.04
C SER A 153 5.66 26.07 12.25
N VAL A 154 5.47 25.32 13.33
CA VAL A 154 4.91 25.87 14.57
C VAL A 154 5.79 26.96 15.15
N ALA A 155 7.09 26.70 15.21
CA ALA A 155 8.05 27.65 15.76
C ALA A 155 8.09 28.94 14.95
N LEU A 156 7.99 28.83 13.63
CA LEU A 156 8.02 30.01 12.78
C LEU A 156 6.76 30.83 12.96
N LEU A 157 5.71 30.20 13.48
CA LEU A 157 4.44 30.88 13.65
C LEU A 157 4.35 31.62 14.98
N HIS A 158 5.25 31.30 15.91
CA HIS A 158 5.18 31.86 17.25
C HIS A 158 6.36 32.75 17.62
N ARG A 159 7.49 32.57 16.95
CA ARG A 159 8.63 33.47 17.15
C ARG A 159 8.28 34.87 16.65
N PRO A 160 8.45 35.87 17.53
CA PRO A 160 8.17 37.26 17.16
C PRO A 160 9.02 37.76 16.01
N ASP A 161 10.27 37.30 15.94
CA ASP A 161 11.19 37.77 14.91
C ASP A 161 11.03 37.03 13.58
N THR A 162 10.02 36.16 13.51
CA THR A 162 9.66 35.49 12.27
C THR A 162 8.17 35.61 11.99
N LYS A 163 7.56 36.66 12.53
CA LYS A 163 6.10 36.77 12.56
C LYS A 163 5.48 36.91 11.17
N SER A 164 6.23 37.41 10.21
CA SER A 164 5.73 37.50 8.84
C SER A 164 6.58 36.68 7.87
N VAL A 165 6.97 35.49 8.31
CA VAL A 165 7.69 34.55 7.46
C VAL A 165 6.71 33.55 6.86
N SER A 166 6.62 33.55 5.53
CA SER A 166 5.70 32.65 4.84
C SER A 166 6.16 31.20 4.90
N VAL A 167 5.24 30.34 5.32
CA VAL A 167 5.49 28.91 5.43
C VAL A 167 4.55 28.14 4.53
N PRO A 168 5.10 27.27 3.67
CA PRO A 168 4.28 26.45 2.75
C PRO A 168 3.30 25.54 3.49
N SER A 169 2.12 25.32 2.90
CA SER A 169 1.13 24.40 3.45
C SER A 169 1.60 22.97 3.30
N LEU A 170 0.97 22.06 4.02
CA LEU A 170 1.32 20.65 3.99
C LEU A 170 1.11 20.04 2.60
N LEU A 171 0.24 20.65 1.81
CA LEU A 171 -0.03 20.20 0.44
C LEU A 171 1.24 20.27 -0.41
N HIS A 172 2.13 21.19 -0.06
CA HIS A 172 3.36 21.38 -0.82
C HIS A 172 4.56 20.84 -0.05
N LEU A 173 4.27 20.00 0.94
CA LEU A 173 5.32 19.32 1.71
C LEU A 173 5.13 17.80 1.59
N PHE A 174 3.91 17.33 1.83
CA PHE A 174 3.60 15.91 1.74
C PHE A 174 2.31 15.66 0.96
N PRO A 175 2.36 15.82 -0.37
CA PRO A 175 1.19 15.64 -1.23
C PRO A 175 0.62 14.22 -1.15
N ASP A 176 1.44 13.28 -0.69
CA ASP A 176 1.04 11.88 -0.58
C ASP A 176 0.00 11.66 0.53
N GLN A 177 -0.37 12.73 1.21
CA GLN A 177 -1.42 12.66 2.23
C GLN A 177 -2.73 13.24 1.71
N PHE A 178 -2.76 13.57 0.43
CA PHE A 178 -3.92 14.21 -0.17
C PHE A 178 -4.27 13.62 -1.52
N ILE A 179 -3.30 12.96 -2.14
CA ILE A 179 -3.43 12.54 -3.52
C ILE A 179 -3.37 11.02 -3.71
N ASP A 180 -4.28 10.49 -4.51
CA ASP A 180 -4.23 9.08 -4.93
C ASP A 180 -2.86 8.78 -5.53
N PRO A 181 -2.12 7.86 -4.90
CA PRO A 181 -0.76 7.52 -5.36
C PRO A 181 -0.75 7.00 -6.80
N ALA A 182 -1.88 6.44 -7.25
CA ALA A 182 -2.03 6.02 -8.63
C ALA A 182 -1.84 7.19 -9.60
N ALA A 183 -2.39 8.34 -9.23
CA ALA A 183 -2.23 9.56 -10.01
C ALA A 183 -0.81 10.10 -9.93
N GLN A 184 -0.23 10.05 -8.73
CA GLN A 184 1.09 10.59 -8.50
C GLN A 184 2.15 9.83 -9.28
N VAL A 185 1.98 8.52 -9.40
CA VAL A 185 2.97 7.70 -10.10
C VAL A 185 2.87 7.88 -11.61
N ARG A 186 1.70 8.15 -12.12
CA ARG A 186 1.48 8.54 -13.48
C ARG A 186 2.15 9.82 -13.81
N MET A 187 2.15 10.72 -12.85
CA MET A 187 2.78 12.03 -12.98
C MET A 187 4.29 11.89 -13.12
N MET A 188 4.83 10.84 -12.52
CA MET A 188 6.26 10.56 -12.59
C MET A 188 6.70 10.28 -14.03
N GLU A 189 5.82 9.67 -14.82
CA GLU A 189 6.11 9.40 -16.23
C GLU A 189 6.05 10.69 -17.05
N GLU A 190 5.03 11.49 -16.79
CA GLU A 190 4.80 12.73 -17.51
C GLU A 190 5.96 13.71 -17.35
N GLY A 191 6.51 13.78 -16.15
CA GLY A 191 7.61 14.69 -15.88
C GLY A 191 8.91 14.23 -16.51
N SER A 192 9.19 12.94 -16.41
CA SER A 192 10.44 12.38 -16.91
C SER A 192 10.58 12.50 -18.42
N ILE A 193 9.46 12.36 -19.13
CA ILE A 193 9.48 12.29 -20.58
C ILE A 193 9.19 13.64 -21.24
N VAL A 194 8.15 14.32 -20.78
CA VAL A 194 7.69 15.54 -21.45
C VAL A 194 8.31 16.80 -20.85
N LEU A 195 8.77 17.69 -21.74
CA LEU A 195 9.27 18.99 -21.30
C LEU A 195 8.19 19.74 -20.56
N ASP A 196 8.59 20.55 -19.58
CA ASP A 196 7.66 21.29 -18.75
C ASP A 196 6.70 22.18 -19.55
N GLU A 197 7.20 22.72 -20.66
CA GLU A 197 6.39 23.56 -21.54
C GLU A 197 5.22 22.82 -22.18
N ASN A 198 5.31 21.51 -22.26
CA ASN A 198 4.30 20.72 -22.97
C ASN A 198 3.48 19.82 -22.04
N ARG A 199 3.73 19.93 -20.74
CA ARG A 199 3.14 18.99 -19.80
C ARG A 199 1.65 19.20 -19.63
N MET A 200 1.00 18.06 -19.19
CA MET A 200 -0.45 18.03 -19.01
C MET A 200 -0.77 17.63 -17.58
N PRO A 201 -1.79 18.32 -16.96
CA PRO A 201 -2.24 17.91 -15.62
C PRO A 201 -2.72 16.47 -15.59
N ILE A 202 -2.30 15.71 -14.59
CA ILE A 202 -2.80 14.36 -14.40
C ILE A 202 -4.09 14.43 -13.60
N PRO A 203 -5.21 14.01 -14.21
CA PRO A 203 -6.53 14.15 -13.58
C PRO A 203 -6.77 13.16 -12.45
N ILE A 204 -7.28 13.65 -11.32
CA ILE A 204 -7.66 12.77 -10.23
C ILE A 204 -9.17 12.58 -10.21
N PRO A 205 -9.62 11.32 -10.21
CA PRO A 205 -11.07 11.08 -10.16
C PRO A 205 -11.64 11.24 -8.75
N MET A 206 -12.95 11.43 -8.66
CA MET A 206 -13.60 11.53 -7.36
C MET A 206 -13.92 10.13 -6.82
N ASN A 207 -14.39 9.28 -7.69
CA ASN A 207 -14.61 7.94 -7.25
C ASN A 207 -13.27 7.26 -7.36
N TYR A 208 -12.67 6.90 -6.26
CA TYR A 208 -11.35 6.29 -6.26
C TYR A 208 -11.15 5.42 -5.02
N THR A 209 -11.88 5.69 -3.95
CA THR A 209 -11.77 4.88 -2.74
C THR A 209 -12.90 3.84 -2.67
N ALA A 210 -14.00 4.11 -3.37
CA ALA A 210 -15.12 3.17 -3.41
C ALA A 210 -16.05 3.47 -4.56
N THR A 211 -16.91 2.51 -4.87
CA THR A 211 -17.91 2.69 -5.92
C THR A 211 -19.23 3.07 -5.29
N ASP A 212 -20.22 3.40 -6.12
CA ASP A 212 -21.54 3.77 -5.63
C ASP A 212 -22.25 2.63 -4.90
N ALA A 213 -21.69 1.43 -4.96
CA ALA A 213 -22.23 0.29 -4.22
C ALA A 213 -22.08 0.52 -2.72
N GLU A 214 -21.13 1.38 -2.36
CA GLU A 214 -20.96 1.81 -0.97
C GLU A 214 -21.72 3.12 -0.76
N PRO A 215 -22.78 3.09 0.06
CA PRO A 215 -23.58 4.29 0.33
C PRO A 215 -22.73 5.45 0.85
N GLU A 216 -21.73 5.13 1.65
CA GLU A 216 -20.87 6.14 2.24
C GLU A 216 -20.06 6.92 1.20
N GLN A 217 -19.91 6.34 0.01
CA GLN A 217 -19.23 7.01 -1.10
C GLN A 217 -19.92 8.32 -1.47
N ARG A 218 -21.21 8.42 -1.17
CA ARG A 218 -21.97 9.64 -1.43
C ARG A 218 -21.42 10.85 -0.70
N MET A 219 -20.67 10.60 0.37
CA MET A 219 -20.09 11.67 1.17
C MET A 219 -18.61 11.89 0.87
N ALA A 220 -18.12 11.27 -0.19
CA ALA A 220 -16.71 11.36 -0.54
C ALA A 220 -16.31 12.79 -0.94
N PHE A 221 -17.26 13.54 -1.46
CA PHE A 221 -17.03 14.93 -1.85
C PHE A 221 -16.66 15.77 -0.63
N PHE A 222 -17.13 15.33 0.53
CA PHE A 222 -16.87 16.00 1.79
C PHE A 222 -15.60 15.45 2.41
N ARG A 223 -15.65 14.16 2.75
CA ARG A 223 -14.58 13.52 3.51
C ARG A 223 -13.21 13.62 2.86
N GLU A 224 -13.17 13.44 1.54
CA GLU A 224 -11.90 13.34 0.84
C GLU A 224 -11.52 14.61 0.11
N ASP A 225 -12.22 15.71 0.41
CA ASP A 225 -11.89 17.00 -0.19
C ASP A 225 -10.55 17.51 0.32
N ILE A 226 -9.69 17.92 -0.60
CA ILE A 226 -8.34 18.34 -0.25
C ILE A 226 -8.38 19.60 0.61
N GLY A 227 -9.23 20.54 0.24
CA GLY A 227 -9.38 21.77 1.01
C GLY A 227 -9.86 21.52 2.42
N VAL A 228 -10.86 20.65 2.57
CA VAL A 228 -11.44 20.35 3.87
C VAL A 228 -10.43 19.73 4.82
N ASN A 229 -9.61 18.81 4.29
CA ASN A 229 -8.58 18.15 5.09
C ASN A 229 -7.44 19.08 5.48
N LEU A 230 -7.09 20.00 4.58
CA LEU A 230 -6.08 21.01 4.85
C LEU A 230 -6.53 21.92 6.00
N HIS A 231 -7.83 22.19 6.07
CA HIS A 231 -8.38 23.00 7.15
C HIS A 231 -8.22 22.30 8.49
N HIS A 232 -8.57 21.02 8.52
CA HIS A 232 -8.47 20.23 9.73
C HIS A 232 -7.04 20.21 10.25
N TRP A 233 -6.09 20.02 9.34
CA TRP A 233 -4.69 19.98 9.71
C TRP A 233 -4.19 21.32 10.23
N HIS A 234 -4.54 22.40 9.53
CA HIS A 234 -4.08 23.73 9.91
C HIS A 234 -4.69 24.20 11.22
N TRP A 235 -5.94 23.82 11.46
CA TRP A 235 -6.59 24.16 12.73
C TRP A 235 -5.81 23.56 13.89
N HIS A 236 -5.45 22.28 13.77
CA HIS A 236 -4.73 21.58 14.83
C HIS A 236 -3.29 22.03 14.91
N LEU A 237 -2.76 22.58 13.82
CA LEU A 237 -1.43 23.16 13.84
C LEU A 237 -1.45 24.46 14.65
N VAL A 238 -2.46 25.30 14.37
CA VAL A 238 -2.63 26.54 15.10
C VAL A 238 -3.03 26.29 16.55
N TYR A 239 -3.86 25.28 16.78
CA TYR A 239 -4.30 24.94 18.14
C TYR A 239 -3.94 23.52 18.54
N PRO A 240 -2.64 23.26 18.77
CA PRO A 240 -2.18 21.90 19.09
C PRO A 240 -2.58 21.46 20.49
N ALA A 241 -2.48 20.16 20.74
CA ALA A 241 -2.79 19.58 22.04
C ALA A 241 -1.53 19.48 22.89
N SER A 242 -0.37 19.69 22.26
CA SER A 242 0.91 19.60 22.95
C SER A 242 1.88 20.64 22.41
N GLY A 243 3.06 20.68 23.03
CA GLY A 243 4.08 21.64 22.68
C GLY A 243 4.35 22.60 23.81
N PRO A 244 5.26 23.56 23.59
CA PRO A 244 5.56 24.62 24.56
C PRO A 244 4.30 25.36 25.01
N PRO A 245 4.29 25.87 26.25
CA PRO A 245 3.10 26.48 26.85
C PRO A 245 2.52 27.65 26.04
N ASP A 246 3.37 28.52 25.54
CA ASP A 246 2.90 29.68 24.78
C ASP A 246 2.30 29.27 23.45
N VAL A 247 2.64 28.06 22.98
CA VAL A 247 2.16 27.55 21.71
C VAL A 247 0.78 26.91 21.88
N VAL A 248 0.53 26.36 23.05
CA VAL A 248 -0.74 25.69 23.34
C VAL A 248 -1.81 26.64 23.89
N ARG A 249 -1.44 27.39 24.93
CA ARG A 249 -2.38 28.29 25.61
C ARG A 249 -2.84 29.42 24.70
N LYS A 250 -4.00 29.24 24.08
CA LYS A 250 -4.60 30.27 23.24
C LYS A 250 -6.04 30.49 23.66
N ASP A 251 -6.58 31.65 23.30
CA ASP A 251 -7.91 32.07 23.75
C ASP A 251 -9.02 31.08 23.38
N ARG A 252 -9.58 30.44 24.40
CA ARG A 252 -10.76 29.58 24.27
C ARG A 252 -10.55 28.47 23.24
N ARG A 253 -9.34 27.94 23.17
CA ARG A 253 -9.03 26.85 22.26
C ARG A 253 -9.85 25.60 22.57
N GLY A 254 -10.14 25.38 23.85
CA GLY A 254 -10.95 24.24 24.28
C GLY A 254 -12.34 24.30 23.69
N GLU A 255 -12.96 25.48 23.78
CA GLU A 255 -14.30 25.70 23.24
C GLU A 255 -14.27 25.63 21.72
N LEU A 256 -13.22 26.19 21.14
CA LEU A 256 -13.06 26.21 19.69
C LEU A 256 -12.89 24.80 19.15
N PHE A 257 -12.27 23.94 19.96
CA PHE A 257 -12.13 22.53 19.62
C PHE A 257 -13.50 21.90 19.44
N TYR A 258 -14.37 22.13 20.41
CA TYR A 258 -15.74 21.63 20.35
C TYR A 258 -16.50 22.25 19.17
N TYR A 259 -16.44 23.57 19.04
CA TYR A 259 -17.28 24.27 18.08
C TYR A 259 -16.91 23.93 16.64
N MET A 260 -15.63 23.96 16.34
CA MET A 260 -15.15 23.65 15.00
C MET A 260 -15.61 22.25 14.57
N HIS A 261 -15.45 21.26 15.45
CA HIS A 261 -15.90 19.90 15.15
C HIS A 261 -17.42 19.74 15.18
N GLN A 262 -18.09 20.48 16.07
CA GLN A 262 -19.55 20.44 16.14
C GLN A 262 -20.11 20.92 14.80
N GLN A 263 -19.48 21.92 14.21
CA GLN A 263 -19.91 22.48 12.93
C GLN A 263 -19.55 21.55 11.78
N LEU A 264 -18.41 20.87 11.88
CA LEU A 264 -18.05 19.86 10.89
C LEU A 264 -19.13 18.80 10.81
N LEU A 265 -19.51 18.28 11.97
CA LEU A 265 -20.53 17.23 12.06
C LEU A 265 -21.87 17.70 11.53
N ALA A 266 -22.25 18.93 11.89
CA ALA A 266 -23.51 19.50 11.47
C ALA A 266 -23.60 19.60 9.96
N ARG A 267 -22.55 20.15 9.33
CA ARG A 267 -22.50 20.28 7.89
C ARG A 267 -22.52 18.90 7.23
N TYR A 268 -21.74 17.98 7.79
CA TYR A 268 -21.67 16.60 7.32
C TYR A 268 -23.04 15.93 7.37
N GLN A 269 -23.73 16.11 8.51
CA GLN A 269 -25.05 15.53 8.69
C GLN A 269 -26.08 16.08 7.70
N ILE A 270 -26.05 17.39 7.50
CA ILE A 270 -26.98 18.04 6.58
C ILE A 270 -26.92 17.43 5.18
N ASP A 271 -25.71 17.12 4.72
CA ASP A 271 -25.54 16.56 3.39
C ASP A 271 -25.86 15.06 3.32
N ARG A 272 -25.76 14.36 4.45
CA ARG A 272 -26.19 12.96 4.48
C ARG A 272 -27.67 12.87 4.19
N TYR A 273 -28.44 13.70 4.89
CA TYR A 273 -29.87 13.84 4.63
C TYR A 273 -30.12 14.14 3.15
N ALA A 274 -29.28 14.99 2.58
CA ALA A 274 -29.43 15.38 1.18
C ALA A 274 -29.04 14.25 0.23
N GLN A 275 -28.23 13.30 0.70
CA GLN A 275 -27.81 12.19 -0.14
C GLN A 275 -28.51 10.88 0.21
N GLY A 276 -29.58 10.96 0.99
CA GLY A 276 -30.36 9.78 1.33
C GLY A 276 -29.77 8.94 2.46
N LEU A 277 -28.74 9.45 3.10
CA LEU A 277 -28.11 8.77 4.24
C LEU A 277 -28.73 9.24 5.56
N GLY A 278 -28.75 8.35 6.55
CA GLY A 278 -29.39 8.63 7.83
C GLY A 278 -28.54 9.47 8.77
N ARG A 279 -29.00 9.62 10.01
CA ARG A 279 -28.24 10.41 10.96
C ARG A 279 -27.03 9.64 11.48
N ILE A 280 -25.99 10.40 11.84
CA ILE A 280 -24.73 9.83 12.29
C ILE A 280 -24.92 8.95 13.52
N GLU A 281 -24.49 7.70 13.41
CA GLU A 281 -24.51 6.77 14.52
C GLU A 281 -23.25 6.95 15.36
N PRO A 282 -23.41 7.41 16.60
CA PRO A 282 -22.27 7.62 17.51
C PRO A 282 -21.49 6.34 17.75
N LEU A 283 -20.16 6.43 17.76
CA LEU A 283 -19.34 5.28 18.10
C LEU A 283 -19.24 5.19 19.62
N ALA A 284 -20.29 4.66 20.24
CA ALA A 284 -20.37 4.61 21.69
C ALA A 284 -19.87 3.28 22.24
N ASN A 285 -20.08 2.21 21.49
CA ASN A 285 -19.68 0.87 21.90
C ASN A 285 -18.38 0.46 21.23
N LEU A 286 -17.27 0.59 21.95
CA LEU A 286 -15.96 0.35 21.37
C LEU A 286 -15.64 -1.14 21.22
N ARG A 287 -16.48 -1.99 21.78
CA ARG A 287 -16.21 -3.44 21.74
C ARG A 287 -17.09 -4.19 20.75
N GLU A 288 -18.14 -3.55 20.26
CA GLU A 288 -18.93 -4.13 19.19
C GLU A 288 -18.21 -3.92 17.86
N PRO A 289 -18.46 -4.77 16.87
CA PRO A 289 -17.77 -4.63 15.59
C PRO A 289 -18.07 -3.31 14.88
N VAL A 290 -17.06 -2.72 14.26
CA VAL A 290 -17.22 -1.47 13.52
C VAL A 290 -17.74 -1.76 12.12
N ARG A 291 -18.98 -1.35 11.86
CA ARG A 291 -19.65 -1.68 10.60
C ARG A 291 -19.00 -1.00 9.40
N GLU A 292 -18.81 0.31 9.47
CA GLU A 292 -18.28 1.06 8.34
C GLU A 292 -16.86 0.63 7.99
N ALA A 293 -16.62 0.38 6.72
CA ALA A 293 -15.27 0.12 6.21
C ALA A 293 -14.73 1.35 5.50
N TYR A 294 -13.42 1.38 5.27
CA TYR A 294 -12.82 2.44 4.46
C TYR A 294 -11.46 2.04 3.92
N TYR A 295 -11.29 2.24 2.62
CA TYR A 295 -10.05 1.89 1.92
C TYR A 295 -9.43 3.16 1.36
N PRO A 296 -8.48 3.75 2.10
CA PRO A 296 -7.89 5.08 1.87
C PRO A 296 -7.14 5.21 0.55
N LYS A 297 -6.49 4.13 0.12
CA LYS A 297 -5.63 4.10 -1.06
C LYS A 297 -4.35 4.94 -0.88
N LEU A 298 -4.39 5.88 0.05
CA LEU A 298 -3.26 6.76 0.34
C LEU A 298 -2.00 6.01 0.74
N LEU A 299 -0.86 6.58 0.37
CA LEU A 299 0.43 5.91 0.51
C LEU A 299 1.52 6.87 0.97
N ARG A 300 2.29 6.47 1.97
CA ARG A 300 3.42 7.28 2.44
C ARG A 300 4.61 7.08 1.51
N THR A 301 4.95 8.10 0.73
CA THR A 301 6.07 8.03 -0.21
C THR A 301 7.39 7.68 0.49
N SER A 302 7.52 8.07 1.74
CA SER A 302 8.76 7.89 2.49
C SER A 302 9.13 6.42 2.70
N ASN A 303 8.18 5.60 3.14
CA ASN A 303 8.45 4.18 3.40
C ASN A 303 7.57 3.23 2.60
N ASN A 304 6.70 3.77 1.76
CA ASN A 304 5.70 2.99 1.03
C ASN A 304 4.85 2.12 1.96
N ARG A 305 4.60 2.63 3.17
CA ARG A 305 3.66 2.00 4.08
C ARG A 305 2.33 2.69 3.94
N THR A 306 1.31 1.93 3.55
CA THR A 306 0.00 2.51 3.28
C THR A 306 -0.69 2.99 4.55
N PHE A 307 -1.65 3.88 4.36
CA PHE A 307 -2.62 4.13 5.41
C PHE A 307 -3.59 2.98 5.33
N CYS A 308 -3.27 1.92 6.08
CA CYS A 308 -3.95 0.63 5.94
C CYS A 308 -5.47 0.74 6.03
N PRO A 309 -6.16 -0.01 5.16
CA PRO A 309 -7.63 0.04 5.15
C PRO A 309 -8.24 -0.67 6.33
N ARG A 310 -9.49 -0.36 6.61
CA ARG A 310 -10.25 -1.09 7.62
C ARG A 310 -11.36 -1.87 6.92
N TYR A 311 -11.24 -3.19 6.92
CA TYR A 311 -12.23 -4.03 6.28
C TYR A 311 -13.53 -4.01 7.08
N PRO A 312 -14.67 -4.37 6.44
CA PRO A 312 -15.97 -4.33 7.13
C PRO A 312 -16.04 -5.17 8.41
N GLY A 313 -16.64 -4.61 9.45
CA GLY A 313 -16.97 -5.37 10.65
C GLY A 313 -15.83 -5.82 11.53
N MET A 314 -14.71 -5.09 11.49
CA MET A 314 -13.58 -5.42 12.36
C MET A 314 -13.87 -5.04 13.81
N THR A 315 -13.19 -5.72 14.72
CA THR A 315 -13.32 -5.43 16.14
C THR A 315 -12.08 -4.69 16.61
N ILE A 316 -12.28 -3.63 17.39
CA ILE A 316 -11.18 -2.84 17.93
C ILE A 316 -10.43 -3.64 19.01
N SER A 317 -9.10 -3.56 18.97
CA SER A 317 -8.28 -4.25 19.96
C SER A 317 -7.47 -3.25 20.78
N ASP A 318 -7.06 -3.68 21.97
CA ASP A 318 -6.14 -2.90 22.79
C ASP A 318 -4.86 -2.68 21.99
N VAL A 319 -4.36 -1.45 21.99
CA VAL A 319 -3.17 -1.15 21.22
C VAL A 319 -1.93 -1.19 22.10
N ALA A 320 -0.96 -2.02 21.71
CA ALA A 320 0.31 -2.11 22.42
C ALA A 320 1.45 -2.27 21.42
N ARG A 321 2.03 -1.15 20.99
CA ARG A 321 3.05 -1.16 19.96
C ARG A 321 4.35 -0.58 20.50
N SER A 322 5.21 -1.46 21.02
CA SER A 322 6.44 -1.03 21.68
C SER A 322 7.36 -0.23 20.75
N ALA A 323 7.34 -0.56 19.46
CA ALA A 323 8.17 0.14 18.49
C ALA A 323 7.79 1.61 18.40
N ASP A 324 6.51 1.89 18.62
CA ASP A 324 5.98 3.25 18.58
C ASP A 324 5.92 3.88 19.97
N ARG A 325 6.35 3.12 20.97
CA ARG A 325 6.23 3.52 22.38
C ARG A 325 4.80 3.90 22.69
N LEU A 326 3.87 3.19 22.06
CA LEU A 326 2.46 3.53 22.13
C LEU A 326 1.64 2.41 22.75
N GLU A 327 0.80 2.75 23.72
CA GLU A 327 -0.05 1.76 24.37
C GLU A 327 -1.30 2.41 24.96
N VAL A 328 -2.46 1.87 24.59
CA VAL A 328 -3.72 2.34 25.13
C VAL A 328 -4.78 1.25 24.95
N ARG A 329 -5.51 0.99 26.02
CA ARG A 329 -6.53 -0.05 26.03
C ARG A 329 -7.93 0.53 25.89
N ILE A 330 -8.84 -0.30 25.40
CA ILE A 330 -10.25 0.06 25.33
C ILE A 330 -10.76 0.41 26.73
N ALA A 331 -10.28 -0.34 27.73
CA ALA A 331 -10.71 -0.16 29.10
C ALA A 331 -10.36 1.23 29.67
N ASP A 332 -9.27 1.82 29.17
CA ASP A 332 -8.90 3.16 29.58
C ASP A 332 -9.99 4.18 29.26
N ILE A 333 -10.52 4.11 28.04
CA ILE A 333 -11.60 5.00 27.64
C ILE A 333 -12.87 4.69 28.45
N GLU A 334 -13.09 3.41 28.69
CA GLU A 334 -14.23 2.97 29.49
C GLU A 334 -14.08 3.39 30.95
N SER A 335 -12.87 3.83 31.31
CA SER A 335 -12.59 4.27 32.68
C SER A 335 -12.53 5.80 32.75
N TRP A 336 -12.14 6.42 31.64
CA TRP A 336 -12.02 7.88 31.57
C TRP A 336 -13.38 8.54 31.36
N LEU A 337 -14.26 7.84 30.66
CA LEU A 337 -15.56 8.40 30.30
C LEU A 337 -16.50 8.60 31.48
N PRO A 338 -16.60 7.62 32.40
CA PRO A 338 -17.46 7.91 33.55
C PRO A 338 -16.98 9.11 34.37
N ARG A 339 -15.67 9.28 34.48
CA ARG A 339 -15.11 10.38 35.27
C ARG A 339 -15.49 11.72 34.69
N VAL A 340 -15.48 11.81 33.37
CA VAL A 340 -15.84 13.04 32.69
C VAL A 340 -17.35 13.27 32.79
N LEU A 341 -18.12 12.20 32.65
CA LEU A 341 -19.57 12.30 32.72
C LEU A 341 -20.05 12.70 34.11
N GLU A 342 -19.31 12.29 35.14
CA GLU A 342 -19.68 12.63 36.51
C GLU A 342 -19.44 14.10 36.80
N ALA A 343 -18.34 14.63 36.26
CA ALA A 343 -18.02 16.04 36.42
C ALA A 343 -19.09 16.92 35.76
N ILE A 344 -19.45 16.60 34.53
CA ILE A 344 -20.51 17.29 33.83
C ILE A 344 -21.81 17.23 34.62
N ASP A 345 -22.13 16.04 35.14
CA ASP A 345 -23.36 15.87 35.92
C ASP A 345 -23.30 16.55 37.28
N ALA A 346 -22.09 16.80 37.77
CA ALA A 346 -21.92 17.48 39.04
C ALA A 346 -21.98 18.99 38.84
N GLY A 347 -21.76 19.43 37.62
CA GLY A 347 -21.78 20.84 37.29
C GLY A 347 -20.40 21.45 37.43
N PHE A 348 -19.45 20.65 37.90
CA PHE A 348 -18.08 21.12 38.05
C PHE A 348 -17.07 19.99 37.84
N ALA A 349 -15.88 20.35 37.37
CA ALA A 349 -14.77 19.41 37.27
C ALA A 349 -13.80 19.66 38.41
N VAL A 350 -12.87 18.75 38.62
CA VAL A 350 -11.89 18.89 39.68
C VAL A 350 -10.46 18.85 39.14
N SER A 351 -9.71 19.92 39.39
CA SER A 351 -8.31 19.99 38.97
C SER A 351 -7.46 19.04 39.80
N ASP A 352 -6.18 18.93 39.46
CA ASP A 352 -5.28 18.01 40.16
C ASP A 352 -4.88 18.53 41.54
N ASP A 353 -5.33 19.77 41.89
CA ASP A 353 -5.09 20.35 43.21
C ASP A 353 -6.32 20.27 44.09
N GLY A 354 -7.36 19.66 43.58
CA GLY A 354 -8.59 19.53 44.33
C GLY A 354 -9.42 20.79 44.30
N VAL A 355 -9.03 21.74 43.45
CA VAL A 355 -9.81 22.95 43.25
C VAL A 355 -10.95 22.66 42.27
N ARG A 356 -12.18 22.88 42.74
CA ARG A 356 -13.36 22.67 41.92
C ARG A 356 -13.49 23.74 40.84
N VAL A 357 -13.71 23.31 39.59
CA VAL A 357 -13.86 24.24 38.47
C VAL A 357 -15.23 24.08 37.84
N PRO A 358 -16.06 25.14 37.92
CA PRO A 358 -17.45 25.09 37.46
C PRO A 358 -17.60 24.81 35.96
N LEU A 359 -18.61 24.04 35.60
CA LEU A 359 -18.86 23.70 34.22
C LEU A 359 -20.19 24.26 33.72
N ASP A 360 -21.07 24.63 34.65
CA ASP A 360 -22.40 25.15 34.28
C ASP A 360 -22.33 26.64 33.99
N GLU A 361 -21.28 27.05 33.29
CA GLU A 361 -21.11 28.44 32.88
C GLU A 361 -20.96 28.55 31.36
N THR A 362 -20.81 29.78 30.88
CA THR A 362 -20.57 30.01 29.46
C THR A 362 -19.18 29.48 29.05
N ARG A 363 -18.25 29.52 29.99
CA ARG A 363 -16.87 29.13 29.75
C ARG A 363 -16.59 27.69 30.17
N GLY A 364 -17.63 26.99 30.62
CA GLY A 364 -17.48 25.62 31.06
C GLY A 364 -17.11 24.68 29.93
N ILE A 365 -17.62 24.97 28.73
CA ILE A 365 -17.33 24.16 27.55
C ILE A 365 -15.85 24.23 27.20
N ASP A 366 -15.18 25.31 27.59
CA ASP A 366 -13.77 25.50 27.30
C ASP A 366 -12.91 24.63 28.21
N VAL A 367 -13.33 24.51 29.46
CA VAL A 367 -12.66 23.62 30.41
C VAL A 367 -12.84 22.18 29.97
N LEU A 368 -14.05 21.87 29.48
CA LEU A 368 -14.39 20.53 29.05
C LEU A 368 -13.66 20.16 27.77
N GLY A 369 -13.40 21.16 26.94
CA GLY A 369 -12.69 20.96 25.68
C GLY A 369 -11.28 20.48 25.90
N ASN A 370 -10.58 21.09 26.87
CA ASN A 370 -9.21 20.71 27.16
C ASN A 370 -9.16 19.36 27.88
N ILE A 371 -10.23 19.03 28.58
CA ILE A 371 -10.33 17.77 29.30
C ILE A 371 -10.52 16.59 28.35
N LEU A 372 -11.36 16.80 27.33
CA LEU A 372 -11.80 15.70 26.49
C LEU A 372 -10.89 15.38 25.30
N GLU A 373 -10.13 16.36 24.83
CA GLU A 373 -9.33 16.15 23.63
C GLU A 373 -8.23 15.08 23.79
N ARG A 374 -7.35 15.14 24.80
CA ARG A 374 -7.20 16.24 25.75
C ARG A 374 -6.04 17.13 25.30
N SER A 375 -5.84 18.24 26.00
CA SER A 375 -4.71 19.11 25.71
C SER A 375 -3.78 19.18 26.91
N ALA A 376 -2.63 19.81 26.72
CA ALA A 376 -1.63 19.95 27.78
C ALA A 376 -2.13 20.87 28.90
N ILE A 377 -3.11 21.69 28.61
CA ILE A 377 -3.63 22.63 29.60
C ILE A 377 -4.90 22.08 30.27
N SER A 378 -5.09 20.77 30.19
CA SER A 378 -6.18 20.12 30.90
C SER A 378 -5.95 20.27 32.40
N ILE A 379 -7.03 20.48 33.16
CA ILE A 379 -6.88 20.77 34.58
C ILE A 379 -6.59 19.53 35.40
N ASN A 380 -6.79 18.36 34.79
CA ASN A 380 -6.49 17.11 35.45
C ASN A 380 -6.24 15.98 34.45
N ARG A 381 -4.98 15.81 34.04
CA ARG A 381 -4.64 14.82 33.02
C ARG A 381 -4.93 13.39 33.49
N ASN A 382 -4.71 13.14 34.77
CA ASN A 382 -4.80 11.79 35.32
C ASN A 382 -6.25 11.32 35.48
N LEU A 383 -7.08 12.19 36.03
CA LEU A 383 -8.47 11.84 36.32
C LEU A 383 -9.30 11.62 35.06
N TYR A 384 -9.22 12.57 34.13
CA TYR A 384 -10.10 12.56 32.96
C TYR A 384 -9.45 11.96 31.72
N GLY A 385 -8.15 11.70 31.79
CA GLY A 385 -7.45 10.99 30.74
C GLY A 385 -7.37 11.68 29.40
N ASP A 386 -7.46 10.89 28.33
CA ASP A 386 -7.22 11.36 26.98
C ASP A 386 -8.13 10.66 25.98
N VAL A 387 -9.43 10.91 26.10
CA VAL A 387 -10.46 10.16 25.38
C VAL A 387 -10.41 10.33 23.86
N HIS A 388 -10.55 11.57 23.40
CA HIS A 388 -10.66 11.84 21.98
C HIS A 388 -9.44 11.37 21.19
N ASN A 389 -8.24 11.71 21.66
CA ASN A 389 -7.01 11.34 20.96
C ASN A 389 -6.80 9.82 20.91
N MET A 390 -7.01 9.14 22.03
CA MET A 390 -6.77 7.70 22.08
C MET A 390 -7.81 6.92 21.28
N GLY A 391 -8.98 7.52 21.10
CA GLY A 391 -10.00 6.93 20.26
C GLY A 391 -9.50 6.87 18.84
N HIS A 392 -8.78 7.91 18.43
CA HIS A 392 -8.16 7.93 17.12
C HIS A 392 -7.16 6.79 17.01
N VAL A 393 -6.36 6.61 18.07
CA VAL A 393 -5.33 5.57 18.10
C VAL A 393 -5.91 4.17 17.95
N LEU A 394 -6.91 3.86 18.76
CA LEU A 394 -7.55 2.54 18.75
C LEU A 394 -8.10 2.21 17.37
N LEU A 395 -8.66 3.22 16.71
CA LEU A 395 -9.19 3.04 15.36
C LEU A 395 -8.09 3.00 14.30
N ALA A 396 -7.04 3.80 14.47
CA ALA A 396 -5.99 3.91 13.46
C ALA A 396 -5.08 2.68 13.38
N PHE A 397 -5.01 1.91 14.46
CA PHE A 397 -4.14 0.74 14.49
C PHE A 397 -4.97 -0.52 14.68
N ILE A 398 -6.24 -0.44 14.30
CA ILE A 398 -7.15 -1.56 14.43
C ILE A 398 -6.69 -2.77 13.61
N HIS A 399 -5.89 -2.51 12.58
CA HIS A 399 -5.41 -3.55 11.66
C HIS A 399 -4.09 -4.17 12.10
N ASP A 400 -3.50 -3.58 13.14
CA ASP A 400 -2.21 -4.04 13.68
C ASP A 400 -1.98 -3.44 15.05
N PRO A 401 -2.81 -3.84 16.04
CA PRO A 401 -2.80 -3.20 17.36
C PRO A 401 -1.55 -3.45 18.19
N ARG A 402 -0.85 -4.55 17.91
CA ARG A 402 0.30 -4.93 18.72
C ARG A 402 1.61 -4.70 17.98
N GLY A 403 1.51 -4.18 16.75
CA GLY A 403 2.68 -3.94 15.93
C GLY A 403 3.36 -5.20 15.44
N THR A 404 2.68 -6.33 15.61
CA THR A 404 3.24 -7.63 15.20
C THR A 404 3.52 -7.65 13.71
N TYR A 405 2.67 -7.01 12.93
CA TYR A 405 2.76 -7.10 11.48
C TYR A 405 3.43 -5.89 10.83
N LEU A 406 4.07 -5.07 11.65
CA LEU A 406 4.97 -4.02 11.17
C LEU A 406 4.28 -3.03 10.22
N GLU A 407 2.99 -2.82 10.41
CA GLU A 407 2.26 -1.85 9.61
C GLU A 407 2.16 -0.52 10.35
N SER A 408 1.83 0.54 9.62
CA SER A 408 1.69 1.86 10.20
C SER A 408 0.23 2.24 10.39
N SER A 409 0.01 3.47 10.82
CA SER A 409 -1.32 3.99 11.07
C SER A 409 -2.23 4.02 9.84
N GLY A 410 -3.53 3.86 10.09
CA GLY A 410 -4.54 4.15 9.08
C GLY A 410 -4.76 5.65 9.01
N VAL A 411 -5.77 6.09 8.27
CA VAL A 411 -5.99 7.53 8.09
C VAL A 411 -6.37 8.26 9.37
N MET A 412 -7.02 7.55 10.29
CA MET A 412 -7.44 8.15 11.57
C MET A 412 -6.24 8.49 12.45
N GLY A 413 -5.05 8.05 12.05
CA GLY A 413 -3.85 8.37 12.80
C GLY A 413 -3.08 9.53 12.19
N GLY A 414 -3.65 10.13 11.15
CA GLY A 414 -3.08 11.30 10.54
C GLY A 414 -4.07 12.46 10.58
N VAL A 415 -3.66 13.57 11.19
CA VAL A 415 -4.52 14.74 11.32
C VAL A 415 -5.01 15.23 9.95
N ALA A 416 -4.11 15.21 8.97
CA ALA A 416 -4.43 15.69 7.63
C ALA A 416 -5.21 14.66 6.79
N THR A 417 -5.45 13.48 7.36
CA THR A 417 -6.10 12.41 6.63
C THR A 417 -7.32 11.83 7.36
N ALA A 418 -7.48 12.14 8.64
CA ALA A 418 -8.51 11.52 9.45
C ALA A 418 -9.93 11.77 8.94
N MET A 419 -10.15 12.94 8.36
CA MET A 419 -11.51 13.32 7.93
C MET A 419 -11.99 12.54 6.71
N ARG A 420 -11.09 11.78 6.09
CA ARG A 420 -11.47 10.98 4.92
C ARG A 420 -12.27 9.75 5.34
N ASP A 421 -12.08 9.35 6.60
CA ASP A 421 -12.69 8.13 7.13
C ASP A 421 -14.09 8.41 7.67
N PRO A 422 -15.09 7.64 7.19
CA PRO A 422 -16.47 7.71 7.71
C PRO A 422 -16.54 7.52 9.23
N ILE A 423 -15.60 6.78 9.79
CA ILE A 423 -15.58 6.49 11.22
C ILE A 423 -15.17 7.72 12.05
N PHE A 424 -14.58 8.70 11.38
CA PHE A 424 -14.17 9.97 12.00
C PHE A 424 -15.39 10.71 12.55
N TYR A 425 -16.49 10.63 11.79
CA TYR A 425 -17.69 11.37 12.12
C TYR A 425 -18.52 10.61 13.14
N ARG A 426 -18.39 9.30 13.15
CA ARG A 426 -19.03 8.48 14.15
C ARG A 426 -18.35 8.69 15.50
N TRP A 427 -17.02 8.75 15.49
CA TRP A 427 -16.26 8.92 16.71
C TRP A 427 -16.46 10.31 17.29
N HIS A 428 -16.43 11.32 16.42
CA HIS A 428 -16.60 12.70 16.88
C HIS A 428 -18.01 13.01 17.32
N LYS A 429 -19.00 12.30 16.77
CA LYS A 429 -20.38 12.46 17.23
C LYS A 429 -20.50 11.96 18.67
N PHE A 430 -19.73 10.92 18.98
CA PHE A 430 -19.65 10.42 20.35
C PHE A 430 -19.05 11.49 21.26
N ILE A 431 -17.97 12.12 20.79
CA ILE A 431 -17.33 13.20 21.53
C ILE A 431 -18.26 14.41 21.65
N ASP A 432 -18.95 14.71 20.57
CA ASP A 432 -19.88 15.81 20.52
C ASP A 432 -21.02 15.64 21.53
N ASN A 433 -21.54 14.43 21.64
CA ASN A 433 -22.63 14.15 22.56
C ASN A 433 -22.23 14.31 24.03
N ILE A 434 -20.93 14.31 24.29
CA ILE A 434 -20.43 14.56 25.64
C ILE A 434 -20.43 16.06 25.92
N PHE A 435 -19.98 16.84 24.93
CA PHE A 435 -20.03 18.29 25.02
C PHE A 435 -21.47 18.78 25.13
N LEU A 436 -22.35 18.16 24.36
CA LEU A 436 -23.76 18.56 24.34
C LEU A 436 -24.46 18.24 25.65
N ARG A 437 -23.94 17.25 26.37
CA ARG A 437 -24.48 16.91 27.67
C ARG A 437 -24.28 18.09 28.64
N ASN A 438 -23.21 18.84 28.44
CA ASN A 438 -22.92 20.02 29.26
C ASN A 438 -23.72 21.22 28.77
N LYS A 439 -23.83 21.35 27.45
CA LYS A 439 -24.56 22.47 26.85
C LYS A 439 -26.05 22.38 27.11
N ALA A 440 -26.53 21.16 27.39
CA ALA A 440 -27.96 20.94 27.64
C ALA A 440 -28.35 21.37 29.04
N ARG A 441 -27.38 21.46 29.93
CA ARG A 441 -27.62 21.85 31.32
C ARG A 441 -27.78 23.35 31.46
N LEU A 442 -27.15 24.11 30.55
CA LEU A 442 -27.21 25.55 30.59
C LEU A 442 -28.62 26.08 30.36
N ALA A 443 -28.97 27.15 31.09
CA ALA A 443 -30.30 27.75 30.99
C ALA A 443 -30.48 28.44 29.64
N PRO A 444 -31.69 28.36 29.07
CA PRO A 444 -31.98 28.99 27.78
C PRO A 444 -31.68 30.48 27.78
N TYR A 445 -31.19 31.02 26.68
CA TYR A 445 -30.92 32.45 26.58
C TYR A 445 -32.17 33.27 26.86
N THR A 446 -32.00 34.36 27.59
CA THR A 446 -33.12 35.18 28.04
C THR A 446 -33.42 36.30 27.05
N MET A 447 -34.47 37.06 27.34
CA MET A 447 -34.84 38.21 26.51
C MET A 447 -33.72 39.24 26.46
N ALA A 448 -33.04 39.42 27.59
CA ALA A 448 -31.92 40.37 27.66
C ALA A 448 -30.80 39.97 26.71
N GLU A 449 -30.50 38.68 26.67
CA GLU A 449 -29.40 38.15 25.88
C GLU A 449 -29.72 38.09 24.38
N LEU A 450 -30.99 37.87 24.06
CA LEU A 450 -31.41 37.65 22.67
C LEU A 450 -31.95 38.88 21.95
N SER A 451 -32.52 39.84 22.70
CA SER A 451 -33.19 40.98 22.07
C SER A 451 -32.25 42.14 21.78
N ASN A 452 -32.71 43.03 20.90
CA ASN A 452 -32.04 44.28 20.59
C ASN A 452 -33.10 45.35 20.31
N SER A 453 -33.51 46.05 21.35
CA SER A 453 -34.74 46.84 21.32
C SER A 453 -34.65 48.10 20.46
N ASN A 454 -33.44 48.55 20.16
CA ASN A 454 -33.25 49.70 19.30
C ASN A 454 -33.06 49.32 17.85
N VAL A 455 -33.10 48.03 17.57
CA VAL A 455 -32.75 47.52 16.25
C VAL A 455 -33.79 46.53 15.72
N THR A 456 -34.24 46.76 14.49
CA THR A 456 -35.20 45.86 13.86
C THR A 456 -34.68 45.35 12.52
N LEU A 457 -34.77 44.05 12.30
CA LEU A 457 -34.38 43.46 11.03
C LEU A 457 -35.63 43.27 10.19
N GLU A 458 -35.79 44.12 9.18
CA GLU A 458 -37.06 44.21 8.46
C GLU A 458 -37.08 43.37 7.19
N ALA A 459 -35.90 43.13 6.63
CA ALA A 459 -35.82 42.39 5.38
C ALA A 459 -34.56 41.54 5.32
N LEU A 460 -34.74 40.24 5.08
CA LEU A 460 -33.62 39.33 4.90
C LEU A 460 -33.72 38.66 3.54
N GLU A 461 -32.64 38.74 2.76
CA GLU A 461 -32.67 38.25 1.40
C GLU A 461 -31.29 37.81 0.95
N THR A 462 -31.25 36.82 0.07
CA THR A 462 -30.03 36.48 -0.65
C THR A 462 -30.29 36.54 -2.14
N GLN A 463 -29.34 37.08 -2.89
CA GLN A 463 -29.44 37.09 -4.33
C GLN A 463 -28.12 36.63 -4.94
N LEU A 464 -28.20 35.72 -5.91
CA LEU A 464 -27.02 35.28 -6.63
C LEU A 464 -26.35 36.49 -7.28
N ASP A 465 -25.03 36.58 -7.10
CA ASP A 465 -24.28 37.78 -7.44
C ASP A 465 -24.10 37.96 -8.95
N ARG A 466 -25.20 38.25 -9.64
CA ARG A 466 -25.15 38.52 -11.07
C ARG A 466 -26.36 39.35 -11.48
N ALA A 467 -26.36 39.82 -12.71
CA ALA A 467 -27.49 40.57 -13.24
C ALA A 467 -28.68 39.63 -13.44
N GLY A 468 -29.80 39.94 -12.78
CA GLY A 468 -30.98 39.10 -12.87
C GLY A 468 -30.85 37.88 -11.99
N GLY A 469 -29.88 37.92 -11.07
CA GLY A 469 -29.60 36.83 -10.16
C GLY A 469 -30.80 36.35 -9.38
N ALA A 470 -30.93 35.04 -9.26
CA ALA A 470 -32.04 34.43 -8.54
C ALA A 470 -32.03 34.85 -7.08
N VAL A 471 -33.21 34.98 -6.50
CA VAL A 471 -33.34 35.45 -5.12
C VAL A 471 -33.68 34.30 -4.18
N ASN A 472 -33.00 34.26 -3.04
CA ASN A 472 -33.16 33.20 -2.05
C ASN A 472 -32.97 31.82 -2.66
N SER A 473 -32.01 31.73 -3.57
CA SER A 473 -31.76 30.50 -4.29
C SER A 473 -30.27 30.22 -4.34
N PHE A 474 -29.85 29.11 -3.74
CA PHE A 474 -28.46 28.69 -3.77
C PHE A 474 -28.21 27.67 -4.87
N VAL A 475 -27.04 27.70 -5.48
CA VAL A 475 -26.70 26.76 -6.54
C VAL A 475 -25.28 26.21 -6.34
N THR A 476 -25.16 24.88 -6.32
CA THR A 476 -23.87 24.22 -6.20
C THR A 476 -23.57 23.35 -7.42
N PHE A 477 -22.30 23.04 -7.62
CA PHE A 477 -21.85 22.32 -8.80
C PHE A 477 -20.43 21.82 -8.62
N TRP A 478 -19.91 21.13 -9.64
CA TRP A 478 -18.53 20.66 -9.62
C TRP A 478 -17.61 21.67 -10.29
N GLN A 479 -16.51 22.01 -9.62
CA GLN A 479 -15.48 22.85 -10.22
C GLN A 479 -14.23 22.02 -10.47
N ARG A 480 -13.59 22.23 -11.62
CA ARG A 480 -12.33 21.56 -11.92
C ARG A 480 -11.17 22.53 -11.75
N SER A 481 -10.28 22.19 -10.81
CA SER A 481 -9.17 23.06 -10.48
C SER A 481 -7.83 22.35 -10.65
N GLN A 482 -6.76 23.14 -10.73
CA GLN A 482 -5.41 22.61 -10.83
C GLN A 482 -4.53 23.16 -9.71
N VAL A 483 -3.49 22.41 -9.38
CA VAL A 483 -2.51 22.85 -8.39
C VAL A 483 -1.16 22.14 -8.65
N ASP A 484 -0.08 22.91 -8.55
CA ASP A 484 1.26 22.38 -8.78
C ASP A 484 1.83 21.75 -7.50
N LEU A 485 2.01 20.44 -7.53
CA LEU A 485 2.52 19.71 -6.36
C LEU A 485 4.04 19.54 -6.42
N ARG A 486 4.65 20.30 -7.31
CA ARG A 486 6.10 20.31 -7.53
C ARG A 486 6.96 20.17 -6.28
N ALA A 487 6.66 20.97 -5.27
CA ALA A 487 7.56 21.17 -4.13
C ALA A 487 7.63 19.99 -3.16
N GLY A 488 6.59 19.17 -3.14
CA GLY A 488 6.53 18.07 -2.18
C GLY A 488 6.93 16.72 -2.71
N ILE A 489 7.30 16.64 -4.00
CA ILE A 489 7.65 15.36 -4.62
C ILE A 489 9.15 15.19 -4.75
N ASP A 490 9.72 14.24 -4.01
CA ASP A 490 11.16 14.07 -3.96
C ASP A 490 11.70 13.18 -5.07
N PHE A 491 12.89 13.51 -5.54
CA PHE A 491 13.61 12.75 -6.55
C PHE A 491 12.75 12.45 -7.78
N SER A 492 12.13 13.49 -8.29
CA SER A 492 11.29 13.44 -9.49
C SER A 492 11.95 14.30 -10.56
N ALA A 493 11.30 14.41 -11.70
CA ALA A 493 11.74 15.36 -12.72
C ALA A 493 11.65 16.80 -12.23
N ALA A 494 12.16 17.73 -13.03
CA ALA A 494 12.10 19.14 -12.69
C ALA A 494 10.89 19.79 -13.34
N GLY A 495 10.62 21.04 -12.98
CA GLY A 495 9.49 21.75 -13.55
C GLY A 495 8.18 21.41 -12.86
N SER A 496 7.08 21.80 -13.50
CA SER A 496 5.76 21.68 -12.90
C SER A 496 5.31 20.22 -12.76
N ALA A 497 4.54 19.98 -11.71
CA ALA A 497 3.89 18.69 -11.50
C ALA A 497 2.39 18.91 -11.25
N PHE A 498 1.71 19.46 -12.24
CA PHE A 498 0.30 19.84 -12.10
C PHE A 498 -0.63 18.63 -12.00
N VAL A 499 -1.71 18.81 -11.24
CA VAL A 499 -2.76 17.79 -11.13
C VAL A 499 -4.12 18.44 -11.36
N SER A 500 -5.08 17.64 -11.81
CA SER A 500 -6.42 18.12 -12.05
C SER A 500 -7.39 17.38 -11.13
N PHE A 501 -8.08 18.12 -10.27
CA PHE A 501 -9.04 17.52 -9.34
C PHE A 501 -10.38 18.24 -9.39
N THR A 502 -11.42 17.55 -8.93
CA THR A 502 -12.78 18.07 -8.96
C THR A 502 -13.37 18.14 -7.55
N HIS A 503 -14.08 19.23 -7.25
CA HIS A 503 -14.58 19.49 -5.91
C HIS A 503 -15.87 20.30 -5.92
N LEU A 504 -16.55 20.31 -4.78
CA LEU A 504 -17.78 21.09 -4.61
C LEU A 504 -17.50 22.58 -4.82
N GLN A 505 -18.50 23.29 -5.35
CA GLN A 505 -18.40 24.73 -5.55
C GLN A 505 -19.79 25.35 -5.57
N CYS A 506 -19.92 26.54 -4.98
CA CYS A 506 -21.21 27.23 -4.96
C CYS A 506 -21.17 28.55 -5.75
N ALA A 507 -22.32 28.95 -6.29
CA ALA A 507 -22.42 30.21 -7.00
C ALA A 507 -22.37 31.39 -6.03
N PRO A 508 -21.55 32.41 -6.36
CA PRO A 508 -21.42 33.60 -5.53
C PRO A 508 -22.75 34.31 -5.35
N PHE A 509 -22.97 34.87 -4.17
CA PHE A 509 -24.20 35.57 -3.87
C PHE A 509 -23.96 36.66 -2.83
N VAL A 510 -24.99 37.47 -2.59
CA VAL A 510 -24.91 38.51 -1.57
C VAL A 510 -26.05 38.35 -0.58
N TYR A 511 -25.84 38.87 0.63
CA TYR A 511 -26.91 39.00 1.61
C TYR A 511 -27.44 40.43 1.55
N ARG A 512 -28.75 40.56 1.41
CA ARG A 512 -29.38 41.88 1.50
C ARG A 512 -30.19 41.97 2.78
N LEU A 513 -29.72 42.80 3.71
CA LEU A 513 -30.39 42.98 4.99
C LEU A 513 -30.80 44.42 5.19
N ARG A 514 -32.05 44.64 5.55
CA ARG A 514 -32.53 46.00 5.84
C ARG A 514 -32.78 46.16 7.33
N ILE A 515 -32.02 47.04 7.97
CA ILE A 515 -32.04 47.18 9.42
C ILE A 515 -32.38 48.60 9.88
N ASN A 516 -33.45 48.72 10.66
CA ASN A 516 -33.89 50.02 11.16
C ASN A 516 -33.45 50.23 12.61
N SER A 517 -32.81 51.36 12.88
CA SER A 517 -32.36 51.67 14.24
C SER A 517 -33.04 52.92 14.80
N THR A 518 -33.79 52.74 15.89
CA THR A 518 -34.48 53.86 16.53
C THR A 518 -33.62 54.46 17.61
N ALA A 519 -32.36 54.05 17.68
CA ALA A 519 -31.41 54.65 18.62
C ALA A 519 -31.00 56.04 18.14
N ARG A 520 -30.64 56.90 19.08
CA ARG A 520 -30.29 58.28 18.75
C ARG A 520 -28.85 58.38 18.23
N SER A 521 -28.00 57.46 18.68
CA SER A 521 -26.60 57.44 18.26
C SER A 521 -26.27 56.10 17.59
N ASN A 522 -25.07 56.01 17.01
CA ASN A 522 -24.71 54.84 16.21
C ASN A 522 -24.48 53.61 17.09
N ARG A 523 -24.69 52.43 16.51
CA ARG A 523 -24.37 51.18 17.19
C ARG A 523 -23.56 50.26 16.31
N GLN A 524 -22.45 49.78 16.84
CA GLN A 524 -21.57 48.86 16.14
C GLN A 524 -22.00 47.42 16.43
N ASP A 525 -23.23 47.07 16.07
CA ASP A 525 -23.79 45.76 16.38
C ASP A 525 -23.22 44.66 15.48
N THR A 526 -23.58 43.41 15.79
CA THR A 526 -23.09 42.27 15.04
C THR A 526 -24.21 41.54 14.29
N VAL A 527 -23.94 41.19 13.04
CA VAL A 527 -24.88 40.37 12.27
C VAL A 527 -24.44 38.91 12.25
N ARG A 528 -25.29 38.03 12.75
CA ARG A 528 -24.96 36.60 12.81
C ARG A 528 -25.86 35.81 11.86
N ILE A 529 -25.25 35.10 10.92
CA ILE A 529 -26.01 34.35 9.93
C ILE A 529 -25.83 32.83 10.06
N PHE A 530 -26.95 32.12 10.17
CA PHE A 530 -26.93 30.67 10.27
C PHE A 530 -27.82 30.05 9.20
N LEU A 531 -27.54 28.78 8.88
CA LEU A 531 -28.36 28.01 7.97
C LEU A 531 -28.91 26.81 8.74
N LEU A 532 -30.23 26.64 8.70
CA LEU A 532 -30.88 25.57 9.44
C LEU A 532 -31.64 24.66 8.48
N PRO A 533 -31.42 23.33 8.58
CA PRO A 533 -32.11 22.34 7.75
C PRO A 533 -33.54 22.09 8.23
N ARG A 534 -34.38 21.54 7.35
CA ARG A 534 -35.78 21.30 7.65
C ARG A 534 -36.17 19.82 7.71
N GLN A 535 -35.53 19.01 6.87
CA GLN A 535 -35.95 17.62 6.68
C GLN A 535 -34.81 16.62 6.83
N ASN A 536 -35.18 15.37 7.12
CA ASN A 536 -34.21 14.28 7.14
C ASN A 536 -34.13 13.64 5.76
N GLU A 537 -33.64 12.40 5.70
CA GLU A 537 -33.45 11.71 4.43
C GLU A 537 -34.77 11.16 3.87
N GLN A 538 -35.72 10.87 4.75
CA GLN A 538 -37.05 10.41 4.36
C GLN A 538 -37.87 11.55 3.80
N GLY A 539 -37.47 12.78 4.11
CA GLY A 539 -38.21 13.95 3.66
C GLY A 539 -39.13 14.48 4.75
N ARG A 540 -39.09 13.84 5.90
CA ARG A 540 -39.89 14.26 7.02
C ARG A 540 -39.29 15.44 7.76
N PRO A 541 -40.12 16.34 8.26
CA PRO A 541 -39.61 17.54 8.93
C PRO A 541 -38.86 17.25 10.22
N LEU A 542 -37.77 17.97 10.47
CA LEU A 542 -36.99 17.78 11.69
C LEU A 542 -37.65 18.46 12.87
N SER A 543 -37.52 17.87 14.05
CA SER A 543 -37.92 18.54 15.28
C SER A 543 -37.07 19.79 15.46
N PHE A 544 -37.56 20.74 16.24
CA PHE A 544 -36.81 21.98 16.43
C PHE A 544 -35.44 21.69 17.01
N GLU A 545 -35.38 20.74 17.94
CA GLU A 545 -34.13 20.38 18.59
C GLU A 545 -33.10 19.86 17.59
N ASP A 546 -33.55 19.05 16.65
CA ASP A 546 -32.68 18.55 15.59
C ASP A 546 -32.23 19.68 14.67
N ARG A 547 -33.12 20.62 14.38
CA ARG A 547 -32.78 21.77 13.55
C ARG A 547 -31.76 22.67 14.25
N ARG A 548 -31.92 22.85 15.55
CA ARG A 548 -31.01 23.70 16.31
C ARG A 548 -29.61 23.11 16.35
N LEU A 549 -29.52 21.81 16.63
CA LEU A 549 -28.23 21.15 16.72
C LEU A 549 -27.51 21.10 15.38
N LEU A 550 -28.26 21.30 14.29
CA LEU A 550 -27.68 21.28 12.96
C LEU A 550 -27.49 22.68 12.38
N ALA A 551 -27.73 23.71 13.19
CA ALA A 551 -27.52 25.08 12.76
C ALA A 551 -26.05 25.30 12.42
N ILE A 552 -25.77 25.70 11.19
CA ILE A 552 -24.40 25.95 10.77
C ILE A 552 -24.16 27.42 10.51
N GLU A 553 -23.05 27.93 11.05
CA GLU A 553 -22.67 29.31 10.85
C GLU A 553 -22.22 29.55 9.42
N LEU A 554 -22.76 30.60 8.79
CA LEU A 554 -22.36 30.97 7.43
C LEU A 554 -21.53 32.25 7.44
N ASP A 555 -21.78 33.11 8.43
CA ASP A 555 -21.10 34.41 8.50
C ASP A 555 -21.43 35.13 9.81
N SER A 556 -20.43 35.85 10.32
CA SER A 556 -20.63 36.74 11.46
C SER A 556 -19.73 37.96 11.33
N PHE A 557 -20.33 39.15 11.41
CA PHE A 557 -19.58 40.39 11.18
C PHE A 557 -20.24 41.59 11.85
N ARG A 558 -19.45 42.58 12.15
CA ARG A 558 -19.95 43.81 12.67
C ARG A 558 -20.54 44.78 11.68
N VAL A 559 -21.40 45.64 12.16
CA VAL A 559 -21.99 46.64 11.28
C VAL A 559 -22.18 47.98 11.99
N ASN A 560 -21.92 49.07 11.28
CA ASN A 560 -22.13 50.41 11.82
C ASN A 560 -23.54 50.89 11.51
N LEU A 561 -24.43 50.79 12.49
CA LEU A 561 -25.82 51.15 12.30
C LEU A 561 -26.08 52.62 12.63
N ARG A 562 -26.13 53.50 11.60
CA ARG A 562 -26.53 54.89 11.77
C ARG A 562 -28.00 54.92 12.12
N PRO A 563 -28.45 55.96 12.86
CA PRO A 563 -29.85 56.04 13.26
C PRO A 563 -30.79 56.05 12.05
N GLY A 564 -31.89 55.32 12.13
CA GLY A 564 -32.80 55.19 11.02
C GLY A 564 -32.57 53.87 10.29
N MET A 565 -32.84 53.87 8.99
CA MET A 565 -32.77 52.64 8.21
C MET A 565 -31.40 52.41 7.58
N ASN A 566 -30.89 51.17 7.75
CA ASN A 566 -29.62 50.77 7.14
C ASN A 566 -29.81 49.66 6.10
N ASN A 567 -29.20 49.84 4.94
CA ASN A 567 -29.20 48.83 3.89
C ASN A 567 -27.84 48.12 3.79
N ILE A 568 -27.79 46.86 4.23
CA ILE A 568 -26.54 46.13 4.29
C ILE A 568 -26.43 45.09 3.18
N VAL A 569 -25.32 45.13 2.46
CA VAL A 569 -25.02 44.12 1.43
C VAL A 569 -23.74 43.37 1.78
N ARG A 570 -23.83 42.06 1.91
CA ARG A 570 -22.68 41.27 2.32
C ARG A 570 -22.29 40.25 1.25
N GLN A 571 -21.07 40.34 0.75
CA GLN A 571 -20.56 39.39 -0.23
C GLN A 571 -20.32 38.03 0.43
N SER A 572 -20.78 36.98 -0.23
CA SER A 572 -20.57 35.61 0.26
C SER A 572 -19.08 35.29 0.35
N SER A 573 -18.29 35.93 -0.49
CA SER A 573 -16.85 35.76 -0.50
C SER A 573 -16.20 36.34 0.76
N ASN A 574 -16.92 37.20 1.47
CA ASN A 574 -16.39 37.83 2.68
C ASN A 574 -16.80 37.09 3.94
N SER A 575 -17.09 35.81 3.80
CA SER A 575 -17.52 35.00 4.93
C SER A 575 -16.42 34.87 5.99
N SER A 576 -16.78 35.13 7.23
CA SER A 576 -15.85 34.97 8.35
C SER A 576 -15.60 33.50 8.67
N VAL A 577 -16.31 32.61 7.98
CA VAL A 577 -16.14 31.18 8.18
C VAL A 577 -15.09 30.59 7.23
N THR A 578 -15.00 31.14 6.02
CA THR A 578 -14.14 30.54 4.99
C THR A 578 -12.91 31.35 4.62
N ILE A 579 -12.06 30.75 3.80
CA ILE A 579 -10.86 31.40 3.25
C ILE A 579 -10.79 31.14 1.74
N PRO A 580 -10.18 32.09 1.00
CA PRO A 580 -10.10 31.98 -0.47
C PRO A 580 -9.34 30.75 -0.96
N PHE A 581 -9.62 30.38 -2.21
CA PHE A 581 -8.96 29.26 -2.87
C PHE A 581 -7.44 29.38 -2.79
N GLU A 582 -6.94 30.60 -2.94
CA GLU A 582 -5.50 30.85 -2.96
C GLU A 582 -4.86 30.63 -1.59
N ARG A 583 -5.64 30.82 -0.54
CA ARG A 583 -5.16 30.58 0.81
C ARG A 583 -5.02 29.09 1.09
N THR A 584 -5.86 28.29 0.46
CA THR A 584 -5.85 26.85 0.65
C THR A 584 -4.81 26.15 -0.22
N PHE A 585 -4.78 26.48 -1.50
CA PHE A 585 -3.96 25.75 -2.47
C PHE A 585 -2.73 26.50 -2.96
N GLY A 586 -2.49 27.69 -2.42
CA GLY A 586 -1.42 28.54 -2.90
C GLY A 586 -0.06 28.21 -2.31
N ASN A 587 0.98 28.89 -2.80
CA ASN A 587 2.33 28.70 -2.30
C ASN A 587 3.06 30.04 -2.15
N VAL A 588 4.30 29.99 -1.66
CA VAL A 588 5.08 31.19 -1.40
C VAL A 588 5.23 32.08 -2.66
N GLN A 597 2.21 35.65 5.17
CA GLN A 597 1.50 34.43 4.81
C GLN A 597 1.96 33.23 5.65
N SER A 598 1.74 33.31 6.95
CA SER A 598 2.04 32.22 7.87
C SER A 598 0.99 31.11 7.76
N ARG A 599 1.11 30.11 8.64
CA ARG A 599 0.24 28.93 8.59
C ARG A 599 -1.10 29.13 9.30
N PHE A 600 -1.26 30.30 9.96
CA PHE A 600 -2.57 30.65 10.49
C PHE A 600 -3.50 30.90 9.31
N CYS A 601 -2.92 31.44 8.23
CA CYS A 601 -3.64 31.75 7.01
C CYS A 601 -4.19 30.50 6.31
N GLY A 602 -3.48 29.40 6.56
CA GLY A 602 -3.90 28.12 6.04
C GLY A 602 -5.12 27.60 6.77
N CYS A 603 -5.25 27.98 8.04
CA CYS A 603 -6.43 27.63 8.82
C CYS A 603 -7.64 28.36 8.29
N GLY A 604 -8.76 27.66 8.22
CA GLY A 604 -9.99 28.25 7.72
C GLY A 604 -10.70 27.32 6.76
N TRP A 605 -12.01 27.18 6.96
CA TRP A 605 -12.87 26.39 6.09
C TRP A 605 -12.71 26.84 4.65
N PRO A 606 -12.59 25.94 3.68
CA PRO A 606 -12.51 26.27 2.25
C PRO A 606 -13.74 27.05 1.75
N ALA A 607 -13.49 28.09 0.96
CA ALA A 607 -14.56 28.90 0.40
C ALA A 607 -15.55 28.07 -0.41
N HIS A 608 -15.03 27.15 -1.21
CA HIS A 608 -15.88 26.36 -2.12
C HIS A 608 -16.77 25.37 -1.37
N MET A 609 -16.60 25.28 -0.06
CA MET A 609 -17.46 24.44 0.78
C MET A 609 -18.32 25.30 1.71
N LEU A 610 -18.60 26.53 1.30
CA LEU A 610 -19.40 27.43 2.11
C LEU A 610 -20.81 26.88 2.32
N LEU A 611 -21.39 26.33 1.26
CA LEU A 611 -22.72 25.74 1.32
C LEU A 611 -22.67 24.23 1.26
N PRO A 612 -23.65 23.55 1.85
CA PRO A 612 -23.80 22.11 1.65
C PRO A 612 -23.98 21.77 0.18
N LYS A 613 -23.70 20.53 -0.21
CA LYS A 613 -23.88 20.12 -1.60
C LYS A 613 -25.36 20.16 -1.97
N GLY A 614 -26.18 19.50 -1.17
CA GLY A 614 -27.60 19.39 -1.45
C GLY A 614 -27.82 18.29 -2.48
N ASN A 615 -28.97 18.32 -3.14
CA ASN A 615 -29.20 17.41 -4.26
C ASN A 615 -29.77 18.16 -5.45
N ALA A 616 -30.12 17.42 -6.49
CA ALA A 616 -30.55 18.02 -7.75
C ALA A 616 -32.03 18.38 -7.70
N ASN A 617 -32.72 17.86 -6.70
CA ASN A 617 -34.14 18.15 -6.51
C ASN A 617 -34.37 19.48 -5.80
N GLY A 618 -33.40 19.87 -4.98
CA GLY A 618 -33.49 21.10 -4.20
C GLY A 618 -33.79 20.80 -2.74
N VAL A 619 -33.04 21.44 -1.85
CA VAL A 619 -33.24 21.29 -0.41
C VAL A 619 -33.58 22.64 0.23
N GLU A 620 -34.69 22.68 0.97
CA GLU A 620 -35.14 23.92 1.60
C GLU A 620 -34.51 24.16 2.97
N PHE A 621 -33.89 25.32 3.13
CA PHE A 621 -33.33 25.71 4.42
C PHE A 621 -34.03 26.95 4.98
N ASP A 622 -33.89 27.16 6.28
CA ASP A 622 -34.28 28.44 6.89
C ASP A 622 -33.05 29.27 7.12
N LEU A 623 -32.82 30.26 6.26
CA LEU A 623 -31.73 31.18 6.47
C LEU A 623 -32.06 32.08 7.65
N PHE A 624 -31.19 32.08 8.66
CA PHE A 624 -31.43 32.84 9.88
C PHE A 624 -30.43 33.98 10.02
N ALA A 625 -30.92 35.17 10.31
CA ALA A 625 -30.04 36.32 10.55
C ALA A 625 -30.43 36.98 11.85
N MET A 626 -29.43 37.46 12.58
CA MET A 626 -29.66 38.07 13.88
C MET A 626 -28.77 39.28 14.10
N VAL A 627 -29.34 40.34 14.69
CA VAL A 627 -28.56 41.51 15.04
C VAL A 627 -28.45 41.61 16.55
N SER A 628 -27.34 41.11 17.10
CA SER A 628 -27.14 41.11 18.54
C SER A 628 -26.48 42.42 18.99
N ARG A 629 -26.49 42.67 20.29
CA ARG A 629 -26.03 43.94 20.83
C ARG A 629 -24.53 43.95 21.11
N PHE A 630 -23.86 45.01 20.65
CA PHE A 630 -22.42 45.16 20.79
C PHE A 630 -21.96 45.19 22.24
N GLU A 631 -22.87 45.54 23.14
CA GLU A 631 -22.55 45.57 24.58
C GLU A 631 -22.17 44.19 25.09
N ASP A 632 -22.85 43.16 24.60
CA ASP A 632 -22.53 41.78 24.97
C ASP A 632 -21.54 41.18 23.97
N ASP A 633 -21.46 41.77 22.82
CA ASP A 633 -20.80 41.09 21.79
C ASP A 633 -19.36 41.39 21.72
N ASN A 634 -18.85 42.26 22.56
CA ASN A 634 -17.51 42.76 22.37
C ASN A 634 -16.46 42.29 23.31
N ALA A 635 -15.47 41.62 22.78
CA ALA A 635 -14.21 41.46 23.45
C ALA A 635 -13.44 42.68 22.98
N ASN A 636 -12.30 42.98 23.56
CA ASN A 636 -11.62 44.23 23.23
C ASN A 636 -10.45 43.92 22.30
N VAL A 637 -10.76 43.35 21.14
CA VAL A 637 -9.78 43.15 20.08
C VAL A 637 -10.09 44.03 18.87
N ASN A 642 -10.35 42.85 8.71
CA ASN A 642 -10.55 41.80 7.72
C ASN A 642 -9.86 42.14 6.40
N ALA A 643 -8.56 42.39 6.47
CA ALA A 643 -7.74 42.68 5.28
C ALA A 643 -6.40 41.93 5.36
N GLY A 644 -6.20 41.26 6.49
CA GLY A 644 -5.00 40.46 6.73
C GLY A 644 -5.34 38.99 6.52
N CYS A 645 -5.36 38.24 7.63
CA CYS A 645 -5.74 36.83 7.61
C CYS A 645 -6.88 36.65 8.59
N ASP A 646 -7.54 37.75 8.91
CA ASP A 646 -8.60 37.79 9.92
C ASP A 646 -9.97 37.61 9.28
N ASP A 647 -10.09 36.66 8.37
CA ASP A 647 -11.36 36.43 7.69
C ASP A 647 -11.84 35.00 7.89
N SER A 648 -11.32 34.34 8.92
CA SER A 648 -11.71 32.96 9.23
C SER A 648 -11.85 32.74 10.73
N TYR A 649 -12.24 33.78 11.46
CA TYR A 649 -12.27 33.70 12.91
C TYR A 649 -13.27 32.65 13.43
N ALA A 650 -14.36 32.44 12.69
CA ALA A 650 -15.43 31.52 13.09
C ALA A 650 -14.87 30.17 13.58
N PHE A 651 -13.93 29.60 12.81
CA PHE A 651 -13.28 28.35 13.20
C PHE A 651 -11.89 28.57 13.79
N CYS A 652 -11.24 29.66 13.44
CA CYS A 652 -9.82 29.86 13.76
C CYS A 652 -9.55 30.96 14.79
N GLY A 653 -10.57 31.81 15.07
CA GLY A 653 -10.37 32.97 15.93
C GLY A 653 -9.40 33.94 15.27
N LEU A 654 -8.67 34.70 16.07
CA LEU A 654 -7.70 35.65 15.53
C LEU A 654 -6.29 35.32 15.98
N ARG A 655 -5.32 35.52 15.10
CA ARG A 655 -3.92 35.23 15.40
C ARG A 655 -3.36 36.18 16.46
N ASP A 656 -2.81 35.60 17.53
CA ASP A 656 -2.22 36.33 18.66
C ASP A 656 -3.20 37.27 19.34
N ARG A 657 -4.49 36.97 19.23
CA ARG A 657 -5.53 37.80 19.83
C ARG A 657 -6.67 36.95 20.38
N VAL A 658 -7.62 37.60 21.03
CA VAL A 658 -8.76 36.91 21.62
C VAL A 658 -9.87 36.70 20.59
N TYR A 659 -10.74 35.73 20.87
CA TYR A 659 -11.89 35.47 20.02
C TYR A 659 -12.81 36.69 20.04
N PRO A 660 -13.02 37.31 18.87
CA PRO A 660 -13.68 38.62 18.76
C PRO A 660 -15.16 38.63 19.14
N SER A 661 -15.71 37.46 19.46
CA SER A 661 -17.07 37.39 19.98
C SER A 661 -17.07 36.88 21.42
N ARG A 662 -17.65 37.65 22.33
CA ARG A 662 -17.69 37.28 23.73
C ARG A 662 -18.71 36.18 24.00
N ARG A 663 -19.77 36.15 23.21
CA ARG A 663 -20.81 35.13 23.31
C ARG A 663 -20.19 33.75 23.09
N ALA A 664 -20.86 32.72 23.59
CA ALA A 664 -20.45 31.35 23.34
C ALA A 664 -20.48 31.09 21.84
N MET A 665 -19.51 30.32 21.36
CA MET A 665 -19.44 29.98 19.94
C MET A 665 -20.64 29.14 19.54
N GLY A 666 -21.40 29.62 18.57
CA GLY A 666 -22.63 28.97 18.15
C GLY A 666 -23.86 29.78 18.51
N PHE A 667 -23.66 30.87 19.26
CA PHE A 667 -24.73 31.76 19.67
C PHE A 667 -25.57 32.20 18.46
N PRO A 668 -26.90 32.16 18.60
CA PRO A 668 -27.67 31.81 19.80
C PRO A 668 -28.18 30.37 19.83
N PHE A 669 -27.54 29.46 19.12
CA PHE A 669 -28.08 28.11 18.99
C PHE A 669 -27.33 27.07 19.82
N ASP A 670 -26.34 27.49 20.58
CA ASP A 670 -25.56 26.52 21.35
C ASP A 670 -26.30 26.07 22.62
N ARG A 671 -27.38 26.77 22.95
CA ARG A 671 -28.20 26.41 24.10
C ARG A 671 -29.61 26.07 23.62
N ARG A 672 -30.26 25.16 24.33
CA ARG A 672 -31.63 24.79 23.97
C ARG A 672 -32.57 25.96 24.27
N ALA A 673 -33.61 26.09 23.47
CA ALA A 673 -34.51 27.24 23.57
C ALA A 673 -35.52 27.08 24.70
N SER A 674 -36.39 28.07 24.82
CA SER A 674 -37.45 28.09 25.81
C SER A 674 -38.38 26.90 25.65
N ASN A 675 -39.03 26.49 26.74
CA ASN A 675 -39.83 25.28 26.76
C ASN A 675 -40.99 25.33 25.76
N GLY A 676 -41.50 26.53 25.51
CA GLY A 676 -42.63 26.71 24.63
C GLY A 676 -42.27 26.86 23.16
N VAL A 677 -40.99 26.74 22.84
CA VAL A 677 -40.53 26.84 21.46
C VAL A 677 -40.64 25.48 20.77
N ARG A 678 -41.30 25.45 19.62
CA ARG A 678 -41.57 24.20 18.94
C ARG A 678 -41.21 24.29 17.45
N SER A 679 -41.01 25.51 16.97
CA SER A 679 -40.59 25.72 15.59
C SER A 679 -39.44 26.71 15.55
N VAL A 680 -38.86 26.90 14.37
CA VAL A 680 -37.84 27.92 14.18
C VAL A 680 -38.51 29.29 14.25
N ALA A 681 -39.76 29.35 13.80
CA ALA A 681 -40.55 30.58 13.81
C ALA A 681 -40.80 31.07 15.23
N ASP A 682 -41.13 30.13 16.11
CA ASP A 682 -41.35 30.43 17.52
C ASP A 682 -40.11 31.04 18.17
N PHE A 683 -38.95 30.48 17.85
CA PHE A 683 -37.69 30.94 18.42
C PHE A 683 -37.42 32.41 18.12
N VAL A 684 -37.87 32.88 16.95
CA VAL A 684 -37.55 34.22 16.51
C VAL A 684 -38.75 35.18 16.60
N ALA A 685 -39.92 34.63 16.92
CA ALA A 685 -41.13 35.44 17.02
C ALA A 685 -41.04 36.58 18.04
N PRO A 686 -40.53 36.32 19.26
CA PRO A 686 -40.49 37.44 20.20
C PRO A 686 -39.40 38.48 19.91
N TYR A 687 -38.52 38.21 18.95
CA TYR A 687 -37.41 39.13 18.69
C TYR A 687 -37.45 39.70 17.28
N LYS A 688 -37.54 41.03 17.19
CA LYS A 688 -37.66 41.69 15.90
C LYS A 688 -36.29 41.93 15.28
N ASN A 689 -35.24 41.64 16.04
CA ASN A 689 -33.88 41.73 15.52
C ASN A 689 -33.48 40.42 14.84
N MET A 690 -34.43 39.49 14.76
CA MET A 690 -34.26 38.24 14.05
C MET A 690 -35.23 38.15 12.88
N ARG A 691 -34.81 37.50 11.80
CA ARG A 691 -35.69 37.25 10.67
C ARG A 691 -35.25 35.99 9.92
N LEU A 692 -36.23 35.24 9.43
CA LEU A 692 -35.94 34.06 8.63
C LEU A 692 -36.19 34.32 7.17
N ALA A 693 -35.42 33.64 6.32
CA ALA A 693 -35.67 33.65 4.89
C ALA A 693 -35.60 32.23 4.38
N THR A 694 -36.64 31.80 3.67
CA THR A 694 -36.65 30.46 3.11
C THR A 694 -35.76 30.42 1.87
N VAL A 695 -34.74 29.56 1.91
CA VAL A 695 -33.82 29.47 0.79
C VAL A 695 -33.77 28.05 0.23
N THR A 696 -33.62 27.95 -1.09
CA THR A 696 -33.53 26.66 -1.74
C THR A 696 -32.11 26.42 -2.23
N LEU A 697 -31.57 25.26 -1.87
CA LEU A 697 -30.24 24.86 -2.31
C LEU A 697 -30.36 23.73 -3.32
N ARG A 698 -29.85 23.94 -4.52
CA ARG A 698 -29.96 22.94 -5.58
C ARG A 698 -28.59 22.61 -6.17
N PHE A 699 -28.34 21.32 -6.37
CA PHE A 699 -27.07 20.88 -6.94
C PHE A 699 -27.18 20.73 -8.45
N MET A 700 -26.18 21.27 -9.16
CA MET A 700 -26.09 21.10 -10.61
C MET A 700 -24.98 20.12 -10.97
N ASN A 701 -25.36 18.96 -11.49
CA ASN A 701 -24.39 17.93 -11.86
C ASN A 701 -23.64 18.30 -13.13
N THR A 702 -22.77 19.31 -13.04
CA THR A 702 -21.94 19.73 -14.17
C THR A 702 -20.60 20.27 -13.69
N ILE A 703 -19.57 20.10 -14.52
CA ILE A 703 -18.23 20.54 -14.15
C ILE A 703 -17.84 21.83 -14.86
N ILE A 704 -17.49 22.85 -14.07
CA ILE A 704 -17.05 24.13 -14.61
C ILE A 704 -15.59 24.38 -14.25
N ASP A 705 -14.77 24.74 -15.24
CA ASP A 705 -13.35 24.97 -15.02
C ASP A 705 -13.12 26.31 -14.32
N ARG A 706 -12.02 26.41 -13.59
CA ARG A 706 -11.72 27.62 -12.83
C ARG A 706 -11.14 28.71 -13.72
N THR B 12 22.68 -8.96 -32.63
CA THR B 12 22.05 -10.25 -32.37
C THR B 12 20.53 -10.14 -32.31
N LEU B 13 19.85 -11.26 -32.51
CA LEU B 13 18.39 -11.28 -32.44
C LEU B 13 17.94 -11.10 -31.00
N THR B 14 18.77 -11.53 -30.06
CA THR B 14 18.50 -11.35 -28.64
C THR B 14 18.53 -9.87 -28.26
N GLN B 15 19.39 -9.11 -28.95
CA GLN B 15 19.54 -7.69 -28.72
C GLN B 15 18.25 -6.95 -29.05
N LYS B 16 17.64 -7.32 -30.18
CA LYS B 16 16.42 -6.64 -30.63
C LYS B 16 15.25 -6.89 -29.69
N PHE B 17 15.19 -8.06 -29.09
CA PHE B 17 14.12 -8.39 -28.16
C PHE B 17 14.39 -7.88 -26.76
N HIS B 18 15.67 -7.79 -26.40
CA HIS B 18 16.06 -7.37 -25.06
C HIS B 18 15.50 -6.00 -24.69
N GLY B 19 15.54 -5.06 -25.64
CA GLY B 19 15.05 -3.72 -25.42
C GLY B 19 13.56 -3.69 -25.10
N LEU B 20 12.81 -4.63 -25.67
CA LEU B 20 11.40 -4.76 -25.36
C LEU B 20 11.20 -5.37 -23.98
N LEU B 21 12.09 -6.29 -23.62
CA LEU B 21 11.98 -7.05 -22.39
C LEU B 21 12.71 -6.38 -21.23
N GLN B 22 12.43 -5.10 -21.03
CA GLN B 22 12.98 -4.34 -19.91
C GLN B 22 12.24 -3.03 -19.78
N HIS B 23 12.39 -2.39 -18.61
CA HIS B 23 11.73 -1.12 -18.28
C HIS B 23 10.33 -1.02 -18.88
N PRO B 24 9.41 -1.88 -18.42
CA PRO B 24 8.09 -2.09 -19.03
C PRO B 24 7.27 -0.82 -19.28
N LEU B 25 7.26 0.12 -18.34
CA LEU B 25 6.43 1.31 -18.48
C LEU B 25 7.20 2.46 -19.14
N GLU B 26 8.45 2.23 -19.47
CA GLU B 26 9.22 3.17 -20.29
C GLU B 26 9.08 2.84 -21.76
N PRO B 27 8.43 3.74 -22.53
CA PRO B 27 8.15 3.55 -23.95
C PRO B 27 9.40 3.34 -24.80
N LEU B 28 9.23 2.83 -26.01
CA LEU B 28 10.35 2.41 -26.83
C LEU B 28 11.21 3.55 -27.35
N PHE B 29 10.69 4.77 -27.36
CA PHE B 29 11.48 5.89 -27.86
C PHE B 29 12.52 6.33 -26.83
N LEU B 30 12.43 5.80 -25.62
CA LEU B 30 13.45 6.05 -24.61
C LEU B 30 14.55 4.99 -24.73
N PRO B 31 15.82 5.42 -24.61
CA PRO B 31 16.97 4.53 -24.77
C PRO B 31 16.98 3.38 -23.76
N LYS B 32 17.14 2.17 -24.26
CA LYS B 32 17.17 0.98 -23.43
C LYS B 32 18.62 0.56 -23.16
N ASN B 33 18.80 -0.40 -22.26
CA ASN B 33 20.13 -0.90 -21.87
C ASN B 33 21.12 0.20 -21.49
N ASP B 34 20.74 0.98 -20.48
CA ASP B 34 21.55 2.11 -19.99
C ASP B 34 21.95 3.09 -21.10
N GLY B 35 20.98 3.47 -21.93
CA GLY B 35 21.21 4.46 -22.96
C GLY B 35 22.13 3.99 -24.08
N THR B 36 22.15 2.69 -24.34
CA THR B 36 23.01 2.13 -25.37
C THR B 36 22.21 1.57 -26.54
N LEU B 37 21.05 1.02 -26.23
CA LEU B 37 20.19 0.42 -27.25
C LEU B 37 19.05 1.37 -27.61
N PHE B 38 18.93 1.68 -28.90
CA PHE B 38 17.92 2.62 -29.38
C PHE B 38 16.99 1.96 -30.39
N TYR B 39 15.81 2.56 -30.58
CA TYR B 39 14.84 2.03 -31.53
C TYR B 39 14.34 3.10 -32.49
N ASP B 40 14.54 2.86 -33.78
CA ASP B 40 14.00 3.75 -34.79
C ASP B 40 12.62 3.28 -35.19
N LEU B 41 11.61 4.02 -34.73
CA LEU B 41 10.22 3.60 -34.89
C LEU B 41 9.50 4.38 -35.97
N PRO B 42 8.65 3.70 -36.75
CA PRO B 42 7.69 4.40 -37.60
C PRO B 42 6.86 5.35 -36.73
N GLU B 43 6.44 6.43 -37.30
CA GLU B 43 5.86 7.46 -36.52
C GLU B 43 4.67 7.00 -35.78
N ARG B 44 3.86 6.21 -36.43
CA ARG B 44 2.59 5.77 -35.90
C ARG B 44 2.73 4.64 -34.89
N PHE B 45 3.97 4.28 -34.56
CA PHE B 45 4.20 3.30 -33.51
C PHE B 45 4.09 3.95 -32.14
N LEU B 46 4.40 5.24 -32.08
CA LEU B 46 4.19 6.02 -30.87
C LEU B 46 2.71 6.15 -30.57
N THR B 47 2.37 6.12 -29.28
CA THR B 47 0.97 6.20 -28.88
C THR B 47 0.48 7.64 -28.93
N SER B 48 -0.84 7.79 -28.86
CA SER B 48 -1.53 9.08 -29.01
C SER B 48 -0.87 10.25 -28.26
N ARG B 49 -0.42 9.99 -27.05
CA ARG B 49 0.11 11.05 -26.20
C ARG B 49 1.46 11.58 -26.71
N TYR B 50 2.35 10.67 -27.09
CA TYR B 50 3.73 11.07 -27.35
C TYR B 50 3.99 11.36 -28.83
N SER B 51 3.06 10.96 -29.69
CA SER B 51 3.15 11.25 -31.11
C SER B 51 3.32 12.74 -31.45
N PRO B 52 2.54 13.63 -30.79
CA PRO B 52 2.72 15.06 -31.12
C PRO B 52 4.10 15.61 -30.84
N ILE B 53 4.82 15.04 -29.89
CA ILE B 53 6.16 15.53 -29.56
C ILE B 53 7.21 14.52 -30.00
N GLY B 54 6.87 13.73 -31.01
CA GLY B 54 7.76 12.70 -31.53
C GLY B 54 9.15 13.19 -31.90
N GLN B 55 9.22 14.32 -32.60
CA GLN B 55 10.51 14.85 -33.03
C GLN B 55 11.32 15.32 -31.84
N ASN B 56 10.67 16.02 -30.91
CA ASN B 56 11.33 16.46 -29.68
C ASN B 56 11.87 15.30 -28.88
N LEU B 57 11.17 14.18 -28.90
CA LEU B 57 11.59 12.98 -28.19
C LEU B 57 12.83 12.38 -28.85
N ALA B 58 12.87 12.44 -30.17
CA ALA B 58 14.03 11.93 -30.91
C ALA B 58 15.23 12.81 -30.65
N ASN B 59 15.02 14.12 -30.62
CA ASN B 59 16.09 15.05 -30.33
C ASN B 59 16.66 14.88 -28.93
N ARG B 60 15.80 14.63 -27.95
CA ARG B 60 16.25 14.48 -26.57
C ARG B 60 16.64 13.06 -26.19
N PHE B 61 16.00 12.06 -26.79
CA PHE B 61 16.25 10.67 -26.40
C PHE B 61 16.66 9.75 -27.56
N GLY B 62 17.12 10.34 -28.66
CA GLY B 62 17.52 9.56 -29.82
C GLY B 62 18.99 9.19 -29.77
N PRO B 63 19.43 8.39 -30.75
CA PRO B 63 20.83 7.99 -30.88
C PRO B 63 21.75 9.19 -31.12
N ASN B 64 21.19 10.27 -31.65
CA ASN B 64 21.97 11.47 -31.93
C ASN B 64 21.72 12.58 -30.91
N SER B 65 21.01 12.25 -29.84
CA SER B 65 20.69 13.25 -28.82
C SER B 65 21.93 13.76 -28.10
N PRO B 66 21.80 14.92 -27.43
CA PRO B 66 22.92 15.46 -26.65
C PRO B 66 23.25 14.62 -25.43
N ALA B 67 22.34 13.72 -25.05
CA ALA B 67 22.62 12.73 -24.02
C ALA B 67 23.34 11.51 -24.57
N SER B 68 23.11 11.23 -25.86
CA SER B 68 23.69 10.06 -26.50
C SER B 68 25.17 10.24 -26.81
N SER B 69 25.62 11.49 -26.75
CA SER B 69 26.99 11.82 -27.14
C SER B 69 28.04 11.20 -26.22
N GLN B 70 27.79 11.23 -24.91
CA GLN B 70 28.82 10.88 -23.94
C GLN B 70 28.68 9.49 -23.34
N VAL B 71 27.75 8.69 -23.87
CA VAL B 71 27.55 7.35 -23.34
C VAL B 71 28.75 6.46 -23.67
N SER B 72 29.37 6.71 -24.82
CA SER B 72 30.56 5.96 -25.24
C SER B 72 31.81 6.47 -24.52
N ASN B 73 31.61 7.06 -23.34
CA ASN B 73 32.69 7.53 -22.49
C ASN B 73 32.57 6.98 -21.07
N PRO B 78 28.88 0.71 -28.76
CA PRO B 78 28.37 2.07 -28.59
C PRO B 78 28.13 2.77 -29.90
N PRO B 79 26.95 3.38 -30.07
CA PRO B 79 25.68 2.91 -29.54
C PRO B 79 25.07 1.87 -30.49
N THR B 80 24.08 1.11 -30.04
CA THR B 80 23.40 0.16 -30.94
C THR B 80 21.99 0.65 -31.33
N VAL B 81 21.71 0.66 -32.64
CA VAL B 81 20.40 1.10 -33.14
C VAL B 81 19.62 -0.02 -33.83
N VAL B 82 18.39 -0.25 -33.37
CA VAL B 82 17.50 -1.26 -33.93
C VAL B 82 16.43 -0.64 -34.83
N THR B 83 16.39 -1.07 -36.09
CA THR B 83 15.42 -0.52 -37.04
C THR B 83 14.12 -1.32 -37.05
N ILE B 84 13.02 -0.65 -36.75
CA ILE B 84 11.70 -1.26 -36.75
C ILE B 84 10.95 -0.92 -38.04
N LYS B 85 10.55 -1.95 -38.77
CA LYS B 85 9.79 -1.77 -40.01
C LYS B 85 8.32 -1.55 -39.70
N ASP B 86 7.66 -0.71 -40.49
CA ASP B 86 6.23 -0.49 -40.33
C ASP B 86 5.46 -1.74 -40.76
N LEU B 87 4.29 -1.94 -40.19
CA LEU B 87 3.48 -3.10 -40.52
C LEU B 87 2.58 -2.79 -41.71
N ASP B 88 2.35 -3.78 -42.56
CA ASP B 88 1.48 -3.63 -43.72
C ASP B 88 0.03 -3.46 -43.26
N GLU B 89 -0.29 -4.09 -42.16
CA GLU B 89 -1.48 -3.76 -41.46
C GLU B 89 -1.29 -3.90 -39.99
N LEU B 90 -1.90 -2.98 -39.27
CA LEU B 90 -1.89 -2.97 -37.81
C LEU B 90 -2.74 -4.11 -37.26
N PRO B 91 -2.22 -4.83 -36.28
CA PRO B 91 -2.90 -5.99 -35.67
C PRO B 91 -4.02 -5.59 -34.72
N ASP B 92 -5.04 -6.43 -34.64
CA ASP B 92 -6.16 -6.22 -33.73
C ASP B 92 -5.77 -6.47 -32.28
N LEU B 93 -5.77 -5.41 -31.47
CA LEU B 93 -5.42 -5.50 -30.06
C LEU B 93 -6.62 -5.23 -29.17
N THR B 94 -7.81 -5.29 -29.76
CA THR B 94 -9.04 -4.96 -29.04
C THR B 94 -9.35 -5.97 -27.94
N PHE B 95 -8.83 -7.19 -28.09
CA PHE B 95 -9.09 -8.25 -27.13
C PHE B 95 -8.45 -7.94 -25.77
N ALA B 96 -7.43 -7.09 -25.78
CA ALA B 96 -6.65 -6.80 -24.58
C ALA B 96 -6.85 -5.37 -24.09
N THR B 97 -7.61 -4.59 -24.85
CA THR B 97 -7.75 -3.17 -24.59
C THR B 97 -8.51 -2.87 -23.29
N TRP B 98 -9.40 -3.77 -22.87
CA TRP B 98 -10.13 -3.56 -21.63
C TRP B 98 -9.24 -3.64 -20.39
N ILE B 99 -8.03 -4.17 -20.56
CA ILE B 99 -7.03 -4.16 -19.51
C ILE B 99 -6.07 -3.00 -19.69
N LYS B 100 -6.24 -1.94 -18.88
CA LYS B 100 -5.46 -0.73 -19.07
C LYS B 100 -3.97 -0.98 -18.85
N ARG B 101 -3.16 -0.14 -19.49
CA ARG B 101 -1.71 -0.28 -19.49
C ARG B 101 -1.10 -0.39 -18.08
N ARG B 102 -1.71 0.29 -17.11
CA ARG B 102 -1.20 0.31 -15.74
C ARG B 102 -2.07 -0.48 -14.75
N ASP B 103 -3.09 -1.17 -15.26
CA ASP B 103 -3.99 -1.96 -14.40
C ASP B 103 -3.27 -3.14 -13.76
N SER B 104 -3.90 -3.71 -12.73
CA SER B 104 -3.38 -4.91 -12.10
C SER B 104 -3.68 -6.10 -12.98
N PHE B 105 -2.80 -7.09 -12.97
CA PHE B 105 -2.92 -8.27 -13.82
C PHE B 105 -2.82 -9.55 -12.99
N SER B 106 -3.76 -10.46 -13.19
CA SER B 106 -3.78 -11.71 -12.42
C SER B 106 -3.98 -12.93 -13.32
N LEU B 107 -3.02 -13.84 -13.28
CA LEU B 107 -3.11 -15.06 -14.09
C LEU B 107 -4.14 -16.05 -13.55
N PHE B 108 -4.75 -15.74 -12.41
CA PHE B 108 -5.83 -16.58 -11.90
C PHE B 108 -7.17 -16.07 -12.38
N ASN B 109 -7.13 -14.94 -13.10
CA ASN B 109 -8.32 -14.40 -13.74
C ASN B 109 -8.45 -15.00 -15.13
N PRO B 110 -9.47 -15.85 -15.33
CA PRO B 110 -9.68 -16.55 -16.61
C PRO B 110 -9.72 -15.58 -17.79
N GLU B 111 -10.33 -14.42 -17.60
CA GLU B 111 -10.41 -13.41 -18.64
C GLU B 111 -9.04 -12.79 -18.91
N HIS B 112 -8.18 -12.76 -17.89
CA HIS B 112 -6.82 -12.28 -18.08
C HIS B 112 -5.98 -13.32 -18.80
N ARG B 113 -6.17 -14.59 -18.45
CA ARG B 113 -5.49 -15.69 -19.16
C ARG B 113 -5.92 -15.70 -20.62
N LYS B 114 -7.21 -15.46 -20.87
CA LYS B 114 -7.74 -15.41 -22.23
C LYS B 114 -7.07 -14.32 -23.05
N ALA B 115 -6.88 -13.15 -22.44
CA ALA B 115 -6.21 -12.05 -23.13
C ALA B 115 -4.75 -12.41 -23.40
N ALA B 116 -4.12 -13.10 -22.47
CA ALA B 116 -2.73 -13.52 -22.61
C ALA B 116 -2.59 -14.54 -23.74
N GLY B 117 -3.52 -15.48 -23.80
CA GLY B 117 -3.51 -16.50 -24.82
C GLY B 117 -3.56 -15.95 -26.23
N LYS B 118 -4.47 -15.02 -26.48
CA LYS B 118 -4.64 -14.45 -27.81
C LYS B 118 -3.42 -13.62 -28.23
N LEU B 119 -2.84 -12.89 -27.29
CA LEU B 119 -1.64 -12.12 -27.59
C LEU B 119 -0.46 -13.04 -27.84
N THR B 120 -0.36 -14.11 -27.06
CA THR B 120 0.66 -15.13 -27.26
C THR B 120 0.50 -15.80 -28.63
N LYS B 121 -0.74 -16.13 -28.97
CA LYS B 121 -1.07 -16.73 -30.26
C LYS B 121 -0.67 -15.80 -31.39
N LEU B 122 -0.95 -14.52 -31.23
CA LEU B 122 -0.61 -13.51 -32.23
C LEU B 122 0.90 -13.46 -32.45
N PHE B 123 1.66 -13.70 -31.39
CA PHE B 123 3.11 -13.66 -31.47
C PHE B 123 3.68 -14.93 -32.11
N LEU B 124 3.07 -16.07 -31.79
CA LEU B 124 3.49 -17.34 -32.37
C LEU B 124 3.13 -17.43 -33.86
N ASP B 125 2.09 -16.71 -34.25
CA ASP B 125 1.56 -16.79 -35.61
C ASP B 125 2.34 -15.91 -36.60
N GLN B 126 3.34 -15.18 -36.10
CA GLN B 126 4.15 -14.33 -36.96
C GLN B 126 5.01 -15.19 -37.89
N PRO B 127 5.11 -14.79 -39.17
CA PRO B 127 5.83 -15.54 -40.21
C PRO B 127 7.28 -15.82 -39.83
N ASN B 128 7.95 -14.82 -39.25
CA ASN B 128 9.33 -14.97 -38.85
C ASN B 128 9.65 -14.16 -37.60
N ALA B 129 10.87 -14.31 -37.09
CA ALA B 129 11.28 -13.65 -35.87
C ALA B 129 11.37 -12.13 -36.04
N ASP B 130 11.81 -11.69 -37.22
CA ASP B 130 11.98 -10.26 -37.45
C ASP B 130 10.66 -9.50 -37.58
N ARG B 131 9.62 -10.17 -38.06
CA ARG B 131 8.31 -9.54 -38.11
C ARG B 131 7.67 -9.57 -36.73
N LEU B 132 8.11 -10.52 -35.89
CA LEU B 132 7.66 -10.58 -34.51
C LEU B 132 8.16 -9.37 -33.73
N VAL B 133 9.42 -8.99 -33.98
CA VAL B 133 10.01 -7.83 -33.33
C VAL B 133 9.17 -6.58 -33.63
N ASP B 134 8.81 -6.42 -34.90
CA ASP B 134 7.99 -5.29 -35.33
C ASP B 134 6.64 -5.27 -34.62
N VAL B 135 5.92 -6.39 -34.66
CA VAL B 135 4.61 -6.46 -34.04
C VAL B 135 4.70 -6.30 -32.53
N ALA B 136 5.74 -6.89 -31.92
CA ALA B 136 5.94 -6.76 -30.48
C ALA B 136 6.26 -5.32 -30.11
N ALA B 137 7.02 -4.65 -30.96
CA ALA B 137 7.38 -3.25 -30.74
C ALA B 137 6.16 -2.35 -30.82
N TYR B 138 5.23 -2.68 -31.71
CA TYR B 138 4.01 -1.89 -31.86
C TYR B 138 3.08 -2.07 -30.66
N ALA B 139 2.94 -3.30 -30.20
CA ALA B 139 1.97 -3.62 -29.15
C ALA B 139 2.45 -3.17 -27.76
N ARG B 140 3.76 -3.13 -27.56
CA ARG B 140 4.34 -2.92 -26.23
C ARG B 140 3.76 -1.73 -25.47
N ASP B 141 3.84 -0.54 -26.05
CA ASP B 141 3.43 0.68 -25.36
C ASP B 141 1.92 0.91 -25.41
N ARG B 142 1.20 0.01 -26.08
CA ARG B 142 -0.24 0.12 -26.18
C ARG B 142 -0.93 -0.90 -25.29
N LEU B 143 -0.15 -1.63 -24.51
CA LEU B 143 -0.65 -2.82 -23.84
C LEU B 143 -0.22 -2.89 -22.38
N ASN B 144 -1.06 -3.53 -21.57
CA ASN B 144 -0.74 -3.80 -20.18
C ASN B 144 0.63 -4.47 -20.05
N ALA B 145 1.51 -3.86 -19.27
CA ALA B 145 2.91 -4.30 -19.22
C ALA B 145 3.07 -5.75 -18.74
N PRO B 146 2.42 -6.13 -17.60
CA PRO B 146 2.53 -7.55 -17.23
C PRO B 146 2.00 -8.49 -18.31
N LEU B 147 0.88 -8.11 -18.92
CA LEU B 147 0.27 -8.89 -20.00
C LEU B 147 1.21 -9.06 -21.18
N PHE B 148 1.81 -7.97 -21.63
CA PHE B 148 2.72 -8.00 -22.77
C PHE B 148 3.98 -8.81 -22.49
N GLN B 149 4.63 -8.52 -21.36
CA GLN B 149 5.86 -9.20 -20.98
C GLN B 149 5.67 -10.71 -20.86
N TYR B 150 4.50 -11.12 -20.38
CA TYR B 150 4.21 -12.54 -20.19
C TYR B 150 4.07 -13.25 -21.54
N ALA B 151 3.18 -12.73 -22.37
CA ALA B 151 2.91 -13.29 -23.70
C ALA B 151 4.17 -13.39 -24.55
N LEU B 152 4.89 -12.27 -24.67
CA LEU B 152 6.12 -12.24 -25.45
C LEU B 152 7.11 -13.27 -24.94
N SER B 153 7.19 -13.40 -23.62
CA SER B 153 8.05 -14.40 -23.00
C SER B 153 7.66 -15.80 -23.45
N VAL B 154 6.38 -16.13 -23.33
CA VAL B 154 5.88 -17.46 -23.68
C VAL B 154 6.15 -17.77 -25.14
N ALA B 155 5.86 -16.79 -26.01
CA ALA B 155 6.07 -16.95 -27.44
C ALA B 155 7.54 -17.18 -27.79
N LEU B 156 8.44 -16.49 -27.10
CA LEU B 156 9.86 -16.62 -27.37
C LEU B 156 10.39 -17.99 -26.97
N LEU B 157 9.73 -18.60 -26.00
CA LEU B 157 10.15 -19.91 -25.53
C LEU B 157 9.70 -21.05 -26.44
N HIS B 158 8.77 -20.77 -27.35
CA HIS B 158 8.17 -21.83 -28.16
C HIS B 158 8.38 -21.67 -29.66
N ARG B 159 8.64 -20.45 -30.11
CA ARG B 159 8.98 -20.24 -31.52
C ARG B 159 10.30 -20.94 -31.85
N PRO B 160 10.28 -21.78 -32.89
CA PRO B 160 11.50 -22.50 -33.31
C PRO B 160 12.62 -21.56 -33.73
N ASP B 161 12.26 -20.44 -34.35
CA ASP B 161 13.26 -19.50 -34.86
C ASP B 161 13.79 -18.52 -33.81
N THR B 162 13.36 -18.68 -32.57
CA THR B 162 13.91 -17.89 -31.47
C THR B 162 14.33 -18.79 -30.32
N LYS B 163 14.78 -20.00 -30.67
CA LYS B 163 15.15 -21.00 -29.68
C LYS B 163 16.30 -20.55 -28.77
N SER B 164 17.23 -19.79 -29.34
CA SER B 164 18.39 -19.32 -28.58
C SER B 164 18.34 -17.82 -28.32
N VAL B 165 17.15 -17.31 -28.03
CA VAL B 165 17.00 -15.92 -27.62
C VAL B 165 16.93 -15.84 -26.10
N SER B 166 17.90 -15.16 -25.50
CA SER B 166 17.95 -15.02 -24.05
C SER B 166 16.85 -14.08 -23.56
N VAL B 167 16.07 -14.51 -22.59
CA VAL B 167 14.98 -13.71 -22.03
C VAL B 167 15.21 -13.45 -20.54
N PRO B 168 15.14 -12.17 -20.13
CA PRO B 168 15.32 -11.74 -18.74
C PRO B 168 14.32 -12.37 -17.76
N SER B 169 14.77 -12.60 -16.53
CA SER B 169 13.90 -13.08 -15.47
C SER B 169 12.89 -12.01 -15.03
N LEU B 170 11.82 -12.44 -14.36
CA LEU B 170 10.79 -11.52 -13.88
C LEU B 170 11.34 -10.55 -12.84
N LEU B 171 12.43 -10.96 -12.20
CA LEU B 171 13.10 -10.14 -11.20
C LEU B 171 13.60 -8.83 -11.83
N HIS B 172 13.89 -8.89 -13.12
CA HIS B 172 14.44 -7.74 -13.83
C HIS B 172 13.40 -7.11 -14.76
N LEU B 173 12.14 -7.44 -14.53
CA LEU B 173 11.02 -6.86 -15.26
C LEU B 173 10.07 -6.17 -14.28
N PHE B 174 9.69 -6.91 -13.24
CA PHE B 174 8.79 -6.38 -12.22
C PHE B 174 9.33 -6.70 -10.82
N PRO B 175 10.37 -5.98 -10.40
CA PRO B 175 11.00 -6.21 -9.09
C PRO B 175 10.05 -5.97 -7.94
N ASP B 176 8.99 -5.21 -8.19
CA ASP B 176 8.02 -4.89 -7.13
C ASP B 176 7.17 -6.10 -6.73
N GLN B 177 7.44 -7.24 -7.33
CA GLN B 177 6.76 -8.47 -6.96
C GLN B 177 7.67 -9.36 -6.12
N PHE B 178 8.84 -8.84 -5.78
CA PHE B 178 9.83 -9.62 -5.04
C PHE B 178 10.51 -8.83 -3.93
N ILE B 179 10.48 -7.50 -4.05
CA ILE B 179 11.28 -6.64 -3.17
C ILE B 179 10.45 -5.69 -2.32
N ASP B 180 10.82 -5.59 -1.05
CA ASP B 180 10.24 -4.63 -0.12
C ASP B 180 10.27 -3.23 -0.72
N PRO B 181 9.08 -2.66 -0.97
CA PRO B 181 8.95 -1.33 -1.58
C PRO B 181 9.62 -0.25 -0.74
N ALA B 182 9.71 -0.47 0.57
CA ALA B 182 10.43 0.43 1.46
C ALA B 182 11.90 0.50 1.06
N ALA B 183 12.47 -0.64 0.70
CA ALA B 183 13.85 -0.70 0.25
C ALA B 183 14.01 -0.02 -1.10
N GLN B 184 13.06 -0.28 -2.00
CA GLN B 184 13.13 0.22 -3.37
C GLN B 184 13.04 1.73 -3.43
N VAL B 185 12.22 2.31 -2.56
CA VAL B 185 12.03 3.75 -2.56
C VAL B 185 13.24 4.44 -1.92
N ARG B 186 13.94 3.73 -0.96
CA ARG B 186 15.16 4.22 -0.32
C ARG B 186 16.29 4.23 -1.35
N MET B 187 16.18 3.33 -2.30
CA MET B 187 17.15 3.22 -3.37
C MET B 187 17.05 4.39 -4.33
N MET B 188 15.86 4.96 -4.44
CA MET B 188 15.62 6.10 -5.31
C MET B 188 16.46 7.29 -4.85
N GLU B 189 16.69 7.41 -3.55
CA GLU B 189 17.54 8.46 -3.01
C GLU B 189 19.01 8.20 -3.32
N GLU B 190 19.44 6.97 -3.11
CA GLU B 190 20.84 6.59 -3.32
C GLU B 190 21.27 6.80 -4.77
N GLY B 191 20.39 6.48 -5.71
CA GLY B 191 20.69 6.62 -7.12
C GLY B 191 20.69 8.07 -7.58
N SER B 192 19.69 8.83 -7.13
CA SER B 192 19.54 10.22 -7.54
C SER B 192 20.70 11.09 -7.07
N ILE B 193 21.22 10.79 -5.89
CA ILE B 193 22.25 11.62 -5.28
C ILE B 193 23.66 11.11 -5.55
N VAL B 194 23.87 9.82 -5.30
CA VAL B 194 25.21 9.25 -5.35
C VAL B 194 25.54 8.67 -6.72
N LEU B 195 26.74 8.97 -7.23
CA LEU B 195 27.23 8.37 -8.47
C LEU B 195 27.32 6.85 -8.34
N ASP B 196 27.09 6.16 -9.46
CA ASP B 196 27.13 4.70 -9.49
C ASP B 196 28.47 4.19 -8.99
N GLU B 197 29.50 5.01 -9.21
CA GLU B 197 30.86 4.71 -8.79
C GLU B 197 30.96 4.53 -7.27
N ASN B 198 30.06 5.19 -6.53
CA ASN B 198 30.13 5.20 -5.07
C ASN B 198 28.94 4.55 -4.36
N ARG B 199 28.00 3.98 -5.12
CA ARG B 199 26.73 3.54 -4.56
C ARG B 199 26.85 2.32 -3.66
N MET B 200 25.89 2.16 -2.77
CA MET B 200 25.83 1.03 -1.85
C MET B 200 24.49 0.32 -1.93
N PRO B 201 24.51 -1.01 -1.80
CA PRO B 201 23.28 -1.81 -1.78
C PRO B 201 22.37 -1.43 -0.62
N ILE B 202 21.08 -1.28 -0.90
CA ILE B 202 20.11 -1.04 0.16
C ILE B 202 19.68 -2.39 0.74
N PRO B 203 19.97 -2.64 2.02
CA PRO B 203 19.71 -3.95 2.64
C PRO B 203 18.24 -4.20 2.94
N ILE B 204 17.74 -5.39 2.63
CA ILE B 204 16.38 -5.79 3.00
C ILE B 204 16.42 -6.72 4.22
N PRO B 205 15.63 -6.41 5.26
CA PRO B 205 15.62 -7.25 6.46
C PRO B 205 14.84 -8.58 6.40
N MET B 206 15.10 -9.45 7.37
CA MET B 206 14.40 -10.72 7.41
C MET B 206 13.02 -10.45 8.04
N ASN B 207 12.99 -9.76 9.17
CA ASN B 207 11.71 -9.37 9.77
C ASN B 207 11.05 -8.28 8.94
N TYR B 208 10.33 -8.67 7.89
CA TYR B 208 9.84 -7.69 6.94
C TYR B 208 8.31 -7.66 6.84
N THR B 209 7.66 -8.82 6.98
CA THR B 209 6.21 -8.88 6.95
C THR B 209 5.63 -9.03 8.35
N ALA B 210 6.45 -9.53 9.27
CA ALA B 210 6.03 -9.71 10.65
C ALA B 210 7.23 -9.85 11.58
N THR B 211 6.97 -9.75 12.87
CA THR B 211 8.01 -9.91 13.89
C THR B 211 7.94 -11.33 14.40
N ASP B 212 8.88 -11.70 15.25
CA ASP B 212 8.93 -13.04 15.82
C ASP B 212 7.71 -13.35 16.69
N ALA B 213 6.89 -12.33 16.99
CA ALA B 213 5.67 -12.52 17.75
C ALA B 213 4.66 -13.35 16.96
N GLU B 214 4.80 -13.34 15.64
CA GLU B 214 4.02 -14.19 14.76
C GLU B 214 4.80 -15.46 14.47
N PRO B 215 4.30 -16.60 14.96
CA PRO B 215 4.97 -17.90 14.78
C PRO B 215 5.25 -18.23 13.32
N GLU B 216 4.33 -17.85 12.43
CA GLU B 216 4.48 -18.13 11.00
C GLU B 216 5.68 -17.42 10.37
N GLN B 217 6.15 -16.35 11.02
CA GLN B 217 7.33 -15.62 10.55
C GLN B 217 8.55 -16.53 10.49
N ARG B 218 8.53 -17.60 11.26
CA ARG B 218 9.60 -18.60 11.26
C ARG B 218 9.82 -19.24 9.90
N MET B 219 8.80 -19.18 9.05
CA MET B 219 8.89 -19.77 7.72
C MET B 219 9.13 -18.71 6.65
N ALA B 220 9.46 -17.49 7.07
CA ALA B 220 9.66 -16.39 6.13
C ALA B 220 10.88 -16.61 5.26
N PHE B 221 11.86 -17.35 5.76
CA PHE B 221 13.06 -17.67 5.00
C PHE B 221 12.68 -18.52 3.79
N PHE B 222 11.57 -19.25 3.93
CA PHE B 222 11.08 -20.12 2.87
C PHE B 222 10.11 -19.36 1.97
N ARG B 223 9.00 -18.94 2.56
CA ARG B 223 7.89 -18.34 1.81
C ARG B 223 8.29 -17.11 1.02
N GLU B 224 9.11 -16.26 1.61
CA GLU B 224 9.42 -14.96 1.03
C GLU B 224 10.79 -14.93 0.36
N ASP B 225 11.37 -16.11 0.17
CA ASP B 225 12.64 -16.23 -0.52
C ASP B 225 12.45 -15.86 -1.99
N ILE B 226 13.33 -15.00 -2.50
CA ILE B 226 13.19 -14.51 -3.86
C ILE B 226 13.35 -15.64 -4.87
N GLY B 227 14.35 -16.49 -4.64
CA GLY B 227 14.59 -17.64 -5.50
C GLY B 227 13.41 -18.59 -5.57
N VAL B 228 12.81 -18.86 -4.40
CA VAL B 228 11.68 -19.79 -4.33
C VAL B 228 10.50 -19.27 -5.14
N ASN B 229 10.21 -17.98 -5.03
CA ASN B 229 9.10 -17.39 -5.76
C ASN B 229 9.37 -17.29 -7.25
N LEU B 230 10.62 -17.01 -7.61
CA LEU B 230 11.02 -16.99 -9.01
C LEU B 230 10.86 -18.37 -9.65
N HIS B 231 11.13 -19.42 -8.87
CA HIS B 231 10.98 -20.78 -9.36
C HIS B 231 9.52 -21.09 -9.61
N HIS B 232 8.66 -20.71 -8.67
CA HIS B 232 7.23 -20.93 -8.79
C HIS B 232 6.67 -20.25 -10.03
N TRP B 233 7.09 -19.02 -10.25
CA TRP B 233 6.65 -18.26 -11.41
C TRP B 233 7.14 -18.88 -12.71
N HIS B 234 8.41 -19.26 -12.73
CA HIS B 234 9.01 -19.82 -13.94
C HIS B 234 8.42 -21.18 -14.29
N TRP B 235 8.12 -21.98 -13.27
CA TRP B 235 7.51 -23.28 -13.50
C TRP B 235 6.16 -23.12 -14.20
N HIS B 236 5.34 -22.20 -13.70
CA HIS B 236 4.02 -21.96 -14.27
C HIS B 236 4.13 -21.25 -15.60
N LEU B 237 5.27 -20.61 -15.83
CA LEU B 237 5.55 -20.03 -17.13
C LEU B 237 5.80 -21.14 -18.15
N VAL B 238 6.64 -22.10 -17.77
CA VAL B 238 6.96 -23.24 -18.62
C VAL B 238 5.75 -24.16 -18.80
N TYR B 239 4.98 -24.33 -17.73
CA TYR B 239 3.80 -25.20 -17.76
C TYR B 239 2.51 -24.46 -17.42
N PRO B 240 2.04 -23.58 -18.33
CA PRO B 240 0.85 -22.77 -18.06
C PRO B 240 -0.43 -23.58 -18.09
N ALA B 241 -1.52 -23.02 -17.56
CA ALA B 241 -2.80 -23.72 -17.55
C ALA B 241 -3.60 -23.36 -18.79
N SER B 242 -3.17 -22.32 -19.50
CA SER B 242 -3.86 -21.90 -20.70
C SER B 242 -2.88 -21.34 -21.73
N GLY B 243 -3.41 -20.97 -22.89
CA GLY B 243 -2.60 -20.51 -24.00
C GLY B 243 -2.76 -21.44 -25.17
N PRO B 244 -2.01 -21.18 -26.25
CA PRO B 244 -2.02 -22.06 -27.43
C PRO B 244 -1.76 -23.52 -27.08
N PRO B 245 -2.34 -24.45 -27.86
CA PRO B 245 -2.32 -25.89 -27.55
C PRO B 245 -0.92 -26.48 -27.39
N ASP B 246 0.02 -26.06 -28.23
CA ASP B 246 1.36 -26.60 -28.18
C ASP B 246 2.16 -26.03 -27.01
N VAL B 247 1.76 -24.84 -26.56
CA VAL B 247 2.38 -24.21 -25.40
C VAL B 247 1.95 -24.92 -24.12
N VAL B 248 0.72 -25.43 -24.12
CA VAL B 248 0.16 -26.08 -22.94
C VAL B 248 0.50 -27.56 -22.89
N ARG B 249 0.23 -28.27 -23.97
CA ARG B 249 0.45 -29.71 -24.04
C ARG B 249 1.94 -30.03 -23.92
N LYS B 250 2.37 -30.39 -22.72
CA LYS B 250 3.74 -30.82 -22.48
C LYS B 250 3.74 -32.13 -21.70
N ASP B 251 4.84 -32.87 -21.78
CA ASP B 251 4.90 -34.22 -21.21
C ASP B 251 4.59 -34.27 -19.71
N ARG B 252 3.47 -34.90 -19.38
CA ARG B 252 3.08 -35.18 -18.00
C ARG B 252 3.02 -33.94 -17.12
N ARG B 253 2.58 -32.82 -17.70
CA ARG B 253 2.47 -31.56 -16.96
C ARG B 253 1.49 -31.69 -15.80
N GLY B 254 0.44 -32.50 -15.98
CA GLY B 254 -0.54 -32.75 -14.94
C GLY B 254 0.09 -33.41 -13.72
N GLU B 255 0.90 -34.43 -13.96
CA GLU B 255 1.59 -35.12 -12.89
C GLU B 255 2.64 -34.23 -12.25
N LEU B 256 3.34 -33.46 -13.09
CA LEU B 256 4.38 -32.56 -12.62
C LEU B 256 3.80 -31.44 -11.77
N PHE B 257 2.56 -31.03 -12.08
CA PHE B 257 1.85 -30.04 -11.29
C PHE B 257 1.67 -30.52 -9.85
N TYR B 258 1.20 -31.76 -9.69
CA TYR B 258 1.06 -32.36 -8.37
C TYR B 258 2.40 -32.51 -7.68
N TYR B 259 3.37 -33.05 -8.39
CA TYR B 259 4.64 -33.44 -7.78
C TYR B 259 5.44 -32.25 -7.28
N MET B 260 5.57 -31.23 -8.13
CA MET B 260 6.33 -30.03 -7.79
C MET B 260 5.76 -29.38 -6.52
N HIS B 261 4.44 -29.26 -6.46
CA HIS B 261 3.79 -28.71 -5.28
C HIS B 261 3.83 -29.67 -4.09
N GLN B 262 3.75 -30.97 -4.38
CA GLN B 262 3.85 -31.98 -3.33
C GLN B 262 5.20 -31.90 -2.62
N GLN B 263 6.25 -31.63 -3.40
CA GLN B 263 7.59 -31.52 -2.86
C GLN B 263 7.75 -30.20 -2.12
N LEU B 264 7.09 -29.16 -2.61
CA LEU B 264 7.08 -27.87 -1.93
C LEU B 264 6.53 -28.02 -0.52
N LEU B 265 5.37 -28.67 -0.42
CA LEU B 265 4.72 -28.89 0.86
C LEU B 265 5.57 -29.74 1.79
N ALA B 266 6.18 -30.78 1.22
CA ALA B 266 7.03 -31.67 1.99
C ALA B 266 8.20 -30.92 2.61
N ARG B 267 8.89 -30.13 1.80
CA ARG B 267 10.01 -29.32 2.29
C ARG B 267 9.53 -28.29 3.31
N TYR B 268 8.41 -27.65 3.00
CA TYR B 268 7.78 -26.67 3.88
C TYR B 268 7.40 -27.27 5.23
N GLN B 269 6.78 -28.45 5.22
CA GLN B 269 6.37 -29.13 6.45
C GLN B 269 7.57 -29.49 7.32
N ILE B 270 8.61 -30.03 6.70
CA ILE B 270 9.81 -30.45 7.42
C ILE B 270 10.40 -29.32 8.26
N ASP B 271 10.41 -28.11 7.70
CA ASP B 271 10.98 -26.97 8.41
C ASP B 271 10.02 -26.42 9.47
N ARG B 272 8.72 -26.68 9.30
CA ARG B 272 7.77 -26.32 10.35
C ARG B 272 8.08 -27.12 11.60
N TYR B 273 8.25 -28.42 11.42
CA TYR B 273 8.69 -29.31 12.49
C TYR B 273 9.99 -28.84 13.13
N ALA B 274 10.92 -28.35 12.31
CA ALA B 274 12.21 -27.89 12.81
C ALA B 274 12.14 -26.55 13.55
N GLN B 275 11.10 -25.77 13.29
CA GLN B 275 10.93 -24.46 13.92
C GLN B 275 9.84 -24.44 14.99
N GLY B 276 9.40 -25.61 15.43
CA GLY B 276 8.41 -25.68 16.49
C GLY B 276 6.99 -25.45 16.01
N LEU B 277 6.80 -25.42 14.69
CA LEU B 277 5.47 -25.30 14.11
C LEU B 277 4.90 -26.68 13.82
N GLY B 278 3.57 -26.80 13.90
CA GLY B 278 2.90 -28.07 13.73
C GLY B 278 2.67 -28.47 12.28
N ARG B 279 1.80 -29.45 12.08
CA ARG B 279 1.48 -29.94 10.75
C ARG B 279 0.54 -28.99 10.03
N ILE B 280 0.67 -28.90 8.71
CA ILE B 280 -0.15 -28.02 7.90
C ILE B 280 -1.62 -28.41 8.01
N GLU B 281 -2.45 -27.46 8.45
CA GLU B 281 -3.89 -27.69 8.48
C GLU B 281 -4.47 -27.36 7.11
N PRO B 282 -4.99 -28.38 6.42
CA PRO B 282 -5.56 -28.21 5.09
C PRO B 282 -6.69 -27.19 5.10
N LEU B 283 -6.75 -26.35 4.07
CA LEU B 283 -7.85 -25.42 3.92
C LEU B 283 -9.02 -26.12 3.24
N ALA B 284 -9.78 -26.91 4.01
CA ALA B 284 -10.88 -27.69 3.46
C ALA B 284 -12.22 -26.99 3.60
N ASN B 285 -12.40 -26.25 4.69
CA ASN B 285 -13.66 -25.58 4.95
C ASN B 285 -13.61 -24.10 4.57
N LEU B 286 -14.15 -23.78 3.39
CA LEU B 286 -14.08 -22.44 2.83
C LEU B 286 -15.03 -21.44 3.48
N ARG B 287 -15.92 -21.93 4.34
CA ARG B 287 -16.91 -21.04 4.95
C ARG B 287 -16.53 -20.73 6.39
N GLU B 288 -15.54 -21.47 6.92
CA GLU B 288 -14.97 -21.15 8.22
C GLU B 288 -14.02 -19.96 8.09
N PRO B 289 -13.83 -19.23 9.19
CA PRO B 289 -12.91 -18.08 9.16
C PRO B 289 -11.47 -18.53 8.90
N VAL B 290 -10.73 -17.74 8.12
CA VAL B 290 -9.35 -18.04 7.80
C VAL B 290 -8.44 -17.56 8.93
N ARG B 291 -7.91 -18.50 9.70
CA ARG B 291 -7.12 -18.19 10.89
C ARG B 291 -5.87 -17.36 10.59
N GLU B 292 -5.08 -17.81 9.62
CA GLU B 292 -3.81 -17.14 9.33
C GLU B 292 -4.00 -15.78 8.66
N ALA B 293 -3.29 -14.78 9.16
CA ALA B 293 -3.24 -13.48 8.50
C ALA B 293 -1.93 -13.38 7.73
N TYR B 294 -1.86 -12.43 6.81
CA TYR B 294 -0.59 -12.13 6.15
C TYR B 294 -0.60 -10.74 5.53
N TYR B 295 0.46 -10.00 5.81
CA TYR B 295 0.62 -8.62 5.36
C TYR B 295 1.82 -8.49 4.44
N PRO B 296 1.60 -8.60 3.11
CA PRO B 296 2.66 -8.68 2.11
C PRO B 296 3.54 -7.45 2.02
N LYS B 297 2.93 -6.28 2.20
CA LYS B 297 3.59 -4.98 2.06
C LYS B 297 4.00 -4.67 0.62
N LEU B 298 4.05 -5.69 -0.24
CA LEU B 298 4.39 -5.50 -1.65
C LEU B 298 3.45 -4.51 -2.33
N LEU B 299 3.99 -3.77 -3.28
CA LEU B 299 3.28 -2.66 -3.90
C LEU B 299 3.50 -2.63 -5.40
N ARG B 300 2.42 -2.50 -6.17
CA ARG B 300 2.52 -2.43 -7.62
C ARG B 300 2.94 -1.04 -8.06
N THR B 301 4.18 -0.92 -8.53
CA THR B 301 4.71 0.36 -8.98
C THR B 301 3.86 1.03 -10.06
N SER B 302 3.19 0.21 -10.88
CA SER B 302 2.41 0.74 -12.00
C SER B 302 1.22 1.60 -11.55
N ASN B 303 0.45 1.11 -10.56
CA ASN B 303 -0.71 1.85 -10.10
C ASN B 303 -0.68 2.21 -8.63
N ASN B 304 0.41 1.84 -7.94
CA ASN B 304 0.52 2.00 -6.50
C ASN B 304 -0.65 1.36 -5.76
N ARG B 305 -1.17 0.28 -6.33
CA ARG B 305 -2.18 -0.55 -5.66
C ARG B 305 -1.48 -1.75 -5.03
N THR B 306 -1.57 -1.88 -3.72
CA THR B 306 -0.89 -2.94 -2.99
C THR B 306 -1.43 -4.33 -3.25
N PHE B 307 -0.59 -5.32 -2.96
CA PHE B 307 -1.07 -6.67 -2.78
C PHE B 307 -1.69 -6.69 -1.39
N CYS B 308 -2.98 -6.37 -1.33
CA CYS B 308 -3.67 -6.12 -0.07
C CYS B 308 -3.51 -7.23 0.93
N PRO B 309 -3.29 -6.88 2.20
CA PRO B 309 -3.11 -7.86 3.27
C PRO B 309 -4.42 -8.53 3.64
N ARG B 310 -4.32 -9.69 4.29
CA ARG B 310 -5.48 -10.37 4.83
C ARG B 310 -5.41 -10.35 6.35
N TYR B 311 -6.32 -9.60 6.97
CA TYR B 311 -6.35 -9.48 8.42
C TYR B 311 -6.81 -10.80 9.06
N PRO B 312 -6.50 -11.02 10.34
CA PRO B 312 -6.84 -12.28 11.01
C PRO B 312 -8.33 -12.63 11.00
N GLY B 313 -8.64 -13.89 10.70
CA GLY B 313 -9.98 -14.44 10.88
C GLY B 313 -11.06 -13.95 9.92
N MET B 314 -10.66 -13.51 8.73
CA MET B 314 -11.62 -13.08 7.74
C MET B 314 -12.37 -14.27 7.15
N THR B 315 -13.58 -14.03 6.66
CA THR B 315 -14.38 -15.06 6.03
C THR B 315 -14.40 -14.87 4.51
N ILE B 316 -14.22 -15.97 3.78
CA ILE B 316 -14.21 -15.94 2.32
C ILE B 316 -15.61 -15.63 1.77
N SER B 317 -15.67 -14.77 0.77
CA SER B 317 -16.94 -14.40 0.14
C SER B 317 -16.97 -14.80 -1.33
N ASP B 318 -18.17 -14.95 -1.87
CA ASP B 318 -18.33 -15.14 -3.31
C ASP B 318 -17.75 -13.92 -4.02
N VAL B 319 -16.93 -14.15 -5.03
CA VAL B 319 -16.29 -13.06 -5.75
C VAL B 319 -17.06 -12.73 -7.03
N ALA B 320 -17.47 -11.47 -7.15
CA ALA B 320 -18.15 -10.99 -8.33
C ALA B 320 -17.65 -9.60 -8.66
N ARG B 321 -16.64 -9.53 -9.51
CA ARG B 321 -15.98 -8.27 -9.81
C ARG B 321 -16.10 -7.95 -11.29
N SER B 322 -17.16 -7.23 -11.64
CA SER B 322 -17.47 -6.94 -13.04
C SER B 322 -16.35 -6.19 -13.75
N ALA B 323 -15.64 -5.34 -13.00
CA ALA B 323 -14.54 -4.57 -13.58
C ALA B 323 -13.42 -5.50 -14.05
N ASP B 324 -13.27 -6.61 -13.35
CA ASP B 324 -12.25 -7.61 -13.70
C ASP B 324 -12.83 -8.72 -14.58
N ARG B 325 -14.11 -8.62 -14.89
CA ARG B 325 -14.82 -9.68 -15.60
C ARG B 325 -14.61 -11.01 -14.89
N LEU B 326 -14.55 -10.95 -13.56
CA LEU B 326 -14.19 -12.10 -12.75
C LEU B 326 -15.35 -12.47 -11.85
N GLU B 327 -15.72 -13.75 -11.84
CA GLU B 327 -16.84 -14.22 -11.05
C GLU B 327 -16.74 -15.69 -10.69
N VAL B 328 -16.84 -15.98 -9.39
CA VAL B 328 -16.82 -17.36 -8.92
C VAL B 328 -17.38 -17.47 -7.50
N ARG B 329 -18.26 -18.43 -7.28
CA ARG B 329 -18.86 -18.61 -5.95
C ARG B 329 -18.15 -19.72 -5.20
N ILE B 330 -18.24 -19.68 -3.87
CA ILE B 330 -17.74 -20.76 -3.04
C ILE B 330 -18.46 -22.06 -3.36
N ALA B 331 -19.75 -21.96 -3.63
CA ALA B 331 -20.58 -23.13 -3.91
C ALA B 331 -20.12 -23.85 -5.17
N ASP B 332 -19.52 -23.10 -6.10
CA ASP B 332 -19.00 -23.69 -7.33
C ASP B 332 -17.94 -24.73 -7.00
N ILE B 333 -17.03 -24.40 -6.08
CA ILE B 333 -16.01 -25.33 -5.63
C ILE B 333 -16.64 -26.48 -4.83
N GLU B 334 -17.64 -26.13 -4.02
CA GLU B 334 -18.35 -27.11 -3.21
C GLU B 334 -19.18 -28.07 -4.06
N SER B 335 -19.35 -27.75 -5.33
CA SER B 335 -20.12 -28.58 -6.25
C SER B 335 -19.17 -29.38 -7.15
N TRP B 336 -17.98 -28.83 -7.39
CA TRP B 336 -16.99 -29.48 -8.24
C TRP B 336 -16.25 -30.59 -7.52
N LEU B 337 -16.03 -30.41 -6.22
CA LEU B 337 -15.20 -31.32 -5.44
C LEU B 337 -15.79 -32.72 -5.22
N PRO B 338 -17.09 -32.83 -4.90
CA PRO B 338 -17.60 -34.20 -4.75
C PRO B 338 -17.48 -35.02 -6.04
N ARG B 339 -17.66 -34.36 -7.18
CA ARG B 339 -17.57 -35.04 -8.46
C ARG B 339 -16.15 -35.53 -8.70
N VAL B 340 -15.16 -34.75 -8.28
CA VAL B 340 -13.77 -35.14 -8.44
C VAL B 340 -13.44 -36.26 -7.46
N LEU B 341 -13.94 -36.16 -6.23
CA LEU B 341 -13.70 -37.20 -5.23
C LEU B 341 -14.38 -38.52 -5.63
N GLU B 342 -15.57 -38.44 -6.20
CA GLU B 342 -16.29 -39.63 -6.64
C GLU B 342 -15.54 -40.34 -7.77
N ALA B 343 -14.99 -39.56 -8.69
CA ALA B 343 -14.20 -40.10 -9.79
C ALA B 343 -12.98 -40.85 -9.26
N ILE B 344 -12.27 -40.21 -8.33
CA ILE B 344 -11.13 -40.84 -7.68
C ILE B 344 -11.52 -42.15 -7.00
N ASP B 345 -12.62 -42.12 -6.25
CA ASP B 345 -13.08 -43.29 -5.51
C ASP B 345 -13.63 -44.37 -6.44
N ALA B 346 -14.07 -43.96 -7.63
CA ALA B 346 -14.59 -44.91 -8.61
C ALA B 346 -13.47 -45.55 -9.41
N GLY B 347 -12.30 -44.90 -9.43
CA GLY B 347 -11.17 -45.42 -10.16
C GLY B 347 -11.05 -44.91 -11.58
N PHE B 348 -12.04 -44.13 -12.02
CA PHE B 348 -12.02 -43.59 -13.38
C PHE B 348 -12.70 -42.24 -13.48
N ALA B 349 -12.24 -41.41 -14.41
CA ALA B 349 -12.90 -40.16 -14.72
C ALA B 349 -13.69 -40.28 -16.03
N VAL B 350 -14.57 -39.32 -16.29
CA VAL B 350 -15.36 -39.33 -17.52
C VAL B 350 -15.13 -38.05 -18.32
N SER B 351 -14.68 -38.19 -19.55
CA SER B 351 -14.47 -37.03 -20.42
C SER B 351 -15.81 -36.44 -20.84
N ASP B 352 -15.75 -35.29 -21.51
CA ASP B 352 -16.96 -34.59 -21.94
C ASP B 352 -17.63 -35.26 -23.15
N ASP B 353 -16.97 -36.26 -23.71
CA ASP B 353 -17.57 -37.06 -24.79
C ASP B 353 -18.01 -38.41 -24.27
N GLY B 354 -17.87 -38.60 -22.96
CA GLY B 354 -18.31 -39.82 -22.29
C GLY B 354 -17.41 -41.04 -22.32
N VAL B 355 -16.18 -40.88 -22.81
CA VAL B 355 -15.23 -41.99 -22.78
C VAL B 355 -14.60 -42.08 -21.37
N ARG B 356 -14.72 -43.24 -20.75
CA ARG B 356 -14.15 -43.42 -19.41
C ARG B 356 -12.63 -43.45 -19.44
N VAL B 357 -12.02 -42.67 -18.57
CA VAL B 357 -10.57 -42.61 -18.49
C VAL B 357 -10.11 -43.05 -17.11
N PRO B 358 -9.38 -44.18 -17.05
CA PRO B 358 -8.93 -44.79 -15.79
C PRO B 358 -7.99 -43.89 -15.00
N LEU B 359 -8.11 -43.95 -13.66
CA LEU B 359 -7.28 -43.12 -12.80
C LEU B 359 -6.35 -43.97 -11.94
N ASP B 360 -6.67 -45.26 -11.82
CA ASP B 360 -5.88 -46.17 -11.01
C ASP B 360 -4.66 -46.71 -11.74
N GLU B 361 -3.98 -45.83 -12.47
CA GLU B 361 -2.75 -46.22 -13.15
C GLU B 361 -1.57 -45.37 -12.71
N THR B 362 -0.41 -45.64 -13.27
CA THR B 362 0.76 -44.82 -13.02
C THR B 362 0.54 -43.43 -13.63
N ARG B 363 -0.25 -43.40 -14.72
CA ARG B 363 -0.49 -42.16 -15.45
C ARG B 363 -1.81 -41.48 -15.03
N GLY B 364 -2.49 -42.08 -14.06
CA GLY B 364 -3.75 -41.54 -13.55
C GLY B 364 -3.59 -40.22 -12.82
N ILE B 365 -2.46 -40.07 -12.13
CA ILE B 365 -2.17 -38.84 -11.40
C ILE B 365 -2.04 -37.66 -12.36
N ASP B 366 -1.69 -37.95 -13.62
CA ASP B 366 -1.52 -36.92 -14.62
C ASP B 366 -2.85 -36.39 -15.15
N VAL B 367 -3.82 -37.29 -15.30
CA VAL B 367 -5.18 -36.90 -15.70
C VAL B 367 -5.80 -36.08 -14.60
N LEU B 368 -5.54 -36.49 -13.36
CA LEU B 368 -6.08 -35.80 -12.20
C LEU B 368 -5.45 -34.43 -12.02
N GLY B 369 -4.19 -34.31 -12.44
CA GLY B 369 -3.48 -33.04 -12.34
C GLY B 369 -4.11 -31.97 -13.22
N ASN B 370 -4.44 -32.34 -14.45
CA ASN B 370 -5.06 -31.39 -15.37
C ASN B 370 -6.50 -31.09 -15.01
N ILE B 371 -7.14 -32.04 -14.35
CA ILE B 371 -8.53 -31.89 -13.91
C ILE B 371 -8.62 -30.95 -12.72
N LEU B 372 -7.66 -31.05 -11.81
CA LEU B 372 -7.76 -30.39 -10.52
C LEU B 372 -7.21 -28.97 -10.51
N GLU B 373 -6.28 -28.66 -11.42
CA GLU B 373 -5.65 -27.33 -11.40
C GLU B 373 -6.62 -26.16 -11.70
N ARG B 374 -7.40 -26.18 -12.79
CA ARG B 374 -7.34 -27.13 -13.90
C ARG B 374 -6.54 -26.53 -15.03
N SER B 375 -6.27 -27.33 -16.05
CA SER B 375 -5.55 -26.84 -17.23
C SER B 375 -6.43 -26.96 -18.47
N ALA B 376 -6.00 -26.43 -19.59
CA ALA B 376 -6.76 -26.51 -20.82
C ALA B 376 -6.95 -27.92 -21.37
N ILE B 377 -6.05 -28.82 -21.05
CA ILE B 377 -6.14 -30.18 -21.56
C ILE B 377 -6.91 -31.11 -20.67
N SER B 378 -7.64 -30.55 -19.72
CA SER B 378 -8.51 -31.35 -18.86
C SER B 378 -9.52 -32.10 -19.71
N ILE B 379 -9.86 -33.31 -19.28
CA ILE B 379 -10.75 -34.16 -20.07
C ILE B 379 -12.22 -33.80 -19.88
N ASN B 380 -12.52 -33.00 -18.84
CA ASN B 380 -13.89 -32.54 -18.63
C ASN B 380 -13.94 -31.26 -17.78
N ARG B 381 -13.89 -30.12 -18.46
CA ARG B 381 -13.86 -28.82 -17.78
C ARG B 381 -15.13 -28.54 -17.00
N ASN B 382 -16.26 -28.97 -17.54
CA ASN B 382 -17.56 -28.64 -16.99
C ASN B 382 -17.88 -29.44 -15.74
N LEU B 383 -17.64 -30.75 -15.83
CA LEU B 383 -17.98 -31.64 -14.73
C LEU B 383 -17.10 -31.38 -13.51
N TYR B 384 -15.80 -31.33 -13.73
CA TYR B 384 -14.84 -31.27 -12.62
C TYR B 384 -14.41 -29.84 -12.29
N GLY B 385 -14.79 -28.89 -13.14
CA GLY B 385 -14.56 -27.48 -12.87
C GLY B 385 -13.12 -27.03 -12.79
N ASP B 386 -12.85 -26.11 -11.87
CA ASP B 386 -11.55 -25.46 -11.79
C ASP B 386 -11.21 -25.17 -10.32
N VAL B 387 -11.00 -26.24 -9.55
CA VAL B 387 -10.86 -26.16 -8.10
C VAL B 387 -9.66 -25.36 -7.63
N HIS B 388 -8.47 -25.79 -8.01
CA HIS B 388 -7.25 -25.17 -7.51
C HIS B 388 -7.15 -23.69 -7.88
N ASN B 389 -7.38 -23.37 -9.14
CA ASN B 389 -7.26 -21.98 -9.60
C ASN B 389 -8.25 -21.03 -8.94
N MET B 390 -9.51 -21.44 -8.84
CA MET B 390 -10.54 -20.58 -8.27
C MET B 390 -10.35 -20.42 -6.77
N GLY B 391 -9.69 -21.38 -6.14
CA GLY B 391 -9.35 -21.26 -4.74
C GLY B 391 -8.41 -20.10 -4.50
N HIS B 392 -7.46 -19.90 -5.42
CA HIS B 392 -6.58 -18.74 -5.35
C HIS B 392 -7.38 -17.45 -5.47
N VAL B 393 -8.33 -17.45 -6.40
CA VAL B 393 -9.16 -16.28 -6.65
C VAL B 393 -9.95 -15.87 -5.40
N LEU B 394 -10.65 -16.82 -4.80
CA LEU B 394 -11.44 -16.56 -3.60
C LEU B 394 -10.61 -15.98 -2.46
N LEU B 395 -9.40 -16.49 -2.29
CA LEU B 395 -8.49 -16.01 -1.25
C LEU B 395 -7.86 -14.67 -1.62
N ALA B 396 -7.56 -14.49 -2.89
CA ALA B 396 -6.85 -13.29 -3.36
C ALA B 396 -7.72 -12.04 -3.30
N PHE B 397 -9.04 -12.22 -3.33
CA PHE B 397 -9.94 -11.08 -3.31
C PHE B 397 -10.85 -11.06 -2.10
N ILE B 398 -10.41 -11.72 -1.03
CA ILE B 398 -11.18 -11.80 0.21
C ILE B 398 -11.40 -10.42 0.84
N HIS B 399 -10.52 -9.47 0.51
CA HIS B 399 -10.56 -8.15 1.10
C HIS B 399 -11.44 -7.18 0.31
N ASP B 400 -11.89 -7.64 -0.86
CA ASP B 400 -12.73 -6.83 -1.73
C ASP B 400 -13.37 -7.72 -2.80
N PRO B 401 -14.27 -8.62 -2.39
CA PRO B 401 -14.81 -9.67 -3.26
C PRO B 401 -15.71 -9.16 -4.38
N ARG B 402 -16.29 -7.97 -4.22
CA ARG B 402 -17.22 -7.42 -5.20
C ARG B 402 -16.65 -6.25 -6.00
N GLY B 403 -15.41 -5.89 -5.71
CA GLY B 403 -14.76 -4.77 -6.37
C GLY B 403 -15.33 -3.42 -5.95
N THR B 404 -16.15 -3.43 -4.90
CA THR B 404 -16.78 -2.21 -4.40
C THR B 404 -15.73 -1.19 -3.96
N TYR B 405 -14.64 -1.69 -3.40
CA TYR B 405 -13.64 -0.82 -2.80
C TYR B 405 -12.42 -0.62 -3.69
N LEU B 406 -12.54 -1.04 -4.94
CA LEU B 406 -11.56 -0.72 -5.98
C LEU B 406 -10.15 -1.19 -5.65
N GLU B 407 -10.04 -2.29 -4.92
CA GLU B 407 -8.74 -2.84 -4.61
C GLU B 407 -8.37 -3.95 -5.57
N SER B 408 -7.09 -4.28 -5.63
CA SER B 408 -6.62 -5.35 -6.50
C SER B 408 -6.34 -6.62 -5.70
N SER B 409 -5.83 -7.62 -6.40
CA SER B 409 -5.51 -8.91 -5.81
C SER B 409 -4.47 -8.85 -4.69
N GLY B 410 -4.60 -9.76 -3.73
CA GLY B 410 -3.54 -10.00 -2.78
C GLY B 410 -2.48 -10.87 -3.43
N VAL B 411 -1.53 -11.35 -2.66
CA VAL B 411 -0.42 -12.13 -3.21
C VAL B 411 -0.89 -13.47 -3.81
N MET B 412 -2.00 -14.01 -3.31
CA MET B 412 -2.53 -15.27 -3.83
C MET B 412 -3.08 -15.13 -5.24
N GLY B 413 -3.18 -13.90 -5.73
CA GLY B 413 -3.65 -13.65 -7.07
C GLY B 413 -2.51 -13.38 -8.02
N GLY B 414 -1.29 -13.54 -7.52
CA GLY B 414 -0.08 -13.42 -8.33
C GLY B 414 0.76 -14.69 -8.28
N VAL B 415 1.04 -15.28 -9.44
CA VAL B 415 1.85 -16.50 -9.51
C VAL B 415 3.21 -16.32 -8.82
N ALA B 416 3.84 -15.17 -9.05
CA ALA B 416 5.17 -14.91 -8.51
C ALA B 416 5.16 -14.46 -7.05
N THR B 417 3.97 -14.32 -6.45
CA THR B 417 3.87 -13.81 -5.10
C THR B 417 3.07 -14.72 -4.16
N ALA B 418 2.38 -15.70 -4.73
CA ALA B 418 1.44 -16.53 -3.97
C ALA B 418 2.12 -17.30 -2.83
N MET B 419 3.37 -17.71 -3.05
CA MET B 419 4.07 -18.55 -2.09
C MET B 419 4.46 -17.79 -0.81
N ARG B 420 4.27 -16.48 -0.82
CA ARG B 420 4.61 -15.64 0.34
C ARG B 420 3.54 -15.76 1.42
N ASP B 421 2.33 -16.13 1.02
CA ASP B 421 1.20 -16.22 1.93
C ASP B 421 1.15 -17.61 2.58
N PRO B 422 1.11 -17.66 3.92
CA PRO B 422 0.96 -18.92 4.66
C PRO B 422 -0.26 -19.72 4.20
N ILE B 423 -1.29 -19.04 3.72
CA ILE B 423 -2.51 -19.71 3.30
C ILE B 423 -2.30 -20.46 1.99
N PHE B 424 -1.23 -20.17 1.28
CA PHE B 424 -0.89 -20.86 0.05
C PHE B 424 -0.69 -22.36 0.30
N TYR B 425 -0.03 -22.66 1.42
CA TYR B 425 0.35 -24.03 1.76
C TYR B 425 -0.79 -24.77 2.42
N ARG B 426 -1.70 -24.03 3.06
CA ARG B 426 -2.89 -24.65 3.62
C ARG B 426 -3.81 -25.06 2.49
N TRP B 427 -3.94 -24.19 1.50
CA TRP B 427 -4.82 -24.46 0.36
C TRP B 427 -4.25 -25.58 -0.48
N HIS B 428 -2.95 -25.54 -0.73
CA HIS B 428 -2.32 -26.56 -1.56
C HIS B 428 -2.28 -27.91 -0.85
N LYS B 429 -2.24 -27.89 0.48
CA LYS B 429 -2.29 -29.12 1.24
C LYS B 429 -3.64 -29.78 1.06
N PHE B 430 -4.69 -28.97 0.94
CA PHE B 430 -6.00 -29.50 0.63
C PHE B 430 -6.02 -30.13 -0.76
N ILE B 431 -5.44 -29.43 -1.73
CA ILE B 431 -5.30 -29.93 -3.09
C ILE B 431 -4.43 -31.18 -3.12
N ASP B 432 -3.36 -31.16 -2.33
CA ASP B 432 -2.44 -32.29 -2.26
C ASP B 432 -3.14 -33.55 -1.73
N ASN B 433 -3.98 -33.39 -0.71
CA ASN B 433 -4.70 -34.51 -0.12
C ASN B 433 -5.69 -35.14 -1.09
N ILE B 434 -6.04 -34.41 -2.15
CA ILE B 434 -6.93 -34.95 -3.16
C ILE B 434 -6.14 -35.85 -4.11
N PHE B 435 -4.96 -35.40 -4.51
CA PHE B 435 -4.05 -36.22 -5.30
C PHE B 435 -3.65 -37.47 -4.53
N LEU B 436 -3.39 -37.31 -3.23
CA LEU B 436 -2.93 -38.41 -2.40
C LEU B 436 -4.03 -39.45 -2.19
N ARG B 437 -5.29 -39.03 -2.32
CA ARG B 437 -6.42 -39.95 -2.25
C ARG B 437 -6.35 -40.94 -3.42
N ASN B 438 -5.77 -40.49 -4.53
CA ASN B 438 -5.61 -41.32 -5.71
C ASN B 438 -4.37 -42.22 -5.61
N LYS B 439 -3.29 -41.66 -5.07
CA LYS B 439 -2.03 -42.37 -4.92
C LYS B 439 -2.14 -43.49 -3.88
N ALA B 440 -3.11 -43.37 -2.99
CA ALA B 440 -3.30 -44.35 -1.92
C ALA B 440 -3.96 -45.62 -2.42
N ARG B 441 -4.63 -45.52 -3.56
CA ARG B 441 -5.33 -46.65 -4.17
C ARG B 441 -4.38 -47.55 -4.95
N LEU B 442 -3.28 -46.99 -5.40
CA LEU B 442 -2.28 -47.73 -6.17
C LEU B 442 -1.66 -48.86 -5.35
N ALA B 443 -1.39 -49.97 -6.01
CA ALA B 443 -0.78 -51.12 -5.34
C ALA B 443 0.67 -50.82 -4.98
N PRO B 444 1.14 -51.32 -3.82
CA PRO B 444 2.52 -51.11 -3.42
C PRO B 444 3.50 -51.63 -4.46
N TYR B 445 4.63 -50.93 -4.63
CA TYR B 445 5.65 -51.35 -5.59
C TYR B 445 6.13 -52.76 -5.28
N THR B 446 6.34 -53.54 -6.34
CA THR B 446 6.65 -54.97 -6.23
C THR B 446 8.15 -55.27 -6.18
N MET B 447 8.47 -56.55 -6.02
CA MET B 447 9.86 -57.01 -5.99
C MET B 447 10.57 -56.66 -7.29
N ALA B 448 9.87 -56.81 -8.41
CA ALA B 448 10.41 -56.46 -9.71
C ALA B 448 10.74 -54.98 -9.81
N GLU B 449 9.82 -54.15 -9.33
CA GLU B 449 9.95 -52.70 -9.48
C GLU B 449 11.01 -52.08 -8.56
N LEU B 450 11.20 -52.67 -7.38
CA LEU B 450 12.08 -52.07 -6.38
C LEU B 450 13.50 -52.65 -6.37
N SER B 451 13.64 -53.90 -6.79
CA SER B 451 14.94 -54.56 -6.71
C SER B 451 15.78 -54.37 -7.97
N ASN B 452 17.08 -54.60 -7.83
CA ASN B 452 18.04 -54.56 -8.93
C ASN B 452 19.06 -55.66 -8.68
N SER B 453 18.79 -56.84 -9.21
CA SER B 453 19.46 -58.06 -8.73
C SER B 453 20.94 -58.15 -9.12
N ASN B 454 21.33 -57.42 -10.13
CA ASN B 454 22.72 -57.38 -10.48
C ASN B 454 23.50 -56.23 -9.90
N VAL B 455 22.87 -55.41 -9.09
CA VAL B 455 23.47 -54.21 -8.55
C VAL B 455 23.27 -54.11 -7.04
N THR B 456 24.36 -53.93 -6.30
CA THR B 456 24.27 -53.78 -4.86
C THR B 456 24.96 -52.50 -4.39
N LEU B 457 24.28 -51.78 -3.49
CA LEU B 457 24.81 -50.53 -2.94
C LEU B 457 25.46 -50.78 -1.59
N GLU B 458 26.80 -50.68 -1.56
CA GLU B 458 27.58 -51.13 -0.42
C GLU B 458 27.91 -50.01 0.56
N ALA B 459 27.99 -48.78 0.07
CA ALA B 459 28.37 -47.66 0.94
C ALA B 459 27.69 -46.36 0.54
N LEU B 460 27.01 -45.74 1.51
CA LEU B 460 26.38 -44.45 1.31
C LEU B 460 26.93 -43.42 2.30
N GLU B 461 27.37 -42.28 1.78
CA GLU B 461 28.03 -41.27 2.60
C GLU B 461 27.86 -39.86 2.04
N THR B 462 27.84 -38.87 2.94
CA THR B 462 27.99 -37.48 2.52
C THR B 462 29.17 -36.87 3.25
N GLN B 463 30.00 -36.13 2.51
CA GLN B 463 31.13 -35.43 3.09
C GLN B 463 31.18 -34.00 2.60
N LEU B 464 31.34 -33.05 3.51
CA LEU B 464 31.50 -31.64 3.15
C LEU B 464 32.70 -31.47 2.23
N ASP B 465 32.50 -30.73 1.14
CA ASP B 465 33.49 -30.67 0.08
C ASP B 465 34.69 -29.83 0.48
N ARG B 466 35.46 -30.33 1.44
CA ARG B 466 36.68 -29.67 1.90
C ARG B 466 37.61 -30.67 2.55
N ALA B 467 38.83 -30.23 2.87
CA ALA B 467 39.80 -31.10 3.52
C ALA B 467 39.39 -31.39 4.97
N GLY B 468 39.24 -32.66 5.29
CA GLY B 468 38.84 -33.08 6.62
C GLY B 468 37.36 -32.89 6.86
N GLY B 469 36.62 -32.70 5.77
CA GLY B 469 35.19 -32.47 5.82
C GLY B 469 34.41 -33.50 6.63
N ALA B 470 33.48 -33.01 7.43
CA ALA B 470 32.66 -33.87 8.28
C ALA B 470 31.82 -34.82 7.44
N VAL B 471 31.58 -36.01 7.97
CA VAL B 471 30.85 -37.04 7.24
C VAL B 471 29.44 -37.17 7.81
N ASN B 472 28.47 -37.30 6.90
CA ASN B 472 27.06 -37.38 7.27
C ASN B 472 26.63 -36.19 8.10
N SER B 473 27.13 -35.01 7.73
CA SER B 473 26.85 -33.79 8.48
C SER B 473 26.47 -32.65 7.53
N PHE B 474 25.25 -32.16 7.67
CA PHE B 474 24.79 -31.01 6.90
C PHE B 474 24.91 -29.74 7.72
N VAL B 475 25.23 -28.63 7.07
CA VAL B 475 25.38 -27.35 7.75
C VAL B 475 24.70 -26.24 6.97
N THR B 476 23.78 -25.53 7.61
CA THR B 476 23.11 -24.40 6.98
C THR B 476 23.39 -23.10 7.73
N PHE B 477 23.20 -21.97 7.04
CA PHE B 477 23.52 -20.67 7.59
C PHE B 477 22.89 -19.57 6.75
N TRP B 478 23.09 -18.32 7.16
CA TRP B 478 22.58 -17.18 6.40
C TRP B 478 23.64 -16.67 5.42
N GLN B 479 23.25 -16.51 4.17
CA GLN B 479 24.10 -15.87 3.17
C GLN B 479 23.49 -14.52 2.77
N ARG B 480 24.33 -13.49 2.68
CA ARG B 480 23.87 -12.19 2.22
C ARG B 480 24.37 -11.95 0.80
N SER B 481 23.43 -11.75 -0.13
CA SER B 481 23.76 -11.61 -1.54
C SER B 481 23.29 -10.27 -2.09
N GLN B 482 23.84 -9.89 -3.23
CA GLN B 482 23.47 -8.65 -3.88
C GLN B 482 22.93 -8.90 -5.28
N VAL B 483 22.08 -8.02 -5.77
CA VAL B 483 21.57 -8.13 -7.13
C VAL B 483 21.13 -6.77 -7.66
N ASP B 484 21.47 -6.50 -8.91
CA ASP B 484 21.13 -5.23 -9.54
C ASP B 484 19.73 -5.30 -10.16
N LEU B 485 18.82 -4.49 -9.62
CA LEU B 485 17.44 -4.47 -10.07
C LEU B 485 17.21 -3.37 -11.10
N ARG B 486 18.32 -2.84 -11.63
CA ARG B 486 18.33 -1.77 -12.61
C ARG B 486 17.22 -1.85 -13.68
N ALA B 487 17.05 -3.03 -14.27
CA ALA B 487 16.24 -3.17 -15.49
C ALA B 487 14.73 -3.05 -15.25
N GLY B 488 14.28 -3.30 -14.03
CA GLY B 488 12.86 -3.27 -13.74
C GLY B 488 12.36 -1.98 -13.13
N ILE B 489 13.26 -1.04 -12.89
CA ILE B 489 12.89 0.22 -12.25
C ILE B 489 12.77 1.36 -13.26
N ASP B 490 11.55 1.84 -13.44
CA ASP B 490 11.26 2.85 -14.45
C ASP B 490 11.47 4.27 -13.93
N PHE B 491 11.89 5.15 -14.85
CA PHE B 491 12.09 6.57 -14.57
C PHE B 491 12.95 6.75 -13.33
N SER B 492 14.09 6.08 -13.34
CA SER B 492 15.02 6.07 -12.22
C SER B 492 16.28 6.81 -12.60
N ALA B 493 17.27 6.76 -11.72
CA ALA B 493 18.59 7.27 -12.03
C ALA B 493 19.28 6.25 -12.94
N ALA B 494 20.43 6.59 -13.41
CA ALA B 494 21.15 5.66 -14.26
C ALA B 494 22.10 4.85 -13.41
N GLY B 495 22.73 3.84 -14.00
CA GLY B 495 23.67 3.03 -13.25
C GLY B 495 22.99 1.96 -12.42
N SER B 496 23.74 1.38 -11.48
CA SER B 496 23.26 0.25 -10.69
C SER B 496 22.16 0.61 -9.71
N ALA B 497 21.28 -0.35 -9.46
CA ALA B 497 20.28 -0.25 -8.41
C ALA B 497 20.37 -1.51 -7.56
N PHE B 498 21.52 -1.69 -6.92
CA PHE B 498 21.79 -2.89 -6.13
C PHE B 498 20.94 -2.94 -4.87
N VAL B 499 20.60 -4.16 -4.48
CA VAL B 499 19.87 -4.40 -3.25
C VAL B 499 20.60 -5.49 -2.48
N SER B 500 20.47 -5.47 -1.16
CA SER B 500 21.13 -6.48 -0.33
C SER B 500 20.09 -7.30 0.43
N PHE B 501 20.08 -8.61 0.20
CA PHE B 501 19.12 -9.48 0.86
C PHE B 501 19.80 -10.69 1.51
N THR B 502 19.11 -11.29 2.47
CA THR B 502 19.66 -12.43 3.23
C THR B 502 18.77 -13.65 3.05
N HIS B 503 19.39 -14.81 2.87
CA HIS B 503 18.65 -16.04 2.55
C HIS B 503 19.38 -17.29 3.04
N LEU B 504 18.64 -18.39 3.12
CA LEU B 504 19.20 -19.68 3.53
C LEU B 504 20.31 -20.11 2.58
N GLN B 505 21.31 -20.80 3.14
CA GLN B 505 22.41 -21.33 2.36
C GLN B 505 23.03 -22.52 3.08
N CYS B 506 23.40 -23.56 2.33
CA CYS B 506 24.00 -24.74 2.92
C CYS B 506 25.45 -24.92 2.47
N ALA B 507 26.24 -25.57 3.32
CA ALA B 507 27.63 -25.87 2.98
C ALA B 507 27.71 -26.96 1.91
N PRO B 508 28.55 -26.74 0.89
CA PRO B 508 28.74 -27.70 -0.21
C PRO B 508 29.20 -29.07 0.30
N PHE B 509 28.74 -30.12 -0.34
CA PHE B 509 29.11 -31.47 0.07
C PHE B 509 29.06 -32.43 -1.12
N VAL B 510 29.56 -33.65 -0.91
CA VAL B 510 29.52 -34.66 -1.96
C VAL B 510 28.83 -35.91 -1.48
N TYR B 511 28.28 -36.68 -2.41
CA TYR B 511 27.78 -38.02 -2.09
C TYR B 511 28.84 -39.04 -2.45
N ARG B 512 29.19 -39.91 -1.51
CA ARG B 512 30.12 -41.00 -1.79
C ARG B 512 29.39 -42.33 -1.84
N LEU B 513 29.30 -42.92 -3.02
CA LEU B 513 28.60 -44.18 -3.20
C LEU B 513 29.51 -45.28 -3.75
N ARG B 514 29.51 -46.42 -3.07
CA ARG B 514 30.28 -47.56 -3.54
C ARG B 514 29.30 -48.62 -4.04
N ILE B 515 29.34 -48.90 -5.34
CA ILE B 515 28.35 -49.78 -5.95
C ILE B 515 28.97 -50.95 -6.71
N ASN B 516 28.62 -52.15 -6.29
CA ASN B 516 29.12 -53.36 -6.94
C ASN B 516 28.10 -53.97 -7.90
N SER B 517 28.52 -54.20 -9.14
CA SER B 517 27.65 -54.82 -10.13
C SER B 517 28.23 -56.14 -10.60
N THR B 518 27.49 -57.22 -10.35
CA THR B 518 27.94 -58.55 -10.74
C THR B 518 27.42 -58.91 -12.13
N ALA B 519 26.83 -57.93 -12.80
CA ALA B 519 26.40 -58.11 -14.19
C ALA B 519 27.62 -58.08 -15.10
N ARG B 520 27.51 -58.75 -16.24
CA ARG B 520 28.64 -58.84 -17.18
C ARG B 520 28.78 -57.59 -18.03
N SER B 521 27.68 -56.88 -18.25
CA SER B 521 27.72 -55.66 -19.07
C SER B 521 27.24 -54.43 -18.29
N ASN B 522 27.58 -53.30 -18.91
CA ASN B 522 27.40 -52.02 -18.22
C ASN B 522 25.93 -51.66 -18.11
N ARG B 523 25.56 -51.02 -17.00
CA ARG B 523 24.17 -50.62 -16.79
C ARG B 523 24.05 -49.12 -16.62
N GLN B 524 23.24 -48.51 -17.48
CA GLN B 524 22.93 -47.09 -17.38
C GLN B 524 21.88 -46.85 -16.30
N ASP B 525 22.13 -47.40 -15.13
CA ASP B 525 21.17 -47.34 -14.03
C ASP B 525 21.03 -45.93 -13.48
N THR B 526 19.95 -45.71 -12.73
CA THR B 526 19.68 -44.41 -12.14
C THR B 526 19.85 -44.45 -10.64
N VAL B 527 20.55 -43.49 -10.10
CA VAL B 527 20.65 -43.33 -8.66
C VAL B 527 19.68 -42.28 -8.16
N ARG B 528 18.81 -42.68 -7.24
CA ARG B 528 17.80 -41.78 -6.69
C ARG B 528 18.07 -41.47 -5.22
N ILE B 529 18.22 -40.20 -4.90
CA ILE B 529 18.53 -39.79 -3.53
C ILE B 529 17.40 -38.98 -2.89
N PHE B 530 16.95 -39.44 -1.72
CA PHE B 530 15.88 -38.77 -0.98
C PHE B 530 16.30 -38.46 0.45
N LEU B 531 15.63 -37.49 1.06
CA LEU B 531 15.84 -37.16 2.47
C LEU B 531 14.54 -37.33 3.23
N LEU B 532 14.57 -38.12 4.31
CA LEU B 532 13.37 -38.38 5.09
C LEU B 532 13.53 -37.92 6.55
N PRO B 533 12.53 -37.18 7.04
CA PRO B 533 12.52 -36.67 8.42
C PRO B 533 12.19 -37.75 9.44
N ARG B 534 12.56 -37.52 10.71
CA ARG B 534 12.32 -38.51 11.74
C ARG B 534 11.32 -38.05 12.80
N GLN B 535 11.32 -36.75 13.12
CA GLN B 535 10.53 -36.25 14.23
C GLN B 535 9.65 -35.06 13.85
N ASN B 536 8.61 -34.84 14.63
CA ASN B 536 7.77 -33.65 14.50
C ASN B 536 8.30 -32.51 15.36
N GLU B 537 7.43 -31.56 15.71
CA GLU B 537 7.85 -30.40 16.49
C GLU B 537 8.00 -30.75 17.97
N GLN B 538 7.27 -31.78 18.41
CA GLN B 538 7.38 -32.24 19.79
C GLN B 538 8.69 -33.01 19.98
N GLY B 539 9.27 -33.45 18.88
CA GLY B 539 10.50 -34.23 18.92
C GLY B 539 10.17 -35.72 18.87
N ARG B 540 8.90 -36.01 18.81
CA ARG B 540 8.43 -37.37 18.67
C ARG B 540 8.51 -37.96 17.29
N PRO B 541 8.81 -39.23 17.21
CA PRO B 541 9.00 -39.86 15.91
C PRO B 541 7.73 -39.92 15.07
N LEU B 542 7.88 -39.67 13.78
CA LEU B 542 6.75 -39.70 12.85
C LEU B 542 6.42 -41.15 12.48
N SER B 543 5.14 -41.42 12.23
CA SER B 543 4.75 -42.72 11.70
C SER B 543 5.42 -42.89 10.35
N PHE B 544 5.59 -44.14 9.92
CA PHE B 544 6.28 -44.41 8.67
C PHE B 544 5.62 -43.71 7.49
N GLU B 545 4.29 -43.73 7.47
CA GLU B 545 3.57 -43.15 6.36
C GLU B 545 3.84 -41.63 6.31
N ASP B 546 3.93 -40.99 7.48
CA ASP B 546 4.27 -39.57 7.54
C ASP B 546 5.68 -39.28 7.02
N ARG B 547 6.63 -40.16 7.37
CA ARG B 547 8.00 -40.01 6.89
C ARG B 547 8.07 -40.18 5.38
N ARG B 548 7.29 -41.13 4.86
CA ARG B 548 7.24 -41.41 3.44
C ARG B 548 6.68 -40.24 2.63
N LEU B 549 5.56 -39.69 3.11
CA LEU B 549 4.91 -38.58 2.44
C LEU B 549 5.76 -37.31 2.48
N LEU B 550 6.71 -37.27 3.40
CA LEU B 550 7.57 -36.11 3.57
C LEU B 550 8.93 -36.33 2.93
N ALA B 551 9.07 -37.43 2.20
CA ALA B 551 10.30 -37.70 1.47
C ALA B 551 10.53 -36.65 0.39
N ILE B 552 11.67 -35.95 0.47
CA ILE B 552 11.98 -34.93 -0.53
C ILE B 552 13.17 -35.37 -1.40
N GLU B 553 13.00 -35.23 -2.71
CA GLU B 553 14.04 -35.57 -3.66
C GLU B 553 15.22 -34.60 -3.55
N LEU B 554 16.43 -35.15 -3.45
CA LEU B 554 17.63 -34.34 -3.38
C LEU B 554 18.42 -34.41 -4.69
N ASP B 555 18.26 -35.53 -5.40
CA ASP B 555 19.01 -35.76 -6.63
C ASP B 555 18.54 -37.03 -7.34
N SER B 556 18.57 -37.00 -8.67
CA SER B 556 18.35 -38.18 -9.49
C SER B 556 19.24 -38.11 -10.73
N PHE B 557 20.03 -39.15 -10.96
CA PHE B 557 20.99 -39.14 -12.05
C PHE B 557 21.37 -40.54 -12.52
N ARG B 558 21.75 -40.66 -13.78
CA ARG B 558 22.17 -41.94 -14.34
C ARG B 558 23.66 -42.14 -14.14
N VAL B 559 24.04 -43.40 -13.91
CA VAL B 559 25.44 -43.75 -13.74
C VAL B 559 25.79 -44.99 -14.55
N ASN B 560 26.97 -45.00 -15.15
CA ASN B 560 27.41 -46.16 -15.90
C ASN B 560 28.26 -47.08 -15.01
N LEU B 561 27.56 -48.01 -14.35
CA LEU B 561 28.17 -48.99 -13.46
C LEU B 561 28.91 -50.07 -14.25
N ARG B 562 30.23 -50.08 -14.32
CA ARG B 562 31.01 -51.17 -14.90
C ARG B 562 30.91 -52.36 -13.97
N PRO B 563 31.02 -53.59 -14.51
CA PRO B 563 31.01 -54.78 -13.64
C PRO B 563 32.13 -54.71 -12.60
N GLY B 564 31.86 -55.24 -11.41
CA GLY B 564 32.81 -55.11 -10.31
C GLY B 564 32.48 -53.90 -9.47
N MET B 565 33.50 -53.30 -8.88
CA MET B 565 33.31 -52.21 -7.93
C MET B 565 33.30 -50.83 -8.59
N ASN B 566 32.28 -50.01 -8.22
CA ASN B 566 32.28 -48.62 -8.66
C ASN B 566 32.31 -47.66 -7.48
N ASN B 567 33.20 -46.68 -7.53
CA ASN B 567 33.20 -45.62 -6.54
C ASN B 567 32.64 -44.34 -7.15
N ILE B 568 31.43 -43.99 -6.75
CA ILE B 568 30.75 -42.85 -7.34
C ILE B 568 30.73 -41.67 -6.38
N VAL B 569 31.17 -40.52 -6.86
CA VAL B 569 31.12 -39.28 -6.09
C VAL B 569 30.26 -38.25 -6.81
N ARG B 570 29.24 -37.75 -6.11
CA ARG B 570 28.29 -36.82 -6.70
C ARG B 570 28.31 -35.47 -6.00
N GLN B 571 28.61 -34.43 -6.77
CA GLN B 571 28.64 -33.06 -6.25
C GLN B 571 27.22 -32.58 -5.95
N SER B 572 27.03 -31.98 -4.77
CA SER B 572 25.74 -31.41 -4.41
C SER B 572 25.33 -30.30 -5.38
N SER B 573 26.32 -29.62 -5.95
CA SER B 573 26.07 -28.54 -6.90
C SER B 573 25.47 -29.06 -8.21
N ASN B 574 25.59 -30.36 -8.46
CA ASN B 574 25.07 -30.92 -9.69
C ASN B 574 23.68 -31.53 -9.51
N SER B 575 22.96 -31.03 -8.51
CA SER B 575 21.63 -31.55 -8.20
C SER B 575 20.66 -31.33 -9.35
N SER B 576 19.97 -32.39 -9.75
CA SER B 576 18.97 -32.30 -10.80
C SER B 576 17.71 -31.59 -10.30
N VAL B 577 17.71 -31.28 -9.00
CA VAL B 577 16.59 -30.59 -8.39
C VAL B 577 16.78 -29.07 -8.42
N THR B 578 18.03 -28.62 -8.31
CA THR B 578 18.31 -27.19 -8.16
C THR B 578 18.99 -26.55 -9.37
N ILE B 579 19.11 -25.23 -9.32
CA ILE B 579 19.84 -24.44 -10.33
C ILE B 579 20.78 -23.44 -9.67
N PRO B 580 21.90 -23.11 -10.35
CA PRO B 580 22.88 -22.17 -9.78
C PRO B 580 22.29 -20.80 -9.48
N PHE B 581 22.94 -20.07 -8.57
CA PHE B 581 22.54 -18.72 -8.16
C PHE B 581 22.37 -17.79 -9.36
N GLU B 582 23.27 -17.94 -10.32
CA GLU B 582 23.28 -17.10 -11.52
C GLU B 582 22.10 -17.39 -12.44
N ARG B 583 21.60 -18.61 -12.40
CA ARG B 583 20.43 -18.98 -13.19
C ARG B 583 19.18 -18.32 -12.62
N THR B 584 19.19 -18.10 -11.32
CA THR B 584 18.05 -17.52 -10.62
C THR B 584 18.05 -15.99 -10.67
N PHE B 585 19.20 -15.39 -10.35
CA PHE B 585 19.28 -13.94 -10.17
C PHE B 585 20.01 -13.19 -11.28
N GLY B 586 20.44 -13.91 -12.30
CA GLY B 586 21.28 -13.33 -13.34
C GLY B 586 20.53 -12.59 -14.43
N ASN B 587 21.30 -11.98 -15.33
CA ASN B 587 20.74 -11.26 -16.48
C ASN B 587 21.51 -11.54 -17.75
N GLN B 597 19.80 -18.66 -22.89
CA GLN B 597 19.15 -18.47 -21.59
C GLN B 597 17.66 -18.18 -21.72
N SER B 598 16.89 -19.20 -22.10
CA SER B 598 15.43 -19.11 -22.12
C SER B 598 14.89 -19.09 -20.71
N ARG B 599 13.57 -19.02 -20.55
CA ARG B 599 13.02 -18.88 -19.22
C ARG B 599 12.86 -20.26 -18.56
N PHE B 600 13.11 -21.30 -19.34
CA PHE B 600 13.17 -22.65 -18.80
C PHE B 600 14.34 -22.74 -17.82
N CYS B 601 15.40 -21.99 -18.12
CA CYS B 601 16.57 -21.91 -17.26
C CYS B 601 16.20 -21.26 -15.94
N GLY B 602 15.19 -20.39 -15.99
CA GLY B 602 14.66 -19.73 -14.81
C GLY B 602 13.88 -20.69 -13.94
N CYS B 603 13.41 -21.77 -14.55
CA CYS B 603 12.70 -22.81 -13.81
C CYS B 603 13.69 -23.71 -13.11
N GLY B 604 13.40 -23.99 -11.84
CA GLY B 604 14.26 -24.84 -11.03
C GLY B 604 14.45 -24.32 -9.63
N TRP B 605 14.56 -25.27 -8.70
CA TRP B 605 14.67 -24.98 -7.27
C TRP B 605 15.98 -24.25 -7.00
N PRO B 606 15.95 -23.21 -6.16
CA PRO B 606 17.19 -22.50 -5.87
C PRO B 606 18.22 -23.41 -5.21
N ALA B 607 19.47 -23.33 -5.66
CA ALA B 607 20.56 -24.13 -5.13
C ALA B 607 20.70 -23.95 -3.62
N HIS B 608 20.58 -22.70 -3.17
CA HIS B 608 20.76 -22.40 -1.75
C HIS B 608 19.62 -22.92 -0.89
N MET B 609 18.59 -23.47 -1.53
CA MET B 609 17.47 -24.08 -0.80
C MET B 609 17.46 -25.60 -0.98
N LEU B 610 18.62 -26.18 -1.28
CA LEU B 610 18.71 -27.62 -1.48
C LEU B 610 18.37 -28.40 -0.23
N LEU B 611 18.86 -27.95 0.92
CA LEU B 611 18.58 -28.62 2.18
C LEU B 611 17.61 -27.81 3.02
N PRO B 612 16.84 -28.49 3.90
CA PRO B 612 16.03 -27.75 4.87
C PRO B 612 16.91 -26.88 5.75
N LYS B 613 16.33 -25.86 6.36
CA LYS B 613 17.10 -25.00 7.25
C LYS B 613 17.55 -25.79 8.47
N GLY B 614 16.60 -26.40 9.17
CA GLY B 614 16.89 -27.11 10.40
C GLY B 614 16.96 -26.14 11.56
N ASN B 615 17.55 -26.58 12.68
CA ASN B 615 17.80 -25.68 13.80
C ASN B 615 19.23 -25.83 14.33
N ALA B 616 19.52 -25.14 15.42
CA ALA B 616 20.89 -25.11 15.96
C ALA B 616 21.17 -26.31 16.86
N ASN B 617 20.13 -27.03 17.26
CA ASN B 617 20.30 -28.23 18.08
C ASN B 617 20.68 -29.41 17.20
N GLY B 618 20.30 -29.34 15.93
CA GLY B 618 20.58 -30.42 15.01
C GLY B 618 19.33 -31.24 14.76
N VAL B 619 19.05 -31.54 13.50
CA VAL B 619 17.93 -32.39 13.14
C VAL B 619 18.45 -33.63 12.41
N GLU B 620 18.09 -34.81 12.88
CA GLU B 620 18.55 -36.04 12.27
C GLU B 620 17.63 -36.51 11.15
N PHE B 621 18.20 -36.72 9.96
CA PHE B 621 17.43 -37.22 8.82
C PHE B 621 17.89 -38.61 8.40
N ASP B 622 17.04 -39.29 7.65
CA ASP B 622 17.42 -40.53 6.99
C ASP B 622 17.75 -40.23 5.54
N LEU B 623 19.03 -40.16 5.21
CA LEU B 623 19.44 -40.00 3.82
C LEU B 623 19.22 -41.32 3.10
N PHE B 624 18.42 -41.30 2.04
CA PHE B 624 18.09 -42.51 1.30
C PHE B 624 18.66 -42.48 -0.11
N ALA B 625 19.29 -43.57 -0.50
CA ALA B 625 19.81 -43.71 -1.86
C ALA B 625 19.35 -45.02 -2.48
N MET B 626 19.05 -44.98 -3.77
CA MET B 626 18.54 -46.17 -4.47
C MET B 626 19.13 -46.27 -5.87
N VAL B 627 19.47 -47.49 -6.28
CA VAL B 627 19.94 -47.73 -7.65
C VAL B 627 18.90 -48.54 -8.40
N SER B 628 18.08 -47.86 -9.19
CA SER B 628 17.01 -48.51 -9.94
C SER B 628 17.49 -49.02 -11.31
N ARG B 629 16.66 -49.85 -11.95
CA ARG B 629 17.03 -50.49 -13.21
C ARG B 629 16.65 -49.63 -14.41
N PHE B 630 17.60 -49.43 -15.32
CA PHE B 630 17.36 -48.61 -16.51
C PHE B 630 16.24 -49.16 -17.40
N GLU B 631 15.96 -50.46 -17.27
CA GLU B 631 14.90 -51.09 -18.05
C GLU B 631 13.54 -50.49 -17.74
N ASP B 632 13.32 -50.19 -16.47
CA ASP B 632 12.07 -49.56 -16.03
C ASP B 632 12.15 -48.03 -16.01
N ASP B 633 13.36 -47.49 -16.10
CA ASP B 633 13.54 -46.05 -15.95
C ASP B 633 13.60 -45.21 -17.23
N ASN B 634 13.95 -45.81 -18.35
CA ASN B 634 14.19 -45.00 -19.55
C ASN B 634 12.93 -44.74 -20.39
N ALA B 635 12.81 -43.51 -20.89
CA ALA B 635 11.80 -43.16 -21.88
C ALA B 635 12.48 -42.64 -23.16
N ASN B 636 13.66 -43.15 -23.42
CA ASN B 636 14.37 -42.82 -24.62
C ASN B 636 14.69 -41.37 -24.90
N VAL B 637 15.15 -40.65 -23.88
CA VAL B 637 15.55 -39.25 -23.98
C VAL B 637 17.04 -39.15 -23.78
N ASN B 638 17.76 -38.36 -24.59
CA ASN B 638 19.18 -38.16 -24.33
C ASN B 638 19.48 -36.71 -23.94
N TYR B 639 20.07 -36.55 -22.76
CA TYR B 639 20.40 -35.23 -22.26
C TYR B 639 21.71 -35.26 -21.50
N ASP B 640 22.46 -34.16 -21.57
CA ASP B 640 23.65 -33.97 -20.75
C ASP B 640 23.31 -33.00 -19.63
N GLU B 641 23.26 -33.52 -18.40
CA GLU B 641 22.87 -32.70 -17.25
C GLU B 641 23.83 -31.54 -17.04
N ASN B 642 25.09 -31.72 -17.45
CA ASN B 642 26.10 -30.69 -17.31
C ASN B 642 26.22 -29.85 -18.58
N ALA B 643 25.16 -29.84 -19.38
CA ALA B 643 25.13 -29.04 -20.60
C ALA B 643 23.79 -28.31 -20.77
N GLY B 644 23.85 -27.12 -21.37
CA GLY B 644 22.68 -26.31 -21.62
C GLY B 644 21.91 -25.92 -20.36
N CYS B 645 20.68 -26.41 -20.25
CA CYS B 645 19.85 -26.11 -19.09
C CYS B 645 19.21 -27.36 -18.48
N ASP B 646 19.78 -28.52 -18.74
CA ASP B 646 19.17 -29.79 -18.32
C ASP B 646 19.64 -30.27 -16.95
N ASP B 647 19.71 -29.39 -16.01
CA ASP B 647 20.14 -29.75 -14.66
C ASP B 647 19.08 -29.41 -13.62
N SER B 648 17.83 -29.28 -14.07
CA SER B 648 16.73 -28.94 -13.17
C SER B 648 15.52 -29.79 -13.53
N TYR B 649 15.81 -31.02 -13.93
CA TYR B 649 14.81 -31.98 -14.35
C TYR B 649 13.74 -32.33 -13.31
N ALA B 650 14.16 -32.44 -12.04
CA ALA B 650 13.27 -32.91 -10.97
C ALA B 650 11.91 -32.20 -10.93
N PHE B 651 11.92 -30.87 -10.98
CA PHE B 651 10.68 -30.10 -10.94
C PHE B 651 10.24 -29.62 -12.33
N CYS B 652 11.18 -29.46 -13.25
CA CYS B 652 10.90 -28.81 -14.52
C CYS B 652 10.90 -29.75 -15.71
N GLY B 653 11.44 -30.95 -15.53
CA GLY B 653 11.63 -31.87 -16.63
C GLY B 653 12.63 -31.32 -17.62
N LEU B 654 12.48 -31.68 -18.88
CA LEU B 654 13.40 -31.22 -19.92
C LEU B 654 12.66 -30.37 -20.94
N ARG B 655 13.35 -29.37 -21.46
CA ARG B 655 12.75 -28.45 -22.43
C ARG B 655 12.45 -29.14 -23.76
N ASP B 656 11.19 -29.06 -24.19
CA ASP B 656 10.74 -29.63 -25.46
C ASP B 656 11.01 -31.13 -25.57
N ARG B 657 11.07 -31.81 -24.41
CA ARG B 657 11.32 -33.24 -24.37
C ARG B 657 10.48 -33.91 -23.30
N VAL B 658 10.52 -35.24 -23.26
CA VAL B 658 9.76 -35.99 -22.27
C VAL B 658 10.54 -36.13 -20.97
N TYR B 659 9.81 -36.36 -19.89
CA TYR B 659 10.40 -36.59 -18.57
C TYR B 659 11.20 -37.89 -18.57
N PRO B 660 12.52 -37.79 -18.39
CA PRO B 660 13.44 -38.93 -18.57
C PRO B 660 13.31 -40.11 -17.57
N SER B 661 12.44 -40.03 -16.59
CA SER B 661 12.17 -41.21 -15.77
C SER B 661 10.74 -41.69 -16.02
N ARG B 662 10.62 -42.89 -16.55
CA ARG B 662 9.31 -43.48 -16.84
C ARG B 662 8.56 -43.74 -15.54
N ARG B 663 9.29 -43.84 -14.43
CA ARG B 663 8.66 -44.07 -13.14
C ARG B 663 7.80 -42.87 -12.74
N ALA B 664 6.82 -43.11 -11.89
CA ALA B 664 6.01 -42.04 -11.36
C ALA B 664 6.91 -41.09 -10.58
N MET B 665 6.65 -39.79 -10.70
CA MET B 665 7.45 -38.80 -10.00
C MET B 665 7.25 -38.97 -8.50
N GLY B 666 8.36 -39.14 -7.79
CA GLY B 666 8.33 -39.39 -6.36
C GLY B 666 8.77 -40.81 -6.06
N PHE B 667 8.95 -41.59 -7.11
CA PHE B 667 9.40 -42.99 -7.00
C PHE B 667 10.64 -43.11 -6.11
N PRO B 668 10.65 -44.08 -5.20
CA PRO B 668 9.59 -45.07 -4.95
C PRO B 668 8.65 -44.74 -3.80
N PHE B 669 8.52 -43.47 -3.46
CA PHE B 669 7.79 -43.09 -2.25
C PHE B 669 6.40 -42.52 -2.51
N ASP B 670 5.99 -42.47 -3.77
CA ASP B 670 4.68 -41.92 -4.09
C ASP B 670 3.55 -42.92 -3.79
N ARG B 671 3.93 -44.16 -3.50
CA ARG B 671 2.95 -45.19 -3.17
C ARG B 671 3.13 -45.70 -1.75
N ARG B 672 2.03 -46.16 -1.15
CA ARG B 672 2.06 -46.79 0.17
C ARG B 672 2.87 -48.08 0.13
N ALA B 673 3.58 -48.37 1.21
CA ALA B 673 4.42 -49.56 1.27
C ALA B 673 3.63 -50.81 1.62
N SER B 674 4.32 -51.94 1.66
CA SER B 674 3.72 -53.23 1.99
C SER B 674 3.24 -53.27 3.45
N ASN B 675 2.57 -54.37 3.81
CA ASN B 675 2.12 -54.55 5.18
C ASN B 675 3.24 -55.03 6.08
N GLY B 676 3.29 -54.48 7.29
CA GLY B 676 4.28 -54.86 8.27
C GLY B 676 5.52 -53.98 8.17
N VAL B 677 5.48 -53.01 7.26
CA VAL B 677 6.56 -52.04 7.13
C VAL B 677 6.29 -50.87 8.07
N ARG B 678 7.25 -50.57 8.94
CA ARG B 678 7.07 -49.54 9.95
C ARG B 678 8.27 -48.60 10.02
N SER B 679 9.36 -48.97 9.34
CA SER B 679 10.55 -48.14 9.34
C SER B 679 11.06 -47.92 7.92
N VAL B 680 12.00 -46.99 7.78
CA VAL B 680 12.70 -46.82 6.51
C VAL B 680 13.66 -47.98 6.35
N ALA B 681 14.04 -48.58 7.48
CA ALA B 681 14.86 -49.78 7.46
C ALA B 681 14.08 -50.96 6.91
N ASP B 682 12.82 -51.10 7.34
CA ASP B 682 11.95 -52.16 6.84
C ASP B 682 11.75 -52.06 5.33
N PHE B 683 11.51 -50.83 4.87
CA PHE B 683 11.27 -50.57 3.45
C PHE B 683 12.43 -51.00 2.56
N VAL B 684 13.65 -50.86 3.08
CA VAL B 684 14.84 -51.10 2.27
C VAL B 684 15.54 -52.41 2.63
N ALA B 685 15.06 -53.07 3.68
CA ALA B 685 15.63 -54.33 4.12
C ALA B 685 15.66 -55.40 3.03
N PRO B 686 14.55 -55.60 2.29
CA PRO B 686 14.61 -56.66 1.28
C PRO B 686 15.44 -56.31 0.05
N TYR B 687 15.87 -55.05 -0.07
CA TYR B 687 16.53 -54.60 -1.30
C TYR B 687 17.96 -54.12 -1.04
N LYS B 688 18.91 -54.77 -1.71
CA LYS B 688 20.33 -54.49 -1.50
C LYS B 688 20.79 -53.33 -2.39
N ASN B 689 19.92 -52.89 -3.28
CA ASN B 689 20.23 -51.74 -4.14
C ASN B 689 19.86 -50.43 -3.44
N MET B 690 19.40 -50.56 -2.21
CA MET B 690 19.03 -49.42 -1.38
C MET B 690 19.93 -49.36 -0.15
N ARG B 691 20.21 -48.15 0.33
CA ARG B 691 20.96 -47.99 1.57
C ARG B 691 20.59 -46.68 2.26
N LEU B 692 20.55 -46.69 3.59
CA LEU B 692 20.29 -45.49 4.37
C LEU B 692 21.56 -44.97 5.01
N ALA B 693 21.64 -43.66 5.18
CA ALA B 693 22.70 -43.05 5.95
C ALA B 693 22.11 -42.02 6.90
N THR B 694 22.47 -42.12 8.17
CA THR B 694 21.99 -41.16 9.15
C THR B 694 22.81 -39.88 9.05
N VAL B 695 22.14 -38.78 8.73
CA VAL B 695 22.81 -37.50 8.58
C VAL B 695 22.22 -36.46 9.53
N THR B 696 23.08 -35.59 10.04
CA THR B 696 22.65 -34.55 10.96
C THR B 696 22.66 -33.18 10.29
N LEU B 697 21.53 -32.49 10.39
CA LEU B 697 21.42 -31.14 9.83
C LEU B 697 21.39 -30.12 10.96
N ARG B 698 22.37 -29.22 10.96
CA ARG B 698 22.48 -28.20 12.00
C ARG B 698 22.63 -26.82 11.40
N PHE B 699 21.85 -25.88 11.91
CA PHE B 699 21.87 -24.51 11.43
C PHE B 699 22.79 -23.64 12.27
N MET B 700 23.63 -22.86 11.60
CA MET B 700 24.51 -21.92 12.30
C MET B 700 24.00 -20.49 12.12
N ASN B 701 23.52 -19.91 13.21
CA ASN B 701 22.95 -18.56 13.19
C ASN B 701 24.01 -17.48 12.95
N THR B 702 24.52 -17.44 11.73
CA THR B 702 25.49 -16.42 11.35
C THR B 702 25.36 -16.08 9.87
N ILE B 703 25.68 -14.83 9.53
CA ILE B 703 25.55 -14.37 8.15
C ILE B 703 26.90 -14.35 7.45
N ILE B 704 26.97 -15.05 6.31
CA ILE B 704 28.18 -15.12 5.50
C ILE B 704 27.95 -14.41 4.17
N ASP B 705 28.86 -13.53 3.80
CA ASP B 705 28.72 -12.78 2.55
C ASP B 705 29.10 -13.64 1.36
N ARG B 706 28.54 -13.32 0.20
CA ARG B 706 28.78 -14.11 -1.01
C ARG B 706 30.11 -13.75 -1.65
#